data_4Q8D
# 
_entry.id   4Q8D 
# 
_audit_conform.dict_name       mmcif_pdbx.dic 
_audit_conform.dict_version    5.381 
_audit_conform.dict_location   http://mmcif.pdb.org/dictionaries/ascii/mmcif_pdbx.dic 
# 
loop_
_database_2.database_id 
_database_2.database_code 
_database_2.pdbx_database_accession 
_database_2.pdbx_DOI 
PDB   4Q8D         pdb_00004q8d 10.2210/pdb4q8d/pdb 
RCSB  RCSB085732   ?            ?                   
WWPDB D_1000085732 ?            ?                   
# 
_pdbx_database_status.entry_id                        4Q8D 
_pdbx_database_status.deposit_site                    RCSB 
_pdbx_database_status.process_site                    RCSB 
_pdbx_database_status.recvd_initial_deposition_date   2014-04-26 
_pdbx_database_status.status_code                     REL 
_pdbx_database_status.status_code_sf                  REL 
_pdbx_database_status.status_code_mr                  ? 
_pdbx_database_status.SG_entry                        ? 
_pdbx_database_status.status_code_cs                  ? 
_pdbx_database_status.methods_development_category    ? 
_pdbx_database_status.pdb_format_compatible           Y 
_pdbx_database_status.status_code_nmr_data            ? 
# 
loop_
_audit_author.name 
_audit_author.pdbx_ordinal 
'Pham, J.D.'    1 
'Spencer, R.K.' 2 
'Chen, K.H.'    3 
'Nowick, J.S.'  4 
# 
_citation.id                        primary 
_citation.title                     'A Fibril-Like Assembly of Oligomers of a Peptide Derived from beta-Amyloid.' 
_citation.journal_abbrev            J.Am.Chem.Soc. 
_citation.journal_volume            136 
_citation.page_first                12682 
_citation.page_last                 12690 
_citation.year                      2014 
_citation.journal_id_ASTM           JACSAT 
_citation.country                   US 
_citation.journal_id_ISSN           0002-7863 
_citation.journal_id_CSD            0004 
_citation.book_publisher            ? 
_citation.pdbx_database_id_PubMed   25068693 
_citation.pdbx_database_id_DOI      10.1021/ja505713y 
# 
loop_
_citation_author.citation_id 
_citation_author.name 
_citation_author.ordinal 
_citation_author.identifier_ORCID 
primary 'Pham, J.D.'    1 ? 
primary 'Spencer, R.K.' 2 ? 
primary 'Chen, K.H.'    3 ? 
primary 'Nowick, J.S.'  4 ? 
# 
_cell.entry_id           4Q8D 
_cell.length_a           32.174 
_cell.length_b           62.852 
_cell.length_c           20.094 
_cell.angle_alpha        90.00 
_cell.angle_beta         89.98 
_cell.angle_gamma        90.00 
_cell.Z_PDB              8 
_cell.pdbx_unique_axis   ? 
_cell.length_a_esd       ? 
_cell.length_b_esd       ? 
_cell.length_c_esd       ? 
_cell.angle_alpha_esd    ? 
_cell.angle_beta_esd     ? 
_cell.angle_gamma_esd    ? 
# 
_symmetry.entry_id                         4Q8D 
_symmetry.space_group_name_H-M             'C 1 2 1' 
_symmetry.pdbx_full_space_group_name_H-M   ? 
_symmetry.cell_setting                     ? 
_symmetry.Int_Tables_number                5 
_symmetry.space_group_name_Hall            ? 
# 
loop_
_entity.id 
_entity.type 
_entity.src_method 
_entity.pdbx_description 
_entity.formula_weight 
_entity.pdbx_number_of_molecules 
_entity.pdbx_ec 
_entity.pdbx_mutation 
_entity.pdbx_fragment 
_entity.details 
1 polymer     syn 'macrocyclic beta-sheet peptide incorporating residues amyloid beta 15-23' 2400.423 2  ? ? ? ? 
2 non-polymer syn '(4S)-2-METHYL-2,4-PENTANEDIOL'                                            118.174  2  ? ? ? ? 
3 water       nat water                                                                      18.015   43 ? ? ? ? 
# 
_entity_poly.entity_id                      1 
_entity_poly.type                           'polypeptide(L)' 
_entity_poly.nstd_linkage                   no 
_entity_poly.nstd_monomer                   yes 
_entity_poly.pdbx_seq_one_letter_code       '(ORN)QKLVF(PHI)AED(ORN)QKLV(HAO)ED' 
_entity_poly.pdbx_seq_one_letter_code_can   AQKLVFFAEDAQKLVXED 
_entity_poly.pdbx_strand_id                 A,B 
_entity_poly.pdbx_target_identifier         ? 
# 
loop_
_entity_poly_seq.entity_id 
_entity_poly_seq.num 
_entity_poly_seq.mon_id 
_entity_poly_seq.hetero 
1 1  ORN n 
1 2  GLN n 
1 3  LYS n 
1 4  LEU n 
1 5  VAL n 
1 6  PHE n 
1 7  PHI n 
1 8  ALA n 
1 9  GLU n 
1 10 ASP n 
1 11 ORN n 
1 12 GLN n 
1 13 LYS n 
1 14 LEU n 
1 15 VAL n 
1 16 HAO n 
1 17 GLU n 
1 18 ASP n 
# 
_pdbx_entity_src_syn.entity_id              1 
_pdbx_entity_src_syn.pdbx_src_id            1 
_pdbx_entity_src_syn.pdbx_alt_source_flag   sample 
_pdbx_entity_src_syn.pdbx_beg_seq_num       ? 
_pdbx_entity_src_syn.pdbx_end_seq_num       ? 
_pdbx_entity_src_syn.organism_scientific    ? 
_pdbx_entity_src_syn.organism_common_name   ? 
_pdbx_entity_src_syn.ncbi_taxonomy_id       ? 
_pdbx_entity_src_syn.details                'synthetic construct' 
# 
_struct_ref.id                         1 
_struct_ref.db_name                    PDB 
_struct_ref.db_code                    4Q8D 
_struct_ref.pdbx_db_accession          4Q8D 
_struct_ref.entity_id                  1 
_struct_ref.pdbx_align_begin           ? 
_struct_ref.pdbx_seq_one_letter_code   QKLVFXAEDXQKLVXEDX 
_struct_ref.pdbx_db_isoform            ? 
# 
loop_
_struct_ref_seq.align_id 
_struct_ref_seq.ref_id 
_struct_ref_seq.pdbx_PDB_id_code 
_struct_ref_seq.pdbx_strand_id 
_struct_ref_seq.seq_align_beg 
_struct_ref_seq.pdbx_seq_align_beg_ins_code 
_struct_ref_seq.seq_align_end 
_struct_ref_seq.pdbx_seq_align_end_ins_code 
_struct_ref_seq.pdbx_db_accession 
_struct_ref_seq.db_align_beg 
_struct_ref_seq.pdbx_db_align_beg_ins_code 
_struct_ref_seq.db_align_end 
_struct_ref_seq.pdbx_db_align_end_ins_code 
_struct_ref_seq.pdbx_auth_seq_align_beg 
_struct_ref_seq.pdbx_auth_seq_align_end 
1 1 4Q8D A 1 ? 18 ? 4Q8D 1 ? 18 ? 1 18 
2 1 4Q8D B 1 ? 18 ? 4Q8D 1 ? 18 ? 1 18 
# 
loop_
_chem_comp.id 
_chem_comp.type 
_chem_comp.mon_nstd_flag 
_chem_comp.name 
_chem_comp.pdbx_synonyms 
_chem_comp.formula 
_chem_comp.formula_weight 
ALA 'L-peptide linking' y ALANINE                                                          ? 'C3 H7 N O2'     89.093  
ASP 'L-peptide linking' y 'ASPARTIC ACID'                                                  ? 'C4 H7 N O4'     133.103 
GLN 'L-peptide linking' y GLUTAMINE                                                        ? 'C5 H10 N2 O3'   146.144 
GLU 'L-peptide linking' y 'GLUTAMIC ACID'                                                  ? 'C5 H9 N O4'     147.129 
HAO peptide-like        . '{[3-(hydrazinocarbonyl)-4-methoxyphenyl]amino}(oxo)acetic acid' ? 'C10 H11 N3 O5'  253.211 
HOH non-polymer         . WATER                                                            ? 'H2 O'           18.015  
LEU 'L-peptide linking' y LEUCINE                                                          ? 'C6 H13 N O2'    131.173 
LYS 'L-peptide linking' y LYSINE                                                           ? 'C6 H15 N2 O2 1' 147.195 
MPD non-polymer         . '(4S)-2-METHYL-2,4-PENTANEDIOL'                                  ? 'C6 H14 O2'      118.174 
ORN 'L-peptide linking' n L-ornithine                                                      ? 'C5 H12 N2 O2'   132.161 
PHE 'L-peptide linking' y PHENYLALANINE                                                    ? 'C9 H11 N O2'    165.189 
PHI 'L-peptide linking' n IODO-PHENYLALANINE                                               ? 'C9 H10 I N O2'  291.086 
VAL 'L-peptide linking' y VALINE                                                           ? 'C5 H11 N O2'    117.146 
# 
_exptl.crystals_number   1 
_exptl.entry_id          4Q8D 
_exptl.method            'X-RAY DIFFRACTION' 
# 
_exptl_crystal.id                    1 
_exptl_crystal.density_Matthews      2.10 
_exptl_crystal.density_meas          ? 
_exptl_crystal.density_percent_sol   41.53 
_exptl_crystal.description           ? 
_exptl_crystal.F_000                 ? 
_exptl_crystal.preparation           ? 
# 
_exptl_crystal_grow.crystal_id      1 
_exptl_crystal_grow.method          'VAPOR DIFFUSION, HANGING DROP' 
_exptl_crystal_grow.pH              7.3 
_exptl_crystal_grow.temp            298 
_exptl_crystal_grow.temp_details    ? 
_exptl_crystal_grow.pdbx_details    
'0.1 M sodium citrate, 0.1 M ammonium acetate, 30% 2-methyl-2,4-pentanediol, pH 7.3, VAPOR DIFFUSION, HANGING DROP, temperature 298K' 
_exptl_crystal_grow.pdbx_pH_range   ? 
# 
_diffrn.id                     1 
_diffrn.ambient_temp           ? 
_diffrn.ambient_temp_details   ? 
_diffrn.crystal_id             1 
# 
_diffrn_detector.diffrn_id              1 
_diffrn_detector.detector               CCD 
_diffrn_detector.type                   'ADSC QUANTUM 315r' 
_diffrn_detector.pdbx_collection_date   ? 
_diffrn_detector.details                ? 
# 
_diffrn_radiation.diffrn_id                        1 
_diffrn_radiation.wavelength_id                    1 
_diffrn_radiation.pdbx_diffrn_protocol             'SINGLE WAVELENGTH' 
_diffrn_radiation.monochromator                    ? 
_diffrn_radiation.pdbx_monochromatic_or_laue_m_l   M 
_diffrn_radiation.pdbx_scattering_type             x-ray 
# 
_diffrn_radiation_wavelength.id           1 
_diffrn_radiation_wavelength.wavelength   1.00 
_diffrn_radiation_wavelength.wt           1.0 
# 
_diffrn_source.diffrn_id                   1 
_diffrn_source.source                      SYNCHROTRON 
_diffrn_source.type                        'SSRL BEAMLINE BL7-1' 
_diffrn_source.pdbx_wavelength             ? 
_diffrn_source.pdbx_wavelength_list        1.00 
_diffrn_source.pdbx_synchrotron_site       SSRL 
_diffrn_source.pdbx_synchrotron_beamline   BL7-1 
# 
_reflns.entry_id                     4Q8D 
_reflns.d_resolution_high            1.634 
_reflns.d_resolution_low             31.375 
_reflns.number_obs                   ? 
_reflns.pdbx_redundancy              6.300 
_reflns.percent_possible_obs         99.700 
_reflns.observed_criterion_sigma_F   ? 
_reflns.observed_criterion_sigma_I   ? 
_reflns.number_all                   ? 
_reflns.pdbx_Rmerge_I_obs            0.059 
_reflns.pdbx_Rsym_value              ? 
_reflns.pdbx_netI_over_sigmaI        ? 
_reflns.B_iso_Wilson_estimate        ? 
_reflns.R_free_details               ? 
_reflns.limit_h_max                  ? 
_reflns.limit_h_min                  ? 
_reflns.limit_k_max                  ? 
_reflns.limit_k_min                  ? 
_reflns.limit_l_max                  ? 
_reflns.limit_l_min                  ? 
_reflns.observed_criterion_F_max     ? 
_reflns.observed_criterion_F_min     ? 
_reflns.pdbx_chi_squared             ? 
_reflns.pdbx_scaling_rejects         ? 
_reflns.pdbx_ordinal                 1 
_reflns.pdbx_diffrn_id               1 
# 
_reflns_shell.d_res_high             1.63 
_reflns_shell.d_res_low              1.70 
_reflns_shell.percent_possible_obs   ? 
_reflns_shell.percent_possible_all   100 
_reflns_shell.Rmerge_I_obs           0.138 
_reflns_shell.meanI_over_sigI_obs    9.9 
_reflns_shell.pdbx_Rsym_value        ? 
_reflns_shell.pdbx_redundancy        6.4 
_reflns_shell.number_unique_all      305 
_reflns_shell.number_measured_all    ? 
_reflns_shell.number_measured_obs    ? 
_reflns_shell.number_unique_obs      ? 
_reflns_shell.pdbx_chi_squared       ? 
_reflns_shell.pdbx_ordinal           1 
_reflns_shell.pdbx_diffrn_id         1 
# 
_refine.pdbx_refine_id                           'X-RAY DIFFRACTION' 
_refine.entry_id                                 4Q8D 
_refine.pdbx_diffrn_id                           1 
_refine.pdbx_TLS_residual_ADP_flag               ? 
_refine.ls_number_reflns_obs                     7802 
_refine.ls_number_reflns_all                     ? 
_refine.pdbx_ls_sigma_I                          ? 
_refine.pdbx_ls_sigma_F                          1.36 
_refine.pdbx_data_cutoff_high_absF               ? 
_refine.pdbx_data_cutoff_low_absF                ? 
_refine.pdbx_data_cutoff_high_rms_absF           ? 
_refine.ls_d_res_low                             17.557 
_refine.ls_d_res_high                            1.746 
_refine.ls_percent_reflns_obs                    97.29 
_refine.ls_R_factor_obs                          0.1862 
_refine.ls_R_factor_all                          ? 
_refine.ls_R_factor_R_work                       0.1794 
_refine.ls_R_factor_R_free                       0.2197 
_refine.ls_R_factor_R_free_error                 ? 
_refine.ls_R_factor_R_free_error_details         ? 
_refine.ls_percent_reflns_R_free                 10.41 
_refine.ls_number_reflns_R_free                  812 
_refine.ls_number_parameters                     ? 
_refine.ls_number_restraints                     ? 
_refine.occupancy_min                            ? 
_refine.occupancy_max                            ? 
_refine.correlation_coeff_Fo_to_Fc               ? 
_refine.correlation_coeff_Fo_to_Fc_free          ? 
_refine.B_iso_mean                               ? 
_refine.aniso_B[1][1]                            ? 
_refine.aniso_B[2][2]                            ? 
_refine.aniso_B[3][3]                            ? 
_refine.aniso_B[1][2]                            ? 
_refine.aniso_B[1][3]                            ? 
_refine.aniso_B[2][3]                            ? 
_refine.solvent_model_details                    'FLAT BULK SOLVENT MODEL' 
_refine.solvent_model_param_ksol                 ? 
_refine.solvent_model_param_bsol                 ? 
_refine.pdbx_solvent_vdw_probe_radii             1.11 
_refine.pdbx_solvent_ion_probe_radii             ? 
_refine.pdbx_solvent_shrinkage_radii             0.90 
_refine.pdbx_ls_cross_valid_method               ? 
_refine.details                                  ? 
_refine.pdbx_starting_model                      ? 
_refine.pdbx_method_to_determine_struct          SAD 
_refine.pdbx_isotropic_thermal_model             ? 
_refine.pdbx_stereochemistry_target_values       TWIN_LSQ_F 
_refine.pdbx_stereochem_target_val_spec_case     ? 
_refine.pdbx_R_Free_selection_details            ? 
_refine.pdbx_overall_ESU_R                       ? 
_refine.pdbx_overall_ESU_R_Free                  ? 
_refine.overall_SU_ML                            . 
_refine.pdbx_overall_phase_error                 26.68 
_refine.overall_SU_B                             ? 
_refine.overall_SU_R_Cruickshank_DPI             ? 
_refine.pdbx_overall_SU_R_free_Cruickshank_DPI   ? 
_refine.pdbx_overall_SU_R_Blow_DPI               ? 
_refine.pdbx_overall_SU_R_free_Blow_DPI          ? 
_refine.ls_redundancy_reflns_obs                 ? 
_refine.B_iso_min                                ? 
_refine.B_iso_max                                ? 
_refine.overall_SU_R_free                        ? 
_refine.ls_wR_factor_R_free                      ? 
_refine.ls_wR_factor_R_work                      ? 
_refine.overall_FOM_free_R_set                   ? 
_refine.overall_FOM_work_R_set                   ? 
# 
_refine_hist.pdbx_refine_id                   'X-RAY DIFFRACTION' 
_refine_hist.cycle_id                         LAST 
_refine_hist.pdbx_number_atoms_protein        322 
_refine_hist.pdbx_number_atoms_nucleic_acid   0 
_refine_hist.pdbx_number_atoms_ligand         16 
_refine_hist.number_atoms_solvent             43 
_refine_hist.number_atoms_total               381 
_refine_hist.d_res_high                       1.746 
_refine_hist.d_res_low                        17.557 
# 
loop_
_refine_ls_restr.type 
_refine_ls_restr.dev_ideal 
_refine_ls_restr.dev_ideal_target 
_refine_ls_restr.weight 
_refine_ls_restr.number 
_refine_ls_restr.pdbx_refine_id 
_refine_ls_restr.pdbx_restraint_function 
f_bond_d           0.009  ? ? 342 'X-RAY DIFFRACTION' ? 
f_angle_d          1.512  ? ? 456 'X-RAY DIFFRACTION' ? 
f_dihedral_angle_d 28.809 ? ? 170 'X-RAY DIFFRACTION' ? 
f_chiral_restr     0.046  ? ? 44  'X-RAY DIFFRACTION' ? 
f_plane_restr      0.007  ? ? 58  'X-RAY DIFFRACTION' ? 
# 
loop_
_refine_ls_shell.pdbx_refine_id 
_refine_ls_shell.pdbx_total_number_of_bins_used 
_refine_ls_shell.d_res_high 
_refine_ls_shell.d_res_low 
_refine_ls_shell.number_reflns_R_work 
_refine_ls_shell.R_factor_R_work 
_refine_ls_shell.percent_reflns_obs 
_refine_ls_shell.R_factor_R_free 
_refine_ls_shell.R_factor_R_free_error 
_refine_ls_shell.percent_reflns_R_free 
_refine_ls_shell.number_reflns_R_free 
_refine_ls_shell.number_reflns_all 
_refine_ls_shell.R_factor_all 
_refine_ls_shell.redundancy_reflns_obs 
_refine_ls_shell.number_reflns_obs 
'X-RAY DIFFRACTION' . 1.7489 1.8583  1194 0.2589 88.00 0.2368 . . 137 . . . . 
'X-RAY DIFFRACTION' . 1.8583 2.0016  1169 0.2218 88.00 0.2744 . . 138 . . . . 
'X-RAY DIFFRACTION' . 2.0016 2.2026  1152 0.2016 88.00 0.2431 . . 130 . . . . 
'X-RAY DIFFRACTION' . 2.2026 2.5204  1194 0.1978 88.00 0.2710 . . 135 . . . . 
'X-RAY DIFFRACTION' . 2.5204 3.1721  1135 0.1649 86.00 0.2132 . . 137 . . . . 
'X-RAY DIFFRACTION' . 3.1721 16.9299 1139 0.1403 87.00 0.1803 . . 123 . . . . 
# 
_struct.entry_id                  4Q8D 
_struct.title                     
'Crystal structure of a macrocyclic beta-sheet peptide containing two beta-strands from amyloid beta residues 15-23' 
_struct.pdbx_model_details        ? 
_struct.pdbx_CASP_flag            ? 
_struct.pdbx_model_type_details   ? 
# 
_struct_keywords.entry_id        4Q8D 
_struct_keywords.pdbx_keywords   'DE NOVO PROTEIN' 
_struct_keywords.text            'beta-sheet, synthetic peptide, artificial macrocycle, DE NOVO PROTEIN' 
# 
loop_
_struct_asym.id 
_struct_asym.pdbx_blank_PDB_chainid_flag 
_struct_asym.pdbx_modified 
_struct_asym.entity_id 
_struct_asym.details 
A N N 1 ? 
B N N 1 ? 
C N N 2 ? 
D N N 2 ? 
E N N 3 ? 
F N N 3 ? 
# 
_struct_biol.id        1 
_struct_biol.details   ? 
# 
loop_
_struct_conn.id 
_struct_conn.conn_type_id 
_struct_conn.pdbx_leaving_atom_flag 
_struct_conn.pdbx_PDB_id 
_struct_conn.ptnr1_label_asym_id 
_struct_conn.ptnr1_label_comp_id 
_struct_conn.ptnr1_label_seq_id 
_struct_conn.ptnr1_label_atom_id 
_struct_conn.pdbx_ptnr1_label_alt_id 
_struct_conn.pdbx_ptnr1_PDB_ins_code 
_struct_conn.pdbx_ptnr1_standard_comp_id 
_struct_conn.ptnr1_symmetry 
_struct_conn.ptnr2_label_asym_id 
_struct_conn.ptnr2_label_comp_id 
_struct_conn.ptnr2_label_seq_id 
_struct_conn.ptnr2_label_atom_id 
_struct_conn.pdbx_ptnr2_label_alt_id 
_struct_conn.pdbx_ptnr2_PDB_ins_code 
_struct_conn.ptnr1_auth_asym_id 
_struct_conn.ptnr1_auth_comp_id 
_struct_conn.ptnr1_auth_seq_id 
_struct_conn.ptnr2_auth_asym_id 
_struct_conn.ptnr2_auth_comp_id 
_struct_conn.ptnr2_auth_seq_id 
_struct_conn.ptnr2_symmetry 
_struct_conn.pdbx_ptnr3_label_atom_id 
_struct_conn.pdbx_ptnr3_label_seq_id 
_struct_conn.pdbx_ptnr3_label_comp_id 
_struct_conn.pdbx_ptnr3_label_asym_id 
_struct_conn.pdbx_ptnr3_label_alt_id 
_struct_conn.pdbx_ptnr3_PDB_ins_code 
_struct_conn.details 
_struct_conn.pdbx_dist_value 
_struct_conn.pdbx_value_order 
_struct_conn.pdbx_role 
covale1  covale both ? A ORN 1  C  ? ? ? 1_555 A GLN 2  N  ? ? A ORN 1  A GLN 2  1_555 ? ? ? ? ? ? ? 1.372 ? ? 
covale2  covale both ? A ORN 1  NE ? ? ? 1_555 A ASP 18 C  ? ? A ORN 1  A ASP 18 1_555 ? ? ? ? ? ? ? 1.374 ? ? 
covale3  covale both ? A PHE 6  C  ? ? ? 1_555 A PHI 7  N  ? ? A PHE 6  A PHI 7  1_555 ? ? ? ? ? ? ? 1.332 ? ? 
covale4  covale both ? A PHI 7  C  ? ? ? 1_555 A ALA 8  N  ? ? A PHI 7  A ALA 8  1_555 ? ? ? ? ? ? ? 1.327 ? ? 
covale5  covale both ? A ASP 10 C  ? ? ? 1_555 A ORN 11 NE ? ? A ASP 10 A ORN 11 1_555 ? ? ? ? ? ? ? 1.377 ? ? 
covale6  covale both ? A ORN 11 C  ? ? ? 1_555 A GLN 12 N  ? ? A ORN 11 A GLN 12 1_555 ? ? ? ? ? ? ? 1.367 ? ? 
covale7  covale both ? A VAL 15 C  ? ? ? 1_555 A HAO 16 N  ? ? A VAL 15 A HAO 16 1_555 ? ? ? ? ? ? ? 1.368 ? ? 
covale8  covale both ? A HAO 16 C  ? ? ? 1_555 A GLU 17 N  ? ? A HAO 16 A GLU 17 1_555 ? ? ? ? ? ? ? 1.365 ? ? 
covale9  covale both ? B ORN 1  C  ? ? ? 1_555 B GLN 2  N  ? ? B ORN 1  B GLN 2  1_555 ? ? ? ? ? ? ? 1.371 ? ? 
covale10 covale both ? B ORN 1  NE ? ? ? 1_555 B ASP 18 C  ? ? B ORN 1  B ASP 18 1_555 ? ? ? ? ? ? ? 1.373 ? ? 
covale11 covale both ? B PHE 6  C  ? ? ? 1_555 B PHI 7  N  ? ? B PHE 6  B PHI 7  1_555 ? ? ? ? ? ? ? 1.328 ? ? 
covale12 covale both ? B PHI 7  C  ? ? ? 1_555 B ALA 8  N  ? ? B PHI 7  B ALA 8  1_555 ? ? ? ? ? ? ? 1.321 ? ? 
covale13 covale both ? B ASP 10 C  ? ? ? 1_555 B ORN 11 NE ? ? B ASP 10 B ORN 11 1_555 ? ? ? ? ? ? ? 1.374 ? ? 
covale14 covale both ? B ORN 11 C  ? ? ? 1_555 B GLN 12 N  ? ? B ORN 11 B GLN 12 1_555 ? ? ? ? ? ? ? 1.370 ? ? 
covale15 covale both ? B VAL 15 C  ? ? ? 1_555 B HAO 16 N  ? ? B VAL 15 B HAO 16 1_555 ? ? ? ? ? ? ? 1.373 ? ? 
covale16 covale both ? B HAO 16 C  ? ? ? 1_555 B GLU 17 N  ? ? B HAO 16 B GLU 17 1_555 ? ? ? ? ? ? ? 1.367 ? ? 
# 
_struct_conn_type.id          covale 
_struct_conn_type.criteria    ? 
_struct_conn_type.reference   ? 
# 
_struct_sheet.id               A 
_struct_sheet.type             ? 
_struct_sheet.number_strands   4 
_struct_sheet.details          ? 
# 
loop_
_struct_sheet_order.sheet_id 
_struct_sheet_order.range_id_1 
_struct_sheet_order.range_id_2 
_struct_sheet_order.offset 
_struct_sheet_order.sense 
A 1 2 ? anti-parallel 
A 2 3 ? anti-parallel 
A 3 4 ? anti-parallel 
# 
loop_
_struct_sheet_range.sheet_id 
_struct_sheet_range.id 
_struct_sheet_range.beg_label_comp_id 
_struct_sheet_range.beg_label_asym_id 
_struct_sheet_range.beg_label_seq_id 
_struct_sheet_range.pdbx_beg_PDB_ins_code 
_struct_sheet_range.end_label_comp_id 
_struct_sheet_range.end_label_asym_id 
_struct_sheet_range.end_label_seq_id 
_struct_sheet_range.pdbx_end_PDB_ins_code 
_struct_sheet_range.beg_auth_comp_id 
_struct_sheet_range.beg_auth_asym_id 
_struct_sheet_range.beg_auth_seq_id 
_struct_sheet_range.end_auth_comp_id 
_struct_sheet_range.end_auth_asym_id 
_struct_sheet_range.end_auth_seq_id 
A 1 LYS A 13 ? LEU A 14 ? LYS A 13 LEU A 14 
A 2 LYS A 3  ? GLU A 9  ? LYS A 3  GLU A 9  
A 3 LYS B 3  ? GLU B 9  ? LYS B 3  GLU B 9  
A 4 LYS B 13 ? LEU B 14 ? LYS B 13 LEU B 14 
# 
loop_
_pdbx_struct_sheet_hbond.sheet_id 
_pdbx_struct_sheet_hbond.range_id_1 
_pdbx_struct_sheet_hbond.range_id_2 
_pdbx_struct_sheet_hbond.range_1_label_atom_id 
_pdbx_struct_sheet_hbond.range_1_label_comp_id 
_pdbx_struct_sheet_hbond.range_1_label_asym_id 
_pdbx_struct_sheet_hbond.range_1_label_seq_id 
_pdbx_struct_sheet_hbond.range_1_PDB_ins_code 
_pdbx_struct_sheet_hbond.range_1_auth_atom_id 
_pdbx_struct_sheet_hbond.range_1_auth_comp_id 
_pdbx_struct_sheet_hbond.range_1_auth_asym_id 
_pdbx_struct_sheet_hbond.range_1_auth_seq_id 
_pdbx_struct_sheet_hbond.range_2_label_atom_id 
_pdbx_struct_sheet_hbond.range_2_label_comp_id 
_pdbx_struct_sheet_hbond.range_2_label_asym_id 
_pdbx_struct_sheet_hbond.range_2_label_seq_id 
_pdbx_struct_sheet_hbond.range_2_PDB_ins_code 
_pdbx_struct_sheet_hbond.range_2_auth_atom_id 
_pdbx_struct_sheet_hbond.range_2_auth_comp_id 
_pdbx_struct_sheet_hbond.range_2_auth_asym_id 
_pdbx_struct_sheet_hbond.range_2_auth_seq_id 
A 1 2 O LEU A 14 ? O LEU A 14 N ALA A 8  ? N ALA A 8  
A 2 3 N PHI A 7  ? N PHI A 7  O VAL B 5  ? O VAL B 5  
A 3 4 N ALA B 8  ? N ALA B 8  O LEU B 14 ? O LEU B 14 
# 
loop_
_struct_site.id 
_struct_site.pdbx_evidence_code 
_struct_site.pdbx_auth_asym_id 
_struct_site.pdbx_auth_comp_id 
_struct_site.pdbx_auth_seq_id 
_struct_site.pdbx_auth_ins_code 
_struct_site.pdbx_num_residues 
_struct_site.details 
AC1 Software A MPD 101 ? 6 'BINDING SITE FOR RESIDUE MPD A 101' 
AC2 Software B MPD 101 ? 5 'BINDING SITE FOR RESIDUE MPD B 101' 
# 
loop_
_struct_site_gen.id 
_struct_site_gen.site_id 
_struct_site_gen.pdbx_num_res 
_struct_site_gen.label_comp_id 
_struct_site_gen.label_asym_id 
_struct_site_gen.label_seq_id 
_struct_site_gen.pdbx_auth_ins_code 
_struct_site_gen.auth_comp_id 
_struct_site_gen.auth_asym_id 
_struct_site_gen.auth_seq_id 
_struct_site_gen.label_atom_id 
_struct_site_gen.label_alt_id 
_struct_site_gen.symmetry 
_struct_site_gen.details 
1  AC1 6 LYS A 3  ? LYS A 3   . ? 1_555 ? 
2  AC1 6 LYS A 3  ? LYS A 3   . ? 2_655 ? 
3  AC1 6 VAL A 5  ? VAL A 5   . ? 1_555 ? 
4  AC1 6 HAO A 16 ? HAO A 16  . ? 1_555 ? 
5  AC1 6 GLU A 17 ? GLU A 17  . ? 1_555 ? 
6  AC1 6 PHI B 7  ? PHI B 7   . ? 2_655 ? 
7  AC2 5 PHI A 7  ? PHI A 7   . ? 2_656 ? 
8  AC2 5 HOH E .  ? HOH A 204 . ? 2_656 ? 
9  AC2 5 LYS B 3  ? LYS B 3   . ? 1_555 ? 
10 AC2 5 GLU B 17 ? GLU B 17  . ? 1_555 ? 
11 AC2 5 HOH F .  ? HOH B 208 . ? 1_555 ? 
# 
_atom_sites.entry_id                    4Q8D 
_atom_sites.fract_transf_matrix[1][1]   -0.01970551 
_atom_sites.fract_transf_matrix[1][2]   0.01754956 
_atom_sites.fract_transf_matrix[1][3]   -0.01663270 
_atom_sites.fract_transf_matrix[2][1]   0.00308279 
_atom_sites.fract_transf_matrix[2][2]   -0.00879189 
_atom_sites.fract_transf_matrix[2][3]   -0.01292885 
_atom_sites.fract_transf_matrix[3][1]   -0.03738299 
_atom_sites.fract_transf_matrix[3][2]   -0.03066199 
_atom_sites.fract_transf_matrix[3][3]   0.01193710 
_atom_sites.fract_transf_vector[1]      0.316477 
_atom_sites.fract_transf_vector[2]      0.431644 
_atom_sites.fract_transf_vector[3]      0.248904 
# 
loop_
_atom_type.symbol 
C  
H  
I  
N  
NA 
O  
# 
loop_
_atom_site.group_PDB 
_atom_site.id 
_atom_site.type_symbol 
_atom_site.label_atom_id 
_atom_site.label_alt_id 
_atom_site.label_comp_id 
_atom_site.label_asym_id 
_atom_site.label_entity_id 
_atom_site.label_seq_id 
_atom_site.pdbx_PDB_ins_code 
_atom_site.Cartn_x 
_atom_site.Cartn_y 
_atom_site.Cartn_z 
_atom_site.occupancy 
_atom_site.B_iso_or_equiv 
_atom_site.pdbx_formal_charge 
_atom_site.auth_seq_id 
_atom_site.auth_comp_id 
_atom_site.auth_asym_id 
_atom_site.auth_atom_id 
_atom_site.pdbx_PDB_model_num 
HETATM 1   N N    . ORN A 1 1  ? 8.962   -1.794  -14.933 1.00 12.45 1 1   ORN A N    1 
HETATM 2   C CA   . ORN A 1 1  ? 9.497   -1.617  -13.576 1.00 12.44 ? 1   ORN A CA   1 
HETATM 3   C CB   . ORN A 1 1  ? 9.652   -0.144  -13.293 1.00 12.26 ? 1   ORN A CB   1 
HETATM 4   C CG   . ORN A 1 1  ? 10.745  0.511   -14.115 1.00 12.57 ? 1   ORN A CG   1 
HETATM 5   C CD   . ORN A 1 1  ? 12.108  0.239   -13.541 1.00 12.98 ? 1   ORN A CD   1 
HETATM 6   N NE   . ORN A 1 1  ? 12.176  0.656   -12.170 1.00 12.87 ? 1   ORN A NE   1 
HETATM 7   C C    . ORN A 1 1  ? 8.572   -2.198  -12.485 1.00 12.23 ? 1   ORN A C    1 
HETATM 8   O O    . ORN A 1 1  ? 7.357   -2.280  -12.645 1.00 11.99 ? 1   ORN A O    1 
HETATM 9   H H1   . ORN A 1 1  ? 8.603   -2.736  -15.108 1.00 14.94 1 1   ORN A H1   1 
HETATM 10  H H2   . ORN A 1 1  ? 8.185   -1.164  -15.147 1.00 14.94 1 1   ORN A H2   1 
HETATM 11  H H3   . ORN A 1 1  ? 9.656   -1.627  -15.667 1.00 14.94 1 1   ORN A H3   1 
HETATM 12  H HA   . ORN A 1 1  ? 10.445  -2.163  -13.545 1.00 14.93 ? 1   ORN A HA   1 
HETATM 13  H HB2  . ORN A 1 1  ? 8.704   0.379   -13.487 1.00 14.72 ? 1   ORN A HB2  1 
HETATM 14  H HB3  . ORN A 1 1  ? 9.936   -0.036  -12.237 1.00 14.72 ? 1   ORN A HB3  1 
HETATM 15  H HG2  . ORN A 1 1  ? 10.579  1.594   -14.135 1.00 15.09 ? 1   ORN A HG2  1 
HETATM 16  H HG3  . ORN A 1 1  ? 10.701  0.125   -15.139 1.00 15.09 ? 1   ORN A HG3  1 
HETATM 17  H HD2  . ORN A 1 1  ? 12.311  -0.834  -13.600 1.00 15.58 ? 1   ORN A HD2  1 
HETATM 18  H HD3  . ORN A 1 1  ? 12.848  0.808   -14.112 1.00 15.58 ? 1   ORN A HD3  1 
HETATM 19  H HE1  . ORN A 1 1  ? 12.199  1.663   -12.022 1.00 15.45 ? 1   ORN A HE1  1 
ATOM   20  N N    . GLN A 1 2  ? 9.199   -2.582  -11.326 1.00 10.66 ? 2   GLN A N    1 
ATOM   21  C CA   . GLN A 1 2  ? 8.463   -3.089  -10.183 1.00 10.55 ? 2   GLN A CA   1 
ATOM   22  C C    . GLN A 1 2  ? 7.828   -1.889  -9.520  1.00 10.20 ? 2   GLN A C    1 
ATOM   23  O O    . GLN A 1 2  ? 8.427   -0.819  -9.502  1.00 10.17 ? 2   GLN A O    1 
ATOM   24  C CB   . GLN A 1 2  ? 9.375   -3.811  -9.204  1.00 10.89 ? 2   GLN A CB   1 
ATOM   25  C CG   . GLN A 1 2  ? 9.690   -5.238  -9.575  1.00 11.25 ? 2   GLN A CG   1 
ATOM   26  C CD   . GLN A 1 2  ? 10.299  -6.005  -8.418  1.00 11.57 ? 2   GLN A CD   1 
ATOM   27  O OE1  . GLN A 1 2  ? 11.274  -5.558  -7.811  1.00 11.74 ? 2   GLN A OE1  1 
ATOM   28  N NE2  . GLN A 1 2  ? 9.717   -7.158  -8.096  1.00 11.71 ? 2   GLN A NE2  1 
ATOM   29  H H    . GLN A 1 2  ? 10.043  -2.506  -11.188 1.00 12.79 ? 2   GLN A H    1 
ATOM   30  H HA   . GLN A 1 2  ? 7.767   -3.695  -10.477 1.00 12.66 ? 2   GLN A HA   1 
ATOM   31  H HB2  . GLN A 1 2  ? 10.215  -3.330  -9.149  1.00 13.07 ? 2   GLN A HB2  1 
ATOM   32  H HB3  . GLN A 1 2  ? 8.948   -3.822  -8.333  1.00 13.07 ? 2   GLN A HB3  1 
ATOM   33  H HG2  . GLN A 1 2  ? 8.871   -5.687  -9.838  1.00 13.50 ? 2   GLN A HG2  1 
ATOM   34  H HG3  . GLN A 1 2  ? 10.325  -5.244  -10.309 1.00 13.50 ? 2   GLN A HG3  1 
ATOM   35  H HE21 . GLN A 1 2  ? 9.032   -7.431  -8.537  1.00 14.06 ? 2   GLN A HE21 1 
ATOM   36  H HE22 . GLN A 1 2  ? 10.027  -7.628  -7.446  1.00 14.06 ? 2   GLN A HE22 1 
ATOM   37  N N    . LYS A 1 3  ? 6.632   -2.062  -8.969  1.00 10.00 ? 3   LYS A N    1 
ATOM   38  C CA   . LYS A 1 3  ? 5.869   -0.941  -8.428  1.00 9.67  ? 3   LYS A CA   1 
ATOM   39  C C    . LYS A 1 3  ? 5.335   -1.219  -7.035  1.00 9.67  ? 3   LYS A C    1 
ATOM   40  O O    . LYS A 1 3  ? 4.914   -2.335  -6.744  1.00 9.83  ? 3   LYS A O    1 
ATOM   41  C CB   . LYS A 1 3  ? 4.694   -0.617  -9.346  1.00 9.42  ? 3   LYS A CB   1 
ATOM   42  C CG   . LYS A 1 3  ? 5.073   -0.214  -10.750 1.00 9.43  ? 3   LYS A CG   1 
ATOM   43  C CD   . LYS A 1 3  ? 3.852   -0.254  -11.651 1.00 9.29  ? 3   LYS A CD   1 
ATOM   44  C CE   . LYS A 1 3  ? 4.013   0.658   -12.843 1.00 9.23  ? 3   LYS A CE   1 
ATOM   45  N NZ   . LYS A 1 3  ? 5.376   0.580   -13.394 1.00 9.49  ? 3   LYS A NZ   1 
ATOM   46  H H    . LYS A 1 3  ? 6.238   -2.822  -8.895  1.00 11.99 ? 3   LYS A H    1 
ATOM   47  H HA   . LYS A 1 3  ? 6.442   -0.160  -8.381  1.00 11.61 ? 3   LYS A HA   1 
ATOM   48  H HB2  . LYS A 1 3  ? 4.128   -1.402  -9.411  1.00 11.31 ? 3   LYS A HB2  1 
ATOM   49  H HB3  . LYS A 1 3  ? 4.192   0.116   -8.957  1.00 11.31 ? 3   LYS A HB3  1 
ATOM   50  H HG2  . LYS A 1 3  ? 5.422   0.691   -10.745 1.00 11.32 ? 3   LYS A HG2  1 
ATOM   51  H HG3  . LYS A 1 3  ? 5.735   -0.832  -11.098 1.00 11.32 ? 3   LYS A HG3  1 
ATOM   52  H HD2  . LYS A 1 3  ? 3.725   -1.159  -11.977 1.00 11.15 ? 3   LYS A HD2  1 
ATOM   53  H HD3  . LYS A 1 3  ? 3.074   0.035   -11.150 1.00 11.15 ? 3   LYS A HD3  1 
ATOM   54  H HE2  . LYS A 1 3  ? 3.388   0.395   -13.537 1.00 11.07 ? 3   LYS A HE2  1 
ATOM   55  H HE3  . LYS A 1 3  ? 3.846   1.575   -12.572 1.00 11.07 ? 3   LYS A HE3  1 
ATOM   56  H HZ1  . LYS A 1 3  ? 5.552   -0.253  -13.654 1.00 11.39 ? 3   LYS A HZ1  1 
ATOM   57  H HZ2  . LYS A 1 3  ? 5.453   1.123   -14.095 1.00 11.39 ? 3   LYS A HZ2  1 
ATOM   58  H HZ3  . LYS A 1 3  ? 5.969   0.820   -12.776 1.00 11.39 ? 3   LYS A HZ3  1 
ATOM   59  N N    . LEU A 1 4  ? 5.336   -0.190  -6.186  1.00 9.54  ? 4   LEU A N    1 
ATOM   60  C CA   . LEU A 1 4  ? 4.675   -0.262  -4.891  1.00 9.54  ? 4   LEU A CA   1 
ATOM   61  C C    . LEU A 1 4  ? 3.989   1.047   -4.546  1.00 9.26  ? 4   LEU A C    1 
ATOM   62  O O    . LEU A 1 4  ? 4.552   2.125   -4.732  1.00 9.17  ? 4   LEU A O    1 
ATOM   63  C CB   . LEU A 1 4  ? 5.663   -0.612  -3.779  1.00 9.85  ? 4   LEU A CB   1 
ATOM   64  C CG   . LEU A 1 4  ? 5.109   -0.459  -2.352  1.00 9.90  ? 4   LEU A CG   1 
ATOM   65  C CD1  . LEU A 1 4  ? 4.002   -1.459  -2.082  1.00 9.96  ? 4   LEU A CD1  1 
ATOM   66  C CD2  . LEU A 1 4  ? 6.216   -0.600  -1.324  1.00 10.24 ? 4   LEU A CD2  1 
ATOM   67  H H    . LEU A 1 4  ? 5.717   0.566   -6.343  1.00 11.45 ? 4   LEU A H    1 
ATOM   68  H HA   . LEU A 1 4  ? 3.998   -0.957  -4.921  1.00 11.44 ? 4   LEU A HA   1 
ATOM   69  H HB2  . LEU A 1 4  ? 5.939   -1.535  -3.890  1.00 11.82 ? 4   LEU A HB2  1 
ATOM   70  H HB3  . LEU A 1 4  ? 6.435   -0.029  -3.858  1.00 11.82 ? 4   LEU A HB3  1 
ATOM   71  H HG   . LEU A 1 4  ? 4.732   0.430   -2.259  1.00 11.87 ? 4   LEU A HG   1 
ATOM   72  H HD11 . LEU A 1 4  ? 4.356   -2.356  -2.186  1.00 11.96 ? 4   LEU A HD11 1 
ATOM   73  H HD12 . LEU A 1 4  ? 3.680   -1.333  -1.175  1.00 11.96 ? 4   LEU A HD12 1 
ATOM   74  H HD13 . LEU A 1 4  ? 3.282   -1.311  -2.713  1.00 11.96 ? 4   LEU A HD13 1 
ATOM   75  H HD21 . LEU A 1 4  ? 5.837   -0.499  -0.438  1.00 12.29 ? 4   LEU A HD21 1 
ATOM   76  H HD22 . LEU A 1 4  ? 6.621   -1.476  -1.415  1.00 12.29 ? 4   LEU A HD22 1 
ATOM   77  H HD23 . LEU A 1 4  ? 6.880   0.090   -1.481  1.00 12.29 ? 4   LEU A HD23 1 
ATOM   78  N N    . VAL A 1 5  ? 2.778   0.925   -4.012  1.00 9.17  ? 5   VAL A N    1 
ATOM   79  C CA   . VAL A 1 5  ? 2.022   2.047   -3.471  1.00 8.97  ? 5   VAL A CA   1 
ATOM   80  C C    . VAL A 1 5  ? 1.401   1.584   -2.145  1.00 9.14  ? 5   VAL A C    1 
ATOM   81  O O    . VAL A 1 5  ? 0.792   0.513   -2.072  1.00 9.29  ? 5   VAL A O    1 
ATOM   82  C CB   . VAL A 1 5  ? 0.943   2.529   -4.469  1.00 8.70  ? 5   VAL A CB   1 
ATOM   83  C CG1  . VAL A 1 5  ? 0.055   3.585   -3.859  1.00 8.54  ? 5   VAL A CG1  1 
ATOM   84  C CG2  . VAL A 1 5  ? 1.592   3.062   -5.729  1.00 8.59  ? 5   VAL A CG2  1 
ATOM   85  H H    . VAL A 1 5  ? 2.362   0.175   -3.952  1.00 11.00 ? 5   VAL A H    1 
ATOM   86  H HA   . VAL A 1 5  ? 2.623   2.785   -3.288  1.00 10.76 ? 5   VAL A HA   1 
ATOM   87  H HB   . VAL A 1 5  ? 0.384   1.775   -4.717  1.00 10.44 ? 5   VAL A HB   1 
ATOM   88  H HG11 . VAL A 1 5  ? 0.345   3.752   -2.949  1.00 10.25 ? 5   VAL A HG11 1 
ATOM   89  H HG12 . VAL A 1 5  ? 0.127   4.397   -4.385  1.00 10.25 ? 5   VAL A HG12 1 
ATOM   90  H HG13 . VAL A 1 5  ? -0.860  3.268   -3.863  1.00 10.25 ? 5   VAL A HG13 1 
ATOM   91  H HG21 . VAL A 1 5  ? 0.900   3.359   -6.340  1.00 10.31 ? 5   VAL A HG21 1 
ATOM   92  H HG22 . VAL A 1 5  ? 2.169   3.807   -5.495  1.00 10.31 ? 5   VAL A HG22 1 
ATOM   93  H HG23 . VAL A 1 5  ? 2.115   2.356   -6.139  1.00 10.31 ? 5   VAL A HG23 1 
ATOM   94  N N    . PHE A 1 6  ? 1.575   2.396   -1.110  1.00 9.51  ? 6   PHE A N    1 
ATOM   95  C CA   . PHE A 1 6  ? 1.301   2.014   0.274   1.00 9.76  ? 6   PHE A CA   1 
ATOM   96  C C    . PHE A 1 6  ? 0.544   3.129   0.988   1.00 9.66  ? 6   PHE A C    1 
ATOM   97  O O    . PHE A 1 6  ? 0.943   4.284   0.902   1.00 9.51  ? 6   PHE A O    1 
ATOM   98  C CB   . PHE A 1 6  ? 2.630   1.742   0.976   1.00 10.06 ? 6   PHE A CB   1 
ATOM   99  C CG   . PHE A 1 6  ? 2.507   1.089   2.303   1.00 10.41 ? 6   PHE A CG   1 
ATOM   100 C CD1  . PHE A 1 6  ? 2.249   1.836   3.437   1.00 10.50 ? 6   PHE A CD1  1 
ATOM   101 C CD2  . PHE A 1 6  ? 2.699   -0.278  2.430   1.00 10.71 ? 6   PHE A CD2  1 
ATOM   102 C CE1  . PHE A 1 6  ? 2.156   1.226   4.673   1.00 10.89 ? 6   PHE A CE1  1 
ATOM   103 C CE2  . PHE A 1 6  ? 2.610   -0.901  3.661   1.00 11.10 ? 6   PHE A CE2  1 
ATOM   104 C CZ   . PHE A 1 6  ? 2.341   -0.150  4.787   1.00 11.19 ? 6   PHE A CZ   1 
ATOM   105 H H    . PHE A 1 6  ? 1.861   3.204   -1.185  1.00 11.41 ? 6   PHE A H    1 
ATOM   106 H HA   . PHE A 1 6  ? 0.764   1.207   0.293   1.00 11.72 ? 6   PHE A HA   1 
ATOM   107 H HB2  . PHE A 1 6  ? 3.165   1.161   0.413   1.00 12.07 ? 6   PHE A HB2  1 
ATOM   108 H HB3  . PHE A 1 6  ? 3.090   2.586   1.106   1.00 12.07 ? 6   PHE A HB3  1 
ATOM   109 H HD1  . PHE A 1 6  ? 2.126   2.756   3.365   1.00 12.60 ? 6   PHE A HD1  1 
ATOM   110 H HD2  . PHE A 1 6  ? 2.882   -0.786  1.673   1.00 12.85 ? 6   PHE A HD2  1 
ATOM   111 H HE1  . PHE A 1 6  ? 1.974   1.735   5.429   1.00 13.07 ? 6   PHE A HE1  1 
ATOM   112 H HE2  . PHE A 1 6  ? 2.732   -1.820  3.730   1.00 13.32 ? 6   PHE A HE2  1 
ATOM   113 H HZ   . PHE A 1 6  ? 2.276   -0.562  5.619   1.00 13.43 ? 6   PHE A HZ   1 
HETATM 114 N N    . PHI A 1 7  ? -0.540  2.797   1.688   1.00 11.57 ? 7   PHI A N    1 
HETATM 115 C CA   . PHI A 1 7  ? -1.304  3.783   2.475   1.00 11.90 ? 7   PHI A CA   1 
HETATM 116 C CB   . PHI A 1 7  ? -2.661  4.177   1.831   1.00 16.55 ? 7   PHI A CB   1 
HETATM 117 C CG   . PHI A 1 7  ? -2.531  4.829   0.435   1.00 17.28 ? 7   PHI A CG   1 
HETATM 118 C CD1  . PHI A 1 7  ? -3.286  4.250   -0.663  1.00 19.01 ? 7   PHI A CD1  1 
HETATM 119 C CD2  . PHI A 1 7  ? -1.754  5.941   0.239   1.00 16.71 ? 7   PHI A CD2  1 
HETATM 120 C CE1  . PHI A 1 7  ? -3.208  4.801   -1.898  1.00 21.26 ? 7   PHI A CE1  1 
HETATM 121 C CE2  . PHI A 1 7  ? -1.679  6.496   -1.008  1.00 17.21 ? 7   PHI A CE2  1 
HETATM 122 C CZ   . PHI A 1 7  ? -2.423  5.910   -2.095  1.00 19.36 ? 7   PHI A CZ   1 
HETATM 123 I I    . PHI A 1 7  ? -2.328  6.736   -4.029  1.00 29.65 ? 7   PHI A I    1 
HETATM 124 C C    . PHI A 1 7  ? -1.688  3.209   3.794   1.00 9.14  ? 7   PHI A C    1 
HETATM 125 O O    . PHI A 1 7  ? -2.305  2.090   3.831   1.00 10.00 ? 7   PHI A O    1 
HETATM 126 H H    . PHI A 1 7  ? -0.917  1.936   1.753   1.00 13.88 ? 7   PHI A H    1 
HETATM 127 H HA   . PHI A 1 7  ? -0.769  4.576   2.609   1.00 14.28 ? 7   PHI A HA   1 
HETATM 128 H HB2  . PHI A 1 7  ? -3.101  4.765   2.395   1.00 19.86 ? 7   PHI A HB2  1 
HETATM 129 H HB3  . PHI A 1 7  ? -3.188  3.383   1.744   1.00 19.86 ? 7   PHI A HB3  1 
HETATM 130 H HD1  . PHI A 1 7  ? -3.834  3.474   -0.517  1.00 22.82 ? 7   PHI A HD1  1 
HETATM 131 H HD2  . PHI A 1 7  ? -1.227  6.351   1.024   1.00 20.06 ? 7   PHI A HD2  1 
HETATM 132 H HE1  . PHI A 1 7  ? -3.721  4.403   -2.663  1.00 25.51 ? 7   PHI A HE1  1 
HETATM 133 H HE2  . PHI A 1 7  ? -1.083  7.339   -1.171  1.00 20.65 ? 7   PHI A HE2  1 
ATOM   134 N N    . ALA A 1 8  ? -1.398  3.915   4.880   1.00 10.28 ? 8   ALA A N    1 
ATOM   135 C CA   . ALA A 1 8  ? -1.763  3.441   6.207   1.00 10.38 ? 8   ALA A CA   1 
ATOM   136 C C    . ALA A 1 8  ? -2.151  4.590   7.130   1.00 10.13 ? 8   ALA A C    1 
ATOM   137 O O    . ALA A 1 8  ? -1.524  5.648   7.116   1.00 9.89  ? 8   ALA A O    1 
ATOM   138 C CB   . ALA A 1 8  ? -0.626  2.652   6.807   1.00 10.49 ? 8   ALA A CB   1 
ATOM   139 H H    . ALA A 1 8  ? -0.992  4.672   4.874   1.00 12.34 ? 8   ALA A H    1 
ATOM   140 H HA   . ALA A 1 8  ? -2.529  2.849   6.130   1.00 12.46 ? 8   ALA A HA   1 
ATOM   141 H HB1  . ALA A 1 8  ? -0.433  1.892   6.236   1.00 12.58 ? 8   ALA A HB1  1 
ATOM   142 H HB2  . ALA A 1 8  ? 0.154   3.225   6.873   1.00 12.58 ? 8   ALA A HB2  1 
ATOM   143 H HB3  . ALA A 1 8  ? -0.887  2.345   7.690   1.00 12.58 ? 8   ALA A HB3  1 
ATOM   144 N N    . GLU A 1 9  ? -3.188  4.365   7.929   1.00 13.20 ? 9   GLU A N    1 
ATOM   145 C CA   . GLU A 1 9  ? -3.643  5.339   8.919   1.00 13.31 ? 9   GLU A CA   1 
ATOM   146 C C    . GLU A 1 9  ? -3.704  4.701   10.301  1.00 13.83 ? 9   GLU A C    1 
ATOM   147 O O    . GLU A 1 9  ? -4.324  3.656   10.485  1.00 14.49 ? 9   GLU A O    1 
ATOM   148 C CB   . GLU A 1 9  ? -5.021  5.900   8.549   1.00 13.55 ? 9   GLU A CB   1 
ATOM   149 C CG   . GLU A 1 9  ? -5.398  7.164   9.316   1.00 14.20 ? 9   GLU A CG   1 
ATOM   150 C CD   . GLU A 1 9  ? -6.893  7.448   9.351   1.00 14.57 ? 9   GLU A CD   1 
ATOM   151 O OE1  . GLU A 1 9  ? -7.700  6.533   9.079   1.00 14.32 ? 9   GLU A OE1  1 
ATOM   152 O OE2  . GLU A 1 9  ? -7.267  8.595   9.675   1.00 15.26 ? 9   GLU A OE2  1 
ATOM   153 H H    . GLU A 1 9  ? -3.654  3.643   7.918   1.00 15.84 ? 9   GLU A H    1 
ATOM   154 H HA   . GLU A 1 9  ? -3.015  6.078   8.952   1.00 15.97 ? 9   GLU A HA   1 
ATOM   155 H HB2  . GLU A 1 9  ? -5.029  6.113   7.602   1.00 16.26 ? 9   GLU A HB2  1 
ATOM   156 H HB3  . GLU A 1 9  ? -5.694  5.227   8.739   1.00 16.26 ? 9   GLU A HB3  1 
ATOM   157 H HG2  . GLU A 1 9  ? -5.092  7.074   10.232  1.00 17.04 ? 9   GLU A HG2  1 
ATOM   158 H HG3  . GLU A 1 9  ? -4.962  7.923   8.897   1.00 17.04 ? 9   GLU A HG3  1 
ATOM   159 N N    . ASP A 1 10 ? -3.038  5.341   11.258  1.00 12.31 ? 10  ASP A N    1 
ATOM   160 C CA   . ASP A 1 10 ? -3.093  4.966   12.665  1.00 12.84 ? 10  ASP A CA   1 
ATOM   161 C C    . ASP A 1 10 ? -3.574  6.173   13.469  1.00 12.94 ? 10  ASP A C    1 
ATOM   162 O O    . ASP A 1 10 ? -2.776  6.987   13.924  1.00 12.91 ? 10  ASP A O    1 
ATOM   163 C CB   . ASP A 1 10 ? -1.717  4.491   13.140  1.00 12.92 ? 10  ASP A CB   1 
ATOM   164 C CG   . ASP A 1 10 ? -1.697  4.058   14.592  1.00 13.71 ? 10  ASP A CG   1 
ATOM   165 O OD1  . ASP A 1 10 ? -2.747  3.634   15.129  1.00 14.33 ? 10  ASP A OD1  1 
ATOM   166 O OD2  . ASP A 1 10 ? -0.604  4.129   15.194  1.00 13.83 ? 10  ASP A OD2  1 
ATOM   167 H H    . ASP A 1 10 ? -2.531  6.019   11.109  1.00 14.77 ? 10  ASP A H    1 
ATOM   168 H HA   . ASP A 1 10 ? -3.727  4.241   12.785  1.00 15.41 ? 10  ASP A HA   1 
ATOM   169 H HB2  . ASP A 1 10 ? -1.442  3.735   12.599  1.00 15.51 ? 10  ASP A HB2  1 
ATOM   170 H HB3  . ASP A 1 10 ? -1.082  5.217   13.038  1.00 15.51 ? 10  ASP A HB3  1 
HETATM 171 N N    . ORN A 1 11 ? -4.753  11.387  13.388  1.00 12.39 1 11  ORN A N    1 
HETATM 172 C CA   . ORN A 1 11 ? -4.072  10.100  13.283  1.00 12.75 ? 11  ORN A CA   1 
HETATM 173 C CB   . ORN A 1 11 ? -4.953  9.100   12.558  1.00 12.65 ? 11  ORN A CB   1 
HETATM 174 C CG   . ORN A 1 11 ? -6.042  8.502   13.423  1.00 12.76 ? 11  ORN A CG   1 
HETATM 175 C CD   . ORN A 1 11 ? -5.534  7.394   14.344  1.00 12.30 ? 11  ORN A CD   1 
HETATM 176 N NE   . ORN A 1 11 ? -4.939  6.299   13.606  1.00 11.80 ? 11  ORN A NE   1 
HETATM 177 C C    . ORN A 1 11 ? -2.790  10.229  12.497  1.00 12.97 ? 11  ORN A C    1 
HETATM 178 O O    . ORN A 1 11 ? -2.632  11.105  11.654  1.00 13.25 ? 11  ORN A O    1 
HETATM 179 H H1   . ORN A 1 11 ? -5.205  11.677  12.517  1.00 14.87 1 11  ORN A H1   1 
HETATM 180 H H2   . ORN A 1 11 ? -5.494  11.396  14.093  1.00 14.87 1 11  ORN A H2   1 
HETATM 181 H H    . ORN A 1 11 ? -4.129  12.157  13.640  1.00 14.87 1 11  ORN A H    1 
HETATM 182 H HA   . ORN A 1 11 ? -3.819  9.796   14.303  1.00 15.30 ? 11  ORN A HA   1 
HETATM 183 H HB2  . ORN A 1 11 ? -5.417  9.575   11.682  1.00 15.18 ? 11  ORN A HB2  1 
HETATM 184 H HB3  . ORN A 1 11 ? -4.310  8.266   12.242  1.00 15.18 ? 11  ORN A HB3  1 
HETATM 185 H HG2  . ORN A 1 11 ? -6.818  8.084   12.772  1.00 15.31 ? 11  ORN A HG2  1 
HETATM 186 H HG3  . ORN A 1 11 ? -6.486  9.297   14.032  1.00 15.31 ? 11  ORN A HG3  1 
HETATM 187 H HD2  . ORN A 1 11 ? -4.783  7.816   15.019  1.00 14.76 ? 11  ORN A HD2  1 
HETATM 188 H HD3  . ORN A 1 11 ? -6.382  7.002   14.912  1.00 14.76 ? 11  ORN A HD3  1 
HETATM 189 H HE1  . ORN A 1 11 ? -5.592  5.621   13.220  1.00 14.16 ? 11  ORN A HE1  1 
ATOM   190 N N    . GLN A 1 12 ? -1.837  9.292   12.781  1.00 11.09 ? 12  GLN A N    1 
ATOM   191 C CA   . GLN A 1 12 ? -0.568  9.261   12.076  1.00 10.94 ? 12  GLN A CA   1 
ATOM   192 C C    . GLN A 1 12 ? -0.812  8.565   10.743  1.00 10.26 ? 12  GLN A C    1 
ATOM   193 O O    . GLN A 1 12 ? -1.192  7.395   10.719  1.00 9.71  ? 12  GLN A O    1 
ATOM   194 C CB   . GLN A 1 12 ? 0.501   8.537   12.896  1.00 10.41 ? 12  GLN A CB   1 
ATOM   195 C CG   . GLN A 1 12 ? 1.790   8.244   12.147  1.00 10.21 ? 12  GLN A CG   1 
ATOM   196 C CD   . GLN A 1 12 ? 2.805   7.504   13.000  1.00 10.63 ? 12  GLN A CD   1 
ATOM   197 O OE1  . GLN A 1 12 ? 2.583   7.276   14.183  1.00 10.80 ? 12  GLN A OE1  1 
ATOM   198 N NE2  . GLN A 1 12 ? 3.929   7.132   12.399  1.00 10.92 ? 12  GLN A NE2  1 
ATOM   199 H H    . GLN A 1 12 ? -1.935  8.658   13.355  1.00 13.31 ? 12  GLN A H    1 
ATOM   200 H HA   . GLN A 1 12 ? -0.268  10.167  11.904  1.00 13.12 ? 12  GLN A HA   1 
ATOM   201 H HB2  . GLN A 1 12 ? 0.726   9.085   13.664  1.00 12.49 ? 12  GLN A HB2  1 
ATOM   202 H HB3  . GLN A 1 12 ? 0.138   7.688   13.196  1.00 12.49 ? 12  GLN A HB3  1 
ATOM   203 H HG2  . GLN A 1 12 ? 1.589   7.694   11.374  1.00 12.25 ? 12  GLN A HG2  1 
ATOM   204 H HG3  . GLN A 1 12 ? 2.189   9.082   11.865  1.00 12.25 ? 12  GLN A HG3  1 
ATOM   205 H HE21 . GLN A 1 12 ? 4.533   6.710   12.841  1.00 13.10 ? 12  GLN A HE21 1 
ATOM   206 H HE22 . GLN A 1 12 ? 4.052   7.313   11.567  1.00 13.10 ? 12  GLN A HE22 1 
ATOM   207 N N    . LYS A 1 13 ? -0.614  9.284   9.644   1.00 15.32 ? 13  LYS A N    1 
ATOM   208 C CA   . LYS A 1 13 ? -0.817  8.719   8.310   1.00 14.65 ? 13  LYS A CA   1 
ATOM   209 C C    . LYS A 1 13 ? 0.520   8.437   7.643   1.00 14.28 ? 13  LYS A C    1 
ATOM   210 O O    . LYS A 1 13 ? 1.401   9.299   7.610   1.00 15.29 ? 13  LYS A O    1 
ATOM   211 C CB   . LYS A 1 13 ? -1.648  9.661   7.438   1.00 15.66 ? 13  LYS A CB   1 
ATOM   212 C CG   . LYS A 1 13 ? -3.105  9.766   7.835   1.00 15.78 ? 13  LYS A CG   1 
ATOM   213 C CD   . LYS A 1 13 ? -3.740  10.989  7.211   1.00 16.78 ? 13  LYS A CD   1 
ATOM   214 C CE   . LYS A 1 13 ? -5.186  11.132  7.617   1.00 16.49 ? 13  LYS A CE   1 
ATOM   215 N NZ   . LYS A 1 13 ? -6.100  10.546  6.611   1.00 15.96 ? 13  LYS A NZ   1 
ATOM   216 H H    . LYS A 1 13 ? -0.362  10.106  9.641   1.00 18.39 ? 13  LYS A H    1 
ATOM   217 H HA   . LYS A 1 13 ? -1.296  7.879   8.391   1.00 17.58 ? 13  LYS A HA   1 
ATOM   218 H HB2  . LYS A 1 13 ? -1.265  10.550  7.490   1.00 18.79 ? 13  LYS A HB2  1 
ATOM   219 H HB3  . LYS A 1 13 ? -1.615  9.345   6.521   1.00 18.79 ? 13  LYS A HB3  1 
ATOM   220 H HG2  . LYS A 1 13 ? -3.581  8.980   7.524   1.00 18.94 ? 13  LYS A HG2  1 
ATOM   221 H HG3  . LYS A 1 13 ? -3.172  9.843   8.799   1.00 18.94 ? 13  LYS A HG3  1 
ATOM   222 H HD2  . LYS A 1 13 ? -3.263  11.781  7.503   1.00 20.13 ? 13  LYS A HD2  1 
ATOM   223 H HD3  . LYS A 1 13 ? -3.702  10.911  6.245   1.00 20.13 ? 13  LYS A HD3  1 
ATOM   224 H HE2  . LYS A 1 13 ? -5.327  10.672  8.459   1.00 19.79 ? 13  LYS A HE2  1 
ATOM   225 H HE3  . LYS A 1 13 ? -5.400  12.073  7.708   1.00 19.79 ? 13  LYS A HE3  1 
ATOM   226 H HZ1  . LYS A 1 13 ? -6.944  10.643  6.875   1.00 19.16 ? 13  LYS A HZ1  1 
ATOM   227 H HZ2  . LYS A 1 13 ? -5.927  9.678   6.512   1.00 19.16 ? 13  LYS A HZ2  1 
ATOM   228 H HZ3  . LYS A 1 13 ? -5.993  10.955  5.829   1.00 19.16 ? 13  LYS A HZ3  1 
ATOM   229 N N    . LEU A 1 14 ? 0.661   7.224   7.124   1.00 11.70 ? 14  LEU A N    1 
ATOM   230 C CA   . LEU A 1 14 ? 1.856   6.822   6.404   1.00 11.35 ? 14  LEU A CA   1 
ATOM   231 C C    . LEU A 1 14 ? 1.502   6.565   4.949   1.00 11.18 ? 14  LEU A C    1 
ATOM   232 O O    . LEU A 1 14 ? 0.579   5.815   4.643   1.00 10.99 ? 14  LEU A O    1 
ATOM   233 C CB   . LEU A 1 14 ? 2.477   5.578   7.033   1.00 11.23 ? 14  LEU A CB   1 
ATOM   234 C CG   . LEU A 1 14 ? 3.745   5.051   6.358   1.00 11.27 ? 14  LEU A CG   1 
ATOM   235 C CD1  . LEU A 1 14 ? 4.903   6.027   6.526   1.00 11.54 ? 14  LEU A CD1  1 
ATOM   236 C CD2  . LEU A 1 14 ? 4.110   3.677   6.905   1.00 11.61 ? 14  LEU A CD2  1 
ATOM   237 H H    . LEU A 1 14 ? 0.065   6.605   7.179   1.00 14.03 ? 14  LEU A H    1 
ATOM   238 H HA   . LEU A 1 14 ? 2.508   7.539   6.437   1.00 13.63 ? 14  LEU A HA   1 
ATOM   239 H HB2  . LEU A 1 14 ? 2.704   5.782   7.954   1.00 13.48 ? 14  LEU A HB2  1 
ATOM   240 H HB3  . LEU A 1 14 ? 1.820   4.864   7.013   1.00 13.48 ? 14  LEU A HB3  1 
ATOM   241 H HG   . LEU A 1 14 ? 3.575   4.955   5.407   1.00 13.52 ? 14  LEU A HG   1 
ATOM   242 H HD11 . LEU A 1 14 ? 5.079   6.148   7.472   1.00 13.85 ? 14  LEU A HD11 1 
ATOM   243 H HD12 . LEU A 1 14 ? 5.689   5.663   6.087   1.00 13.85 ? 14  LEU A HD12 1 
ATOM   244 H HD13 . LEU A 1 14 ? 4.662   6.875   6.122   1.00 13.85 ? 14  LEU A HD13 1 
ATOM   245 H HD21 . LEU A 1 14 ? 4.915   3.364   6.462   1.00 13.93 ? 14  LEU A HD21 1 
ATOM   246 H HD22 . LEU A 1 14 ? 4.264   3.749   7.860   1.00 13.93 ? 14  LEU A HD22 1 
ATOM   247 H HD23 . LEU A 1 14 ? 3.379   3.063   6.732   1.00 13.93 ? 14  LEU A HD23 1 
ATOM   248 N N    . VAL A 1 15 ? 2.251   7.198   4.060   1.00 10.88 ? 15  VAL A N    1 
ATOM   249 C CA   . VAL A 1 15 ? 2.023   7.120   2.631   1.00 10.82 ? 15  VAL A CA   1 
ATOM   250 C C    . VAL A 1 15 ? 3.373   6.804   2.010   1.00 10.65 ? 15  VAL A C    1 
ATOM   251 O O    . VAL A 1 15 ? 4.400   7.206   2.536   1.00 10.93 ? 15  VAL A O    1 
ATOM   252 C CB   . VAL A 1 15 ? 1.438   8.443   2.083   1.00 12.17 ? 15  VAL A CB   1 
ATOM   253 C CG1  . VAL A 1 15 ? 1.310   8.417   0.576   1.00 12.13 ? 15  VAL A CG1  1 
ATOM   254 C CG2  . VAL A 1 15 ? 0.088   8.721   2.725   1.00 12.39 ? 15  VAL A CG2  1 
ATOM   255 H H    . VAL A 1 15 ? 2.919   7.697   4.271   1.00 13.06 ? 15  VAL A H    1 
ATOM   256 H HA   . VAL A 1 15 ? 1.407   6.397   2.432   1.00 12.99 ? 15  VAL A HA   1 
ATOM   257 H HB   . VAL A 1 15 ? 2.035   9.171   2.320   1.00 14.60 ? 15  VAL A HB   1 
ATOM   258 H HG11 . VAL A 1 15 ? 0.941   9.262   0.277   1.00 14.55 ? 15  VAL A HG11 1 
ATOM   259 H HG12 . VAL A 1 15 ? 2.189   8.283   0.188   1.00 14.55 ? 15  VAL A HG12 1 
ATOM   260 H HG13 . VAL A 1 15 ? 0.721   7.689   0.322   1.00 14.55 ? 15  VAL A HG13 1 
ATOM   261 H HG21 . VAL A 1 15 ? -0.264  9.553   2.371   1.00 14.87 ? 15  VAL A HG21 1 
ATOM   262 H HG22 . VAL A 1 15 ? -0.516  7.991   2.518   1.00 14.87 ? 15  VAL A HG22 1 
ATOM   263 H HG23 . VAL A 1 15 ? 0.203   8.792   3.685   1.00 14.87 ? 15  VAL A HG23 1 
HETATM 264 N N    . HAO A 1 16 ? 3.399   6.018   0.891   1.00 9.98  ? 16  HAO A N    1 
HETATM 265 N N9   . HAO A 1 16 ? 4.591   5.700   0.296   1.00 10.08 ? 16  HAO A N9   1 
HETATM 266 C C10  . HAO A 1 16 ? 4.684   4.816   -0.788  1.00 10.18 ? 16  HAO A C10  1 
HETATM 267 O O11  . HAO A 1 16 ? 3.709   4.277   -1.283  1.00 10.24 ? 16  HAO A O11  1 
HETATM 268 C CA   . HAO A 1 16 ? 6.058   4.572   -1.339  1.00 10.35 ? 16  HAO A CA   1 
HETATM 269 C C13  . HAO A 1 16 ? 6.134   3.988   -2.580  1.00 10.45 ? 16  HAO A C13  1 
HETATM 270 C C14  . HAO A 1 16 ? 7.221   4.934   -0.649  1.00 10.52 ? 16  HAO A C14  1 
HETATM 271 C C15  . HAO A 1 16 ? 8.241   6.077   1.283   1.00 10.85 ? 16  HAO A C15  1 
HETATM 272 O O15  . HAO A 1 16 ? 7.119   5.535   0.617   1.00 10.51 ? 16  HAO A O15  1 
HETATM 273 C C17  . HAO A 1 16 ? 8.458   4.678   -1.253  1.00 10.80 ? 16  HAO A C17  1 
HETATM 274 C C18  . HAO A 1 16 ? 8.512   4.083   -2.497  1.00 10.82 ? 16  HAO A C18  1 
HETATM 275 C C19  . HAO A 1 16 ? 7.352   3.750   -3.147  1.00 10.64 ? 16  HAO A C19  1 
HETATM 276 N N20  . HAO A 1 16 ? 7.327   3.143   -4.412  1.00 10.74 ? 16  HAO A N20  1 
HETATM 277 C C21  . HAO A 1 16 ? 8.310   3.368   -5.386  1.00 10.87 ? 16  HAO A C21  1 
HETATM 278 O O22  . HAO A 1 16 ? 9.280   4.079   -5.220  1.00 10.97 ? 16  HAO A O22  1 
HETATM 279 C C    . HAO A 1 16 ? 8.112   2.636   -6.678  1.00 11.01 ? 16  HAO A C    1 
HETATM 280 H H2   . HAO A 1 16 ? 2.695   5.664   0.425   1.00 11.97 ? 16  HAO A H2   1 
HETATM 281 H H13  . HAO A 1 16 ? 5.316   3.744   -3.057  1.00 12.53 ? 16  HAO A H13  1 
HETATM 282 H H15  . HAO A 1 16 ? 8.337   7.025   1.044   1.00 13.02 ? 16  HAO A H15  1 
HETATM 283 H H15A . HAO A 1 16 ? 9.047   5.589   1.013   1.00 13.02 ? 16  HAO A H15A 1 
HETATM 284 H H15B . HAO A 1 16 ? 8.118   5.994   2.253   1.00 13.02 ? 16  HAO A H15B 1 
HETATM 285 O OXT  . HAO A 1 16 ? 7.149   1.914   -6.851  1.00 11.08 ? 16  HAO A OXT  1 
HETATM 286 H H17  . HAO A 1 16 ? 9.283   4.915   -0.791  1.00 12.97 ? 16  HAO A H17  1 
HETATM 287 H H18  . HAO A 1 16 ? 9.376   3.903   -2.916  1.00 12.99 ? 16  HAO A H18  1 
HETATM 288 H HN20 . HAO A 1 16 ? 6.630   2.591   -4.617  1.00 12.89 ? 16  HAO A HN20 1 
HETATM 289 H H10  . HAO A 1 16 ? 5.356   6.078   0.621   1.00 12.10 ? 16  HAO A H10  1 
ATOM   290 N N    . GLU A 1 17 ? 9.083   2.854   -7.612  1.00 11.14 ? 17  GLU A N    1 
ATOM   291 C CA   . GLU A 1 17 ? 9.073   2.209   -8.906  1.00 11.31 ? 17  GLU A CA   1 
ATOM   292 C C    . GLU A 1 17 ? 10.515  1.968   -9.288  1.00 11.56 ? 17  GLU A C    1 
ATOM   293 O O    . GLU A 1 17 ? 11.258  2.926   -9.487  1.00 11.58 ? 17  GLU A O    1 
ATOM   294 C CB   . GLU A 1 17 ? 8.363   3.064   -9.955  1.00 11.26 ? 17  GLU A CB   1 
ATOM   295 C CG   . GLU A 1 17 ? 8.342   2.456   -11.343 1.00 11.51 ? 17  GLU A CG   1 
ATOM   296 C CD   . GLU A 1 17 ? 7.393   3.165   -12.295 1.00 11.64 ? 17  GLU A CD   1 
ATOM   297 O OE1  . GLU A 1 17 ? 7.853   4.025   -13.071 1.00 11.71 ? 17  GLU A OE1  1 
ATOM   298 O OE2  . GLU A 1 17 ? 6.187   2.850   -12.276 1.00 11.80 ? 17  GLU A OE2  1 
ATOM   299 H H    . GLU A 1 17 ? 9.769   3.356   -7.483  1.00 13.36 ? 17  GLU A H    1 
ATOM   300 H HA   . GLU A 1 17 ? 8.620   1.353   -8.843  1.00 13.58 ? 17  GLU A HA   1 
ATOM   301 H HB2  . GLU A 1 17 ? 7.443   3.197   -9.678  1.00 13.51 ? 17  GLU A HB2  1 
ATOM   302 H HB3  . GLU A 1 17 ? 8.814   3.921   -10.016 1.00 13.51 ? 17  GLU A HB3  1 
ATOM   303 H HG2  . GLU A 1 17 ? 9.234   2.504   -11.721 1.00 13.82 ? 17  GLU A HG2  1 
ATOM   304 H HG3  . GLU A 1 17 ? 8.061   1.530   -11.276 1.00 13.82 ? 17  GLU A HG3  1 
ATOM   305 N N    . ASP A 1 18 ? 10.929  0.705   -9.344  1.00 14.25 ? 18  ASP A N    1 
ATOM   306 C CA   . ASP A 1 18 ? 12.301  0.396   -9.748  1.00 14.72 ? 18  ASP A CA   1 
ATOM   307 C C    . ASP A 1 18 ? 12.230  -0.235  -11.125 1.00 14.77 ? 18  ASP A C    1 
ATOM   308 O O    . ASP A 1 18 ? 12.200  -1.451  -11.263 1.00 14.88 ? 18  ASP A O    1 
ATOM   309 C CB   . ASP A 1 18 ? 13.014  -0.541  -8.766  1.00 15.07 ? 18  ASP A CB   1 
ATOM   310 C CG   . ASP A 1 18 ? 14.463  -0.819  -9.172  1.00 15.61 ? 18  ASP A CG   1 
ATOM   311 O OD1  . ASP A 1 18 ? 15.076  0.032   -9.851  1.00 15.78 ? 18  ASP A OD1  1 
ATOM   312 O OD2  . ASP A 1 18 ? 14.995  -1.892  -8.817  1.00 15.95 ? 18  ASP A OD2  1 
ATOM   313 H H    . ASP A 1 18 ? 10.435  0.011   -9.224  1.00 17.11 ? 18  ASP A H    1 
ATOM   314 H HA   . ASP A 1 18 ? 12.812  1.218   -9.813  1.00 17.66 ? 18  ASP A HA   1 
ATOM   315 H HB2  . ASP A 1 18 ? 13.021  -0.132  -7.886  1.00 18.09 ? 18  ASP A HB2  1 
ATOM   316 H HB3  . ASP A 1 18 ? 12.542  -1.388  -8.736  1.00 18.09 ? 18  ASP A HB3  1 
HETATM 317 N N    . ORN B 1 1  ? -10.687 3.019   13.626  1.00 7.49  1 1   ORN B N    1 
HETATM 318 C CA   . ORN B 1 1  ? -9.900  1.797   13.308  1.00 7.67  ? 1   ORN B CA   1 
HETATM 319 C CB   . ORN B 1 1  ? -10.723 0.856   12.437  1.00 7.83  ? 1   ORN B CB   1 
HETATM 320 C CG   . ORN B 1 1  ? -11.888 0.195   13.161  1.00 8.03  ? 1   ORN B CG   1 
HETATM 321 C CD   . ORN B 1 1  ? -11.463 -0.982  14.026  1.00 8.30  ? 1   ORN B CD   1 
HETATM 322 N NE   . ORN B 1 1  ? -10.775 -1.968  13.253  1.00 8.43  ? 1   ORN B NE   1 
HETATM 323 C C    . ORN B 1 1  ? -8.614  2.127   12.531  1.00 7.54  ? 1   ORN B C    1 
HETATM 324 O O    . ORN B 1 1  ? -8.534  3.120   11.819  1.00 7.33  ? 1   ORN B O    1 
HETATM 325 H H1   . ORN B 1 1  ? -10.115 3.784   13.993  1.00 8.98  1 1   ORN B H1   1 
HETATM 326 H H2   . ORN B 1 1  ? -11.173 3.409   12.816  1.00 8.98  1 1   ORN B H2   1 
HETATM 327 H H3   . ORN B 1 1  ? -11.413 2.862   14.329  1.00 8.98  1 1   ORN B H3   1 
HETATM 328 H HA   . ORN B 1 1  ? -9.614  1.355   14.267  1.00 9.21  ? 1   ORN B HA   1 
HETATM 329 H HB2  . ORN B 1 1  ? -11.115 1.401   11.568  1.00 9.39  ? 1   ORN B HB2  1 
HETATM 330 H HB3  . ORN B 1 1  ? -10.056 0.048   12.107  1.00 9.39  ? 1   ORN B HB3  1 
HETATM 331 H HG2  . ORN B 1 1  ? -12.608 -0.162  12.417  1.00 9.64  ? 1   ORN B HG2  1 
HETATM 332 H HG3  . ORN B 1 1  ? -12.379 0.943   13.793  1.00 9.64  ? 1   ORN B HG3  1 
HETATM 333 H HD2  . ORN B 1 1  ? -10.797 -0.620  14.815  1.00 9.96  ? 1   ORN B HD2  1 
HETATM 334 H HD3  . ORN B 1 1  ? -12.359 -1.441  14.455  1.00 9.96  ? 1   ORN B HD3  1 
HETATM 335 H HE1  . ORN B 1 1  ? -11.372 -2.624  12.754  1.00 10.12 ? 1   ORN B HE1  1 
ATOM   336 N N    . GLN B 1 2  ? -7.588  1.228   12.672  1.00 7.70  ? 2   GLN B N    1 
ATOM   337 C CA   . GLN B 1 2  ? -6.344  1.377   11.949  1.00 7.62  ? 2   GLN B CA   1 
ATOM   338 C C    . GLN B 1 2  ? -6.660  0.931   10.540  1.00 7.65  ? 2   GLN B C    1 
ATOM   339 O O    . GLN B 1 2  ? -7.436  -0.009  10.357  1.00 7.83  ? 2   GLN B O    1 
ATOM   340 C CB   . GLN B 1 2  ? -5.228  0.542   12.571  1.00 7.81  ? 2   GLN B CB   1 
ATOM   341 C CG   . GLN B 1 2  ? -4.803  1.023   13.934  1.00 7.77  ? 2   GLN B CG   1 
ATOM   342 C CD   . GLN B 1 2  ? -3.865  0.064   14.639  1.00 7.98  ? 2   GLN B CD   1 
ATOM   343 O OE1  . GLN B 1 2  ? -4.092  -1.143  14.658  1.00 8.23  ? 2   GLN B OE1  1 
ATOM   344 N NE2  . GLN B 1 2  ? -2.808  0.603   15.234  1.00 7.90  ? 2   GLN B NE2  1 
ATOM   345 H H    . GLN B 1 2  ? -7.635  0.511   13.144  1.00 9.24  ? 2   GLN B H    1 
ATOM   346 H HA   . GLN B 1 2  ? -6.075  2.309   11.935  1.00 9.15  ? 2   GLN B HA   1 
ATOM   347 H HB2  . GLN B 1 2  ? -5.536  -0.373  12.661  1.00 9.37  ? 2   GLN B HB2  1 
ATOM   348 H HB3  . GLN B 1 2  ? -4.453  0.573   11.989  1.00 9.37  ? 2   GLN B HB3  1 
ATOM   349 H HG2  . GLN B 1 2  ? -4.346  1.873   13.839  1.00 9.32  ? 2   GLN B HG2  1 
ATOM   350 H HG3  . GLN B 1 2  ? -5.591  1.132   14.489  1.00 9.32  ? 2   GLN B HG3  1 
ATOM   351 H HE21 . GLN B 1 2  ? -2.686  1.453   15.206  1.00 9.48  ? 2   GLN B HE21 1 
ATOM   352 H HE22 . GLN B 1 2  ? -2.245  0.101   15.648  1.00 9.48  ? 2   GLN B HE22 1 
ATOM   353 N N    . LYS B 1 3  ? -6.082  1.599   9.550   1.00 8.09  ? 3   LYS B N    1 
ATOM   354 C CA   . LYS B 1 3  ? -6.396  1.316   8.157   1.00 8.09  ? 3   LYS B CA   1 
ATOM   355 C C    . LYS B 1 3  ? -5.136  1.071   7.347   1.00 8.11  ? 3   LYS B C    1 
ATOM   356 O O    . LYS B 1 3  ? -4.079  1.620   7.652   1.00 8.03  ? 3   LYS B O    1 
ATOM   357 C CB   . LYS B 1 3  ? -7.179  2.468   7.542   1.00 7.86  ? 3   LYS B CB   1 
ATOM   358 C CG   . LYS B 1 3  ? -8.341  2.945   8.367   1.00 7.81  ? 3   LYS B CG   1 
ATOM   359 C CD   . LYS B 1 3  ? -9.059  4.032   7.611   1.00 7.60  ? 3   LYS B CD   1 
ATOM   360 C CE   . LYS B 1 3  ? -10.244 4.565   8.369   1.00 7.56  ? 3   LYS B CE   1 
ATOM   361 N NZ   . LYS B 1 3  ? -9.866  5.127   9.686   1.00 7.52  ? 3   LYS B NZ   1 
ATOM   362 H H    . LYS B 1 3  ? -5.503  2.226   9.660   1.00 9.71  ? 3   LYS B H    1 
ATOM   363 H HA   . LYS B 1 3  ? -6.946  0.518   8.111   1.00 9.71  ? 3   LYS B HA   1 
ATOM   364 H HB2  . LYS B 1 3  ? -6.577  3.220   7.419   1.00 9.43  ? 3   LYS B HB2  1 
ATOM   365 H HB3  . LYS B 1 3  ? -7.525  2.183   6.682   1.00 9.43  ? 3   LYS B HB3  1 
ATOM   366 H HG2  . LYS B 1 3  ? -8.957  2.212   8.520   1.00 9.37  ? 3   LYS B HG2  1 
ATOM   367 H HG3  . LYS B 1 3  ? -8.021  3.308   9.207   1.00 9.37  ? 3   LYS B HG3  1 
ATOM   368 H HD2  . LYS B 1 3  ? -8.447  4.767   7.454   1.00 9.12  ? 3   LYS B HD2  1 
ATOM   369 H HD3  . LYS B 1 3  ? -9.376  3.675   6.767   1.00 9.12  ? 3   LYS B HD3  1 
ATOM   370 H HE2  . LYS B 1 3  ? -10.662 5.269   7.850   1.00 9.07  ? 3   LYS B HE2  1 
ATOM   371 H HE3  . LYS B 1 3  ? -10.874 3.842   8.519   1.00 9.07  ? 3   LYS B HE3  1 
ATOM   372 H HZ1  . LYS B 1 3  ? -10.590 5.432   10.105  1.00 9.02  ? 3   LYS B HZ1  1 
ATOM   373 H HZ2  . LYS B 1 3  ? -9.485  4.497   10.186  1.00 9.02  ? 3   LYS B HZ2  1 
ATOM   374 H HZ3  . LYS B 1 3  ? -9.292  5.797   9.577   1.00 9.02  ? 3   LYS B HZ3  1 
ATOM   375 N N    . LEU B 1 4  ? -5.268  0.251   6.304   1.00 7.62  ? 4   LEU B N    1 
ATOM   376 C CA   . LEU B 1 4  ? -4.139  -0.087  5.450   1.00 7.67  ? 4   LEU B CA   1 
ATOM   377 C C    . LEU B 1 4  ? -4.594  -0.490  4.045   1.00 7.70  ? 4   LEU B C    1 
ATOM   378 O O    . LEU B 1 4  ? -5.495  -1.306  3.885   1.00 7.84  ? 4   LEU B O    1 
ATOM   379 C CB   . LEU B 1 4  ? -3.329  -1.214  6.084   1.00 7.93  ? 4   LEU B CB   1 
ATOM   380 C CG   . LEU B 1 4  ? -2.053  -1.665  5.375   1.00 8.03  ? 4   LEU B CG   1 
ATOM   381 C CD1  . LEU B 1 4  ? -1.009  -0.576  5.380   1.00 7.84  ? 4   LEU B CD1  1 
ATOM   382 C CD2  . LEU B 1 4  ? -1.515  -2.906  6.051   1.00 8.32  ? 4   LEU B CD2  1 
ATOM   383 H H    . LEU B 1 4  ? -6.007  -0.123  6.072   1.00 9.14  ? 4   LEU B H    1 
ATOM   384 H HA   . LEU B 1 4  ? -3.562  0.689   5.368   1.00 9.21  ? 4   LEU B HA   1 
ATOM   385 H HB2  . LEU B 1 4  ? -3.071  -0.932  6.975   1.00 9.51  ? 4   LEU B HB2  1 
ATOM   386 H HB3  . LEU B 1 4  ? -3.904  -1.992  6.153   1.00 9.51  ? 4   LEU B HB3  1 
ATOM   387 H HG   . LEU B 1 4  ? -2.260  -1.886  4.454   1.00 9.63  ? 4   LEU B HG   1 
ATOM   388 H HD11 . LEU B 1 4  ? -1.363  0.203   4.921   1.00 9.41  ? 4   LEU B HD11 1 
ATOM   389 H HD12 . LEU B 1 4  ? -0.793  -0.350  6.298   1.00 9.41  ? 4   LEU B HD12 1 
ATOM   390 H HD13 . LEU B 1 4  ? -0.216  -0.897  4.923   1.00 9.41  ? 4   LEU B HD13 1 
ATOM   391 H HD21 . LEU B 1 4  ? -2.183  -3.607  6.002   1.00 9.98  ? 4   LEU B HD21 1 
ATOM   392 H HD22 . LEU B 1 4  ? -0.705  -3.187  5.596   1.00 9.98  ? 4   LEU B HD22 1 
ATOM   393 H HD23 . LEU B 1 4  ? -1.319  -2.700  6.978   1.00 9.98  ? 4   LEU B HD23 1 
ATOM   394 N N    . VAL B 1 5  ? -3.953  0.101   3.043   1.00 7.57  ? 5   VAL B N    1 
ATOM   395 C CA   . VAL B 1 5  ? -4.158  -0.235  1.635   1.00 7.59  ? 5   VAL B CA   1 
ATOM   396 C C    . VAL B 1 5  ? -2.785  -0.337  0.975   1.00 7.63  ? 5   VAL B C    1 
ATOM   397 O O    . VAL B 1 5  ? -1.881  0.427   1.293   1.00 7.53  ? 5   VAL B O    1 
ATOM   398 C CB   . VAL B 1 5  ? -5.024  0.830   0.913   1.00 7.35  ? 5   VAL B CB   1 
ATOM   399 C CG1  . VAL B 1 5  ? -4.803  0.809   -0.603  1.00 7.32  ? 5   VAL B CG1  1 
ATOM   400 C CG2  . VAL B 1 5  ? -6.485  0.641   1.251   1.00 7.37  ? 5   VAL B CG2  1 
ATOM   401 H H    . VAL B 1 5  ? -3.371  0.725   3.158   1.00 9.08  ? 5   VAL B H    1 
ATOM   402 H HA   . VAL B 1 5  ? -4.600  -1.095  1.566   1.00 9.11  ? 5   VAL B HA   1 
ATOM   403 H HB   . VAL B 1 5  ? -4.762  1.707   1.233   1.00 8.82  ? 5   VAL B HB   1 
ATOM   404 H HG11 . VAL B 1 5  ? -3.869  0.994   -0.789  1.00 8.79  ? 5   VAL B HG11 1 
ATOM   405 H HG12 . VAL B 1 5  ? -5.363  1.487   -1.013  1.00 8.79  ? 5   VAL B HG12 1 
ATOM   406 H HG13 . VAL B 1 5  ? -5.041  -0.067  -0.945  1.00 8.79  ? 5   VAL B HG13 1 
ATOM   407 H HG21 . VAL B 1 5  ? -6.816  1.448   1.677   1.00 8.84  ? 5   VAL B HG21 1 
ATOM   408 H HG22 . VAL B 1 5  ? -6.575  -0.112  1.855   1.00 8.84  ? 5   VAL B HG22 1 
ATOM   409 H HG23 . VAL B 1 5  ? -6.979  0.472   0.434   1.00 8.84  ? 5   VAL B HG23 1 
ATOM   410 N N    . PHE B 1 6  ? -2.619  -1.293  0.072   1.00 8.27  ? 6   PHE B N    1 
ATOM   411 C CA   . PHE B 1 6  ? -1.349  -1.452  -0.616  1.00 8.34  ? 6   PHE B CA   1 
ATOM   412 C C    . PHE B 1 6  ? -1.585  -2.009  -2.008  1.00 8.41  ? 6   PHE B C    1 
ATOM   413 O O    . PHE B 1 6  ? -2.496  -2.797  -2.210  1.00 8.53  ? 6   PHE B O    1 
ATOM   414 C CB   . PHE B 1 6  ? -0.430  -2.372  0.177   1.00 8.58  ? 6   PHE B CB   1 
ATOM   415 C CG   . PHE B 1 6  ? -0.995  -3.747  0.385   1.00 8.84  ? 6   PHE B CG   1 
ATOM   416 C CD1  . PHE B 1 6  ? -1.975  -3.973  1.341   1.00 8.87  ? 6   PHE B CD1  1 
ATOM   417 C CD2  . PHE B 1 6  ? -0.561  -4.806  -0.380  1.00 9.07  ? 6   PHE B CD2  1 
ATOM   418 C CE1  . PHE B 1 6  ? -2.506  -5.233  1.528   1.00 9.13  ? 6   PHE B CE1  1 
ATOM   419 C CE2  . PHE B 1 6  ? -1.079  -6.066  -0.197  1.00 9.33  ? 6   PHE B CE2  1 
ATOM   420 C CZ   . PHE B 1 6  ? -2.057  -6.282  0.758   1.00 9.36  ? 6   PHE B CZ   1 
ATOM   421 H H    . PHE B 1 6  ? -3.223  -1.859  -0.159  1.00 9.93  ? 6   PHE B H    1 
ATOM   422 H HA   . PHE B 1 6  ? -0.917  -0.587  -0.701  1.00 10.01 ? 6   PHE B HA   1 
ATOM   423 H HB2  . PHE B 1 6  ? 0.410   -2.465  -0.301  1.00 10.29 ? 6   PHE B HB2  1 
ATOM   424 H HB3  . PHE B 1 6  ? -0.271  -1.981  1.051   1.00 10.29 ? 6   PHE B HB3  1 
ATOM   425 H HD1  . PHE B 1 6  ? -2.281  -3.264  1.861   1.00 10.65 ? 6   PHE B HD1  1 
ATOM   426 H HD2  . PHE B 1 6  ? 0.095   -4.669  -1.025  1.00 10.89 ? 6   PHE B HD2  1 
ATOM   427 H HE1  . PHE B 1 6  ? -3.159  -5.374  2.173   1.00 10.96 ? 6   PHE B HE1  1 
ATOM   428 H HE2  . PHE B 1 6  ? -0.775  -6.773  -0.720  1.00 11.19 ? 6   PHE B HE2  1 
ATOM   429 H HZ   . PHE B 1 6  ? -2.408  -7.134  0.882   1.00 11.23 ? 6   PHE B HZ   1 
HETATM 430 N N    . PHI B 1 7  ? -0.772  -1.578  -2.965  1.00 8.28  ? 7   PHI B N    1 
HETATM 431 C CA   . PHI B 1 7  ? -0.817  -2.080  -4.336  1.00 9.35  ? 7   PHI B CA   1 
HETATM 432 C CB   . PHI B 1 7  ? -1.369  -1.048  -5.354  1.00 13.10 ? 7   PHI B CB   1 
HETATM 433 C CG   . PHI B 1 7  ? -2.740  -0.423  -4.981  1.00 13.09 ? 7   PHI B CG   1 
HETATM 434 C CD1  . PHI B 1 7  ? -3.930  -0.848  -5.699  1.00 15.39 ? 7   PHI B CD1  1 
HETATM 435 C CD2  . PHI B 1 7  ? -2.828  0.556   -4.023  1.00 15.91 ? 7   PHI B CD2  1 
HETATM 436 C CE1  . PHI B 1 7  ? -5.134  -0.299  -5.402  1.00 16.00 ? 7   PHI B CE1  1 
HETATM 437 C CE2  . PHI B 1 7  ? -4.043  1.110   -3.728  1.00 17.70 ? 7   PHI B CE2  1 
HETATM 438 C CZ   . PHI B 1 7  ? -5.220  0.672   -4.433  1.00 18.40 ? 7   PHI B CZ   1 
HETATM 439 I I    . PHI B 1 7  ? -7.101  1.517   -3.988  1.00 28.55 ? 7   PHI B I    1 
HETATM 440 C C    . PHI B 1 7  ? 0.576   -2.355  -4.771  1.00 8.08  ? 7   PHI B C    1 
HETATM 441 O O    . PHI B 1 7  ? 1.524   -1.557  -4.462  1.00 6.80  ? 7   PHI B O    1 
HETATM 442 H H    . PHI B 1 7  ? -0.100  -0.922  -2.866  1.00 9.94  ? 7   PHI B H    1 
HETATM 443 H HA   . PHI B 1 7  ? -1.340  -2.892  -4.373  1.00 11.22 ? 7   PHI B HA   1 
HETATM 444 H HB2  . PHI B 1 7  ? -1.462  -1.478  -6.170  1.00 15.72 ? 7   PHI B HB2  1 
HETATM 445 H HB3  . PHI B 1 7  ? -0.728  -0.344  -5.450  1.00 15.72 ? 7   PHI B HB3  1 
HETATM 446 H HD1  . PHI B 1 7  ? -3.867  -1.526  -6.376  1.00 18.46 ? 7   PHI B HD1  1 
HETATM 447 H HD2  . PHI B 1 7  ? -1.983  0.866   -3.522  1.00 19.10 ? 7   PHI B HD2  1 
HETATM 448 H HE1  . PHI B 1 7  ? -5.958  -0.598  -5.890  1.00 19.20 ? 7   PHI B HE1  1 
HETATM 449 H HE2  . PHI B 1 7  ? -4.116  1.848   -2.990  1.00 21.24 ? 7   PHI B HE2  1 
ATOM   450 N N    . ALA B 1 8  ? 0.776   -3.446  -5.489  1.00 8.94  ? 8   ALA B N    1 
ATOM   451 C CA   . ALA B 1 8  ? 2.092   -3.736  -6.023  1.00 9.20  ? 8   ALA B CA   1 
ATOM   452 C C    . ALA B 1 8  ? 1.950   -4.446  -7.348  1.00 9.28  ? 8   ALA B C    1 
ATOM   453 O O    . ALA B 1 8  ? 0.955   -5.113  -7.605  1.00 9.24  ? 8   ALA B O    1 
ATOM   454 C CB   . ALA B 1 8  ? 2.900   -4.568  -5.055  1.00 9.53  ? 8   ALA B CB   1 
ATOM   455 H H    . ALA B 1 8  ? 0.174   -4.028  -5.681  1.00 10.73 ? 8   ALA B H    1 
ATOM   456 H HA   . ALA B 1 8  ? 2.565   -2.904  -6.176  1.00 11.04 ? 8   ALA B HA   1 
ATOM   457 H HB1  . ALA B 1 8  ? 2.999   -4.076  -4.224  1.00 11.44 ? 8   ALA B HB1  1 
ATOM   458 H HB2  . ALA B 1 8  ? 2.435   -5.402  -4.892  1.00 11.44 ? 8   ALA B HB2  1 
ATOM   459 H HB3  . ALA B 1 8  ? 3.772   -4.743  -5.441  1.00 11.44 ? 8   ALA B HB3  1 
ATOM   460 N N    . GLU B 1 9  ? 2.952   -4.273  -8.191  1.00 9.61  ? 9   GLU B N    1 
ATOM   461 C CA   . GLU B 1 9  ? 2.971   -4.908  -9.495  1.00 9.64  ? 9   GLU B CA   1 
ATOM   462 C C    . GLU B 1 9  ? 4.375   -5.381  -9.815  1.00 10.04 ? 9   GLU B C    1 
ATOM   463 O O    . GLU B 1 9  ? 5.345   -4.646  -9.651  1.00 10.08 ? 9   GLU B O    1 
ATOM   464 C CB   . GLU B 1 9  ? 2.478   -3.952  -10.579 1.00 9.47  ? 9   GLU B CB   1 
ATOM   465 C CG   . GLU B 1 9  ? 2.455   -4.559  -11.972 1.00 9.75  ? 9   GLU B CG   1 
ATOM   466 C CD   . GLU B 1 9  ? 2.114   -3.551  -13.053 1.00 9.70  ? 9   GLU B CD   1 
ATOM   467 O OE1  . GLU B 1 9  ? 0.921   -3.222  -13.196 1.00 9.51  ? 9   GLU B OE1  1 
ATOM   468 O OE2  . GLU B 1 9  ? 3.038   -3.101  -13.765 1.00 9.90  ? 9   GLU B OE2  1 
ATOM   469 H H    . GLU B 1 9  ? 3.642   -3.785  -8.029  1.00 11.53 ? 9   GLU B H    1 
ATOM   470 H HA   . GLU B 1 9  ? 2.386   -5.682  -9.483  1.00 11.57 ? 9   GLU B HA   1 
ATOM   471 H HB2  . GLU B 1 9  ? 1.574   -3.675  -10.363 1.00 11.37 ? 9   GLU B HB2  1 
ATOM   472 H HB3  . GLU B 1 9  ? 3.063   -3.178  -10.603 1.00 11.37 ? 9   GLU B HB3  1 
ATOM   473 H HG2  . GLU B 1 9  ? 3.331   -4.924  -12.170 1.00 11.71 ? 9   GLU B HG2  1 
ATOM   474 H HG3  . GLU B 1 9  ? 1.789   -5.263  -11.999 1.00 11.71 ? 9   GLU B HG3  1 
ATOM   475 N N    . ASP B 1 10 ? 4.452   -6.624  -10.275 1.00 11.17 ? 10  ASP B N    1 
ATOM   476 C CA   . ASP B 1 10 ? 5.689   -7.260  -10.685 1.00 11.54 ? 10  ASP B CA   1 
ATOM   477 C C    . ASP B 1 10 ? 5.358   -8.011  -11.957 1.00 11.57 ? 10  ASP B C    1 
ATOM   478 O O    . ASP B 1 10 ? 4.884   -9.136  -11.908 1.00 11.74 ? 10  ASP B O    1 
ATOM   479 C CB   . ASP B 1 10 ? 6.204   -8.198  -9.592  1.00 12.11 ? 10  ASP B CB   1 
ATOM   480 C CG   . ASP B 1 10 ? 7.464   -8.939  -9.983  1.00 12.61 ? 10  ASP B CG   1 
ATOM   481 O OD1  . ASP B 1 10 ? 8.301   -8.382  -10.729 1.00 12.70 ? 10  ASP B OD1  1 
ATOM   482 O OD2  . ASP B 1 10 ? 7.620   -10.093 -9.524  1.00 12.89 ? 10  ASP B OD2  1 
ATOM   483 H H    . ASP B 1 10 ? 3.768   -7.137  -10.362 1.00 13.40 ? 10  ASP B H    1 
ATOM   484 H HA   . ASP B 1 10 ? 6.363   -6.590  -10.877 1.00 13.85 ? 10  ASP B HA   1 
ATOM   485 H HB2  . ASP B 1 10 ? 6.400   -7.676  -8.798  1.00 14.53 ? 10  ASP B HB2  1 
ATOM   486 H HB3  . ASP B 1 10 ? 5.521   -8.857  -9.395  1.00 14.53 ? 10  ASP B HB3  1 
HETATM 487 N N    . ORN B 1 11 ? 1.398   -8.817  -15.890 1.00 13.21 1 11  ORN B N    1 
HETATM 488 C CA   . ORN B 1 11 ? 2.257   -8.884  -14.683 1.00 12.64 ? 11  ORN B CA   1 
HETATM 489 C CB   . ORN B 1 11 ? 2.837   -7.518  -14.368 1.00 12.17 ? 11  ORN B CB   1 
HETATM 490 C CG   . ORN B 1 11 ? 4.123   -7.235  -15.105 1.00 12.34 ? 11  ORN B CG   1 
HETATM 491 C CD   . ORN B 1 11 ? 5.291   -7.919  -14.422 1.00 12.58 ? 11  ORN B CD   1 
HETATM 492 N NE   . ORN B 1 11 ? 5.568   -7.327  -13.130 1.00 12.36 ? 11  ORN B NE   1 
HETATM 493 C C    . ORN B 1 11 ? 1.488   -9.357  -13.467 1.00 12.52 ? 11  ORN B C    1 
HETATM 494 O O    . ORN B 1 11 ? 0.261   -9.407  -13.449 1.00 12.71 ? 11  ORN B O    1 
HETATM 495 H H1   . ORN B 1 11 ? 0.758   -8.018  -15.889 1.00 15.86 1 11  ORN B H1   1 
HETATM 496 H H2   . ORN B 1 11 ? 1.930   -8.736  -16.760 1.00 15.86 1 11  ORN B H2   1 
HETATM 497 H H    . ORN B 1 11 ? 0.805   -9.641  -16.011 1.00 15.86 1 11  ORN B H    1 
HETATM 498 H HA   . ORN B 1 11 ? 3.027   -9.630  -14.899 1.00 15.17 ? 11  ORN B HA   1 
HETATM 499 H HB2  . ORN B 1 11 ? 2.108   -6.730  -14.604 1.00 14.61 ? 11  ORN B HB2  1 
HETATM 500 H HB3  . ORN B 1 11 ? 3.080   -7.502  -13.295 1.00 14.61 ? 11  ORN B HB3  1 
HETATM 501 H HG2  . ORN B 1 11 ? 4.301   -6.154  -15.116 1.00 14.81 ? 11  ORN B HG2  1 
HETATM 502 H HG3  . ORN B 1 11 ? 4.039   -7.597  -16.136 1.00 14.81 ? 11  ORN B HG3  1 
HETATM 503 H HD2  . ORN B 1 11 ? 5.049   -8.977  -14.284 1.00 15.10 ? 11  ORN B HD2  1 
HETATM 504 H HD3  . ORN B 1 11 ? 6.177   -7.804  -15.052 1.00 15.10 ? 11  ORN B HD3  1 
HETATM 505 H HE1  . ORN B 1 11 ? 5.954   -6.385  -13.151 1.00 14.83 ? 11  ORN B HE1  1 
ATOM   506 N N    . GLN B 1 12 ? 2.261   -9.720  -12.395 1.00 13.03 ? 12  GLN B N    1 
ATOM   507 C CA   . GLN B 1 12 ? 1.659   -10.163 -11.149 1.00 12.95 ? 12  GLN B CA   1 
ATOM   508 C C    . GLN B 1 12 ? 1.284   -8.922  -10.366 1.00 12.55 ? 12  GLN B C    1 
ATOM   509 O O    . GLN B 1 12 ? 2.068   -7.977  -10.288 1.00 12.47 ? 12  GLN B O    1 
ATOM   510 C CB   . GLN B 1 12 ? 2.611   -11.040 -10.339 1.00 13.30 ? 12  GLN B CB   1 
ATOM   511 C CG   . GLN B 1 12 ? 2.025   -11.540 -9.029  1.00 13.34 ? 12  GLN B CG   1 
ATOM   512 C CD   . GLN B 1 12 ? 3.065   -12.174 -8.132  1.00 13.79 ? 12  GLN B CD   1 
ATOM   513 O OE1  . GLN B 1 12 ? 4.114   -12.604 -8.598  1.00 14.13 ? 12  GLN B OE1  1 
ATOM   514 N NE2  . GLN B 1 12 ? 2.780   -12.231 -6.839  1.00 13.90 ? 12  GLN B NE2  1 
ATOM   515 H H    . GLN B 1 12 ? 3.120   -9.681  -12.378 1.00 15.64 ? 12  GLN B H    1 
ATOM   516 H HA   . GLN B 1 12 ? 0.853   -10.669 -11.337 1.00 15.54 ? 12  GLN B HA   1 
ATOM   517 H HB2  . GLN B 1 12 ? 2.850   -11.816 -10.870 1.00 15.96 ? 12  GLN B HB2  1 
ATOM   518 H HB3  . GLN B 1 12 ? 3.407   -10.528 -10.130 1.00 15.96 ? 12  GLN B HB3  1 
ATOM   519 H HG2  . GLN B 1 12 ? 1.633   -10.791 -8.552  1.00 16.00 ? 12  GLN B HG2  1 
ATOM   520 H HG3  . GLN B 1 12 ? 1.345   -12.206 -9.220  1.00 16.00 ? 12  GLN B HG3  1 
ATOM   521 H HE21 . GLN B 1 12 ? 3.341   -12.583 -6.290  1.00 16.68 ? 12  GLN B HE21 1 
ATOM   522 H HE22 . GLN B 1 12 ? 2.033   -11.917 -6.549  1.00 16.68 ? 12  GLN B HE22 1 
ATOM   523 N N    . LYS B 1 13 ? 0.086   -8.925  -9.801  1.00 10.33 ? 13  LYS B N    1 
ATOM   524 C CA   . LYS B 1 13 ? -0.363  -7.826  -8.958  1.00 9.82  ? 13  LYS B CA   1 
ATOM   525 C C    . LYS B 1 13 ? -0.649  -8.334  -7.556  1.00 9.84  ? 13  LYS B C    1 
ATOM   526 O O    . LYS B 1 13 ? -1.055  -9.471  -7.374  1.00 10.17 ? 13  LYS B O    1 
ATOM   527 C CB   . LYS B 1 13 ? -1.596  -7.166  -9.566  1.00 9.52  ? 13  LYS B CB   1 
ATOM   528 C CG   . LYS B 1 13 ? -1.347  -6.625  -10.962 1.00 9.58  ? 13  LYS B CG   1 
ATOM   529 C CD   . LYS B 1 13 ? -2.439  -5.676  -11.416 1.00 9.31  ? 13  LYS B CD   1 
ATOM   530 C CE   . LYS B 1 13 ? -1.856  -4.549  -12.234 1.00 9.26  ? 13  LYS B CE   1 
ATOM   531 N NZ   . LYS B 1 13 ? -1.092  -3.616  -11.371 1.00 9.03  ? 13  LYS B NZ   1 
ATOM   532 H H    . LYS B 1 13 ? -0.491  -9.557  -9.888  1.00 12.39 ? 13  LYS B H    1 
ATOM   533 H HA   . LYS B 1 13 ? 0.340   -7.160  -8.901  1.00 11.78 ? 13  LYS B HA   1 
ATOM   534 H HB2  . LYS B 1 13 ? -2.309  -7.822  -9.621  1.00 11.43 ? 13  LYS B HB2  1 
ATOM   535 H HB3  . LYS B 1 13 ? -1.868  -6.426  -9.002  1.00 11.43 ? 13  LYS B HB3  1 
ATOM   536 H HG2  . LYS B 1 13 ? -0.506  -6.143  -10.970 1.00 11.50 ? 13  LYS B HG2  1 
ATOM   537 H HG3  . LYS B 1 13 ? -1.312  -7.367  -11.587 1.00 11.50 ? 13  LYS B HG3  1 
ATOM   538 H HD2  . LYS B 1 13 ? -3.076  -6.157  -11.968 1.00 11.17 ? 13  LYS B HD2  1 
ATOM   539 H HD3  . LYS B 1 13 ? -2.881  -5.297  -10.641 1.00 11.17 ? 13  LYS B HD3  1 
ATOM   540 H HE2  . LYS B 1 13 ? -1.252  -4.912  -12.901 1.00 11.11 ? 13  LYS B HE2  1 
ATOM   541 H HE3  . LYS B 1 13 ? -2.573  -4.054  -12.660 1.00 11.11 ? 13  LYS B HE3  1 
ATOM   542 H HZ1  . LYS B 1 13 ? -1.628  -3.268  -10.750 1.00 10.84 ? 13  LYS B HZ1  1 
ATOM   543 H HZ2  . LYS B 1 13 ? -0.426  -4.048  -10.970 1.00 10.84 ? 13  LYS B HZ2  1 
ATOM   544 H HZ3  . LYS B 1 13 ? -0.752  -2.955  -11.862 1.00 10.84 ? 13  LYS B HZ3  1 
ATOM   545 N N    . LEU B 1 14 ? -0.397  -7.488  -6.569  1.00 15.77 ? 14  LEU B N    1 
ATOM   546 C CA   . LEU B 1 14 ? -0.671  -7.802  -5.177  1.00 16.06 ? 14  LEU B CA   1 
ATOM   547 C C    . LEU B 1 14 ? -1.415  -6.616  -4.613  1.00 15.76 ? 14  LEU B C    1 
ATOM   548 O O    . LEU B 1 14 ? -0.828  -5.559  -4.408  1.00 15.62 ? 14  LEU B O    1 
ATOM   549 C CB   . LEU B 1 14 ? 0.625   -8.067  -4.406  1.00 16.89 ? 14  LEU B CB   1 
ATOM   550 C CG   . LEU B 1 14 ? 0.578   -7.944  -2.878  1.00 17.08 ? 14  LEU B CG   1 
ATOM   551 C CD1  . LEU B 1 14 ? -0.400  -8.951  -2.267  1.00 16.94 ? 14  LEU B CD1  1 
ATOM   552 C CD2  . LEU B 1 14 ? 1.976   -8.108  -2.282  1.00 18.02 ? 14  LEU B CD2  1 
ATOM   553 H H    . LEU B 1 14 ? -0.059  -6.705  -6.684  1.00 18.92 ? 14  LEU B H    1 
ATOM   554 H HA   . LEU B 1 14 ? -1.238  -8.587  -5.120  1.00 19.27 ? 14  LEU B HA   1 
ATOM   555 H HB2  . LEU B 1 14 ? 0.916   -8.969  -4.609  1.00 20.26 ? 14  LEU B HB2  1 
ATOM   556 H HB3  . LEU B 1 14 ? 1.294   -7.439  -4.720  1.00 20.26 ? 14  LEU B HB3  1 
ATOM   557 H HG   . LEU B 1 14 ? 0.265   -7.055  -2.649  1.00 20.50 ? 14  LEU B HG   1 
ATOM   558 H HD11 . LEU B 1 14 ? -0.402  -8.843  -1.303  1.00 20.33 ? 14  LEU B HD11 1 
ATOM   559 H HD12 . LEU B 1 14 ? -1.287  -8.782  -2.621  1.00 20.33 ? 14  LEU B HD12 1 
ATOM   560 H HD13 . LEU B 1 14 ? -0.115  -9.848  -2.500  1.00 20.33 ? 14  LEU B HD13 1 
ATOM   561 H HD21 . LEU B 1 14 ? 2.554   -7.416  -2.640  1.00 21.62 ? 14  LEU B HD21 1 
ATOM   562 H HD22 . LEU B 1 14 ? 1.920   -8.026  -1.317  1.00 21.62 ? 14  LEU B HD22 1 
ATOM   563 H HD23 . LEU B 1 14 ? 2.320   -8.983  -2.521  1.00 21.62 ? 14  LEU B HD23 1 
ATOM   564 N N    . VAL B 1 15 ? -2.712  -6.785  -4.385  1.00 9.12  ? 15  VAL B N    1 
ATOM   565 C CA   . VAL B 1 15 ? -3.590  -5.653  -4.147  1.00 8.77  ? 15  VAL B CA   1 
ATOM   566 C C    . VAL B 1 15 ? -4.644  -5.886  -3.077  1.00 8.77  ? 15  VAL B C    1 
ATOM   567 O O    . VAL B 1 15 ? -5.536  -6.713  -3.248  1.00 8.86  ? 15  VAL B O    1 
ATOM   568 C CB   . VAL B 1 15 ? -4.343  -5.272  -5.447  1.00 8.59  ? 15  VAL B CB   1 
ATOM   569 C CG1  . VAL B 1 15 ? -5.268  -4.098  -5.222  1.00 8.31  ? 15  VAL B CG1  1 
ATOM   570 C CG2  . VAL B 1 15 ? -3.376  -4.972  -6.586  1.00 8.63  ? 15  VAL B CG2  1 
ATOM   571 H H    . VAL B 1 15 ? -3.107  -7.548  -4.363  1.00 10.94 ? 15  VAL B H    1 
ATOM   572 H HA   . VAL B 1 15 ? -3.053  -4.891  -3.878  1.00 10.52 ? 15  VAL B HA   1 
ATOM   573 H HB   . VAL B 1 15 ? -4.889  -6.027  -5.720  1.00 10.30 ? 15  VAL B HB   1 
ATOM   574 H HG11 . VAL B 1 15 ? -5.721  -3.889  -6.055  1.00 9.98  ? 15  VAL B HG11 1 
ATOM   575 H HG12 . VAL B 1 15 ? -5.918  -4.336  -4.543  1.00 9.98  ? 15  VAL B HG12 1 
ATOM   576 H HG13 . VAL B 1 15 ? -4.746  -3.336  -4.928  1.00 9.98  ? 15  VAL B HG13 1 
ATOM   577 H HG21 . VAL B 1 15 ? -2.468  -5.081  -6.264  1.00 10.35 ? 15  VAL B HG21 1 
ATOM   578 H HG22 . VAL B 1 15 ? -3.545  -5.589  -7.315  1.00 10.35 ? 15  VAL B HG22 1 
ATOM   579 H HG23 . VAL B 1 15 ? -3.515  -4.059  -6.885  1.00 10.35 ? 15  VAL B HG23 1 
HETATM 580 N N    . HAO B 1 16 ? -4.567  -5.105  -1.950  1.00 10.25 ? 16  HAO B N    1 
HETATM 581 N N9   . HAO B 1 16 ? -5.522  -5.170  -0.971  1.00 10.16 ? 16  HAO B N9   1 
HETATM 582 C C10  . HAO B 1 16 ? -5.571  -4.250  0.100   1.00 10.11 ? 16  HAO B C10  1 
HETATM 583 O O11  . HAO B 1 16 ? -4.754  -3.359  0.271   1.00 10.11 ? 16  HAO B O11  1 
HETATM 584 C CA   . HAO B 1 16 ? -6.746  -4.351  1.024   1.00 10.11 ? 16  HAO B CA   1 
HETATM 585 C C13  . HAO B 1 16 ? -6.727  -3.635  2.192   1.00 10.25 ? 16  HAO B C13  1 
HETATM 586 C C14  . HAO B 1 16 ? -7.881  -5.077  0.648   1.00 10.02 ? 16  HAO B C14  1 
HETATM 587 C C15  . HAO B 1 16 ? -8.935  -6.640  -0.947  1.00 10.20 ? 16  HAO B C15  1 
HETATM 588 O O15  . HAO B 1 16 ? -7.883  -5.777  -0.569  1.00 10.02 ? 16  HAO B O15  1 
HETATM 589 C C17  . HAO B 1 16 ? -8.971  -5.102  1.509   1.00 10.06 ? 16  HAO B C17  1 
HETATM 590 C C18  . HAO B 1 16 ? -8.923  -4.401  2.688   1.00 10.20 ? 16  HAO B C18  1 
HETATM 591 C C19  . HAO B 1 16 ? -7.805  -3.680  3.024   1.00 10.31 ? 16  HAO B C19  1 
HETATM 592 N N20  . HAO B 1 16 ? -7.707  -2.943  4.214   1.00 10.58 ? 16  HAO B N20  1 
HETATM 593 C C21  . HAO B 1 16 ? -8.378  -3.338  5.382   1.00 10.89 ? 16  HAO B C21  1 
HETATM 594 O O22  . HAO B 1 16 ? -9.069  -4.331  5.442   1.00 10.90 ? 16  HAO B O22  1 
HETATM 595 C C    . HAO B 1 16 ? -8.215  -2.492  6.601   1.00 11.30 ? 16  HAO B C    1 
HETATM 596 H H2   . HAO B 1 16 ? -3.968  -4.439  -1.767  1.00 12.30 ? 16  HAO B H2   1 
HETATM 597 H H13  . HAO B 1 16 ? -5.938  -3.113  2.436   1.00 12.30 ? 16  HAO B H13  1 
HETATM 598 H H15  . HAO B 1 16 ? -9.608  -6.133  -1.452  1.00 12.23 ? 16  HAO B H15  1 
HETATM 599 H H15A . HAO B 1 16 ? -8.581  -7.361  -1.507  1.00 12.23 ? 16  HAO B H15A 1 
HETATM 600 H H15B . HAO B 1 16 ? -9.349  -7.022  -0.143  1.00 12.23 ? 16  HAO B H15B 1 
HETATM 601 O OXT  . HAO B 1 16 ? -7.223  -1.810  6.764   1.00 11.46 ? 16  HAO B OXT  1 
HETATM 602 H H17  . HAO B 1 16 ? -9.764  -5.623  1.281   1.00 12.07 ? 16  HAO B H17  1 
HETATM 603 H H18  . HAO B 1 16 ? -9.684  -4.426  3.299   1.00 12.24 ? 16  HAO B H18  1 
HETATM 604 H HN20 . HAO B 1 16 ? -7.199  -2.185  4.228   1.00 12.69 ? 16  HAO B HN20 1 
HETATM 605 H H10  . HAO B 1 16 ? -6.201  -5.773  -1.062  1.00 12.19 ? 16  HAO B H10  1 
ATOM   606 N N    . GLU B 1 17 ? -9.253  -2.543  7.490   1.00 13.15 ? 17  GLU B N    1 
ATOM   607 C CA   . GLU B 1 17 ? -9.210  -1.789  8.724   1.00 13.69 ? 17  GLU B CA   1 
ATOM   608 C C    . GLU B 1 17 ? -9.696  -2.692  9.839   1.00 13.88 ? 17  GLU B C    1 
ATOM   609 O O    . GLU B 1 17 ? -10.658 -3.444  9.675   1.00 13.60 ? 17  GLU B O    1 
ATOM   610 C CB   . GLU B 1 17 ? -10.042 -0.504  8.626   1.00 13.51 ? 17  GLU B CB   1 
ATOM   611 C CG   . GLU B 1 17 ? -11.528 -0.658  8.859   1.00 13.52 ? 17  GLU B CG   1 
ATOM   612 C CD   . GLU B 1 17 ? -12.294 0.626   8.589   1.00 13.16 ? 17  GLU B CD   1 
ATOM   613 O OE1  . GLU B 1 17 ? -12.939 1.139   9.521   1.00 13.46 ? 17  GLU B OE1  1 
ATOM   614 O OE2  . GLU B 1 17 ? -12.261 1.118   7.443   1.00 12.62 ? 17  GLU B OE2  1 
ATOM   615 H H    . GLU B 1 17 ? -9.957  -3.027  7.393   1.00 15.78 ? 17  GLU B H    1 
ATOM   616 H HA   . GLU B 1 17 ? -8.292  -1.541  8.913   1.00 16.43 ? 17  GLU B HA   1 
ATOM   617 H HB2  . GLU B 1 17 ? -9.711  0.125   9.286   1.00 16.21 ? 17  GLU B HB2  1 
ATOM   618 H HB3  . GLU B 1 17 ? -9.926  -0.131  7.738   1.00 16.21 ? 17  GLU B HB3  1 
ATOM   619 H HG2  . GLU B 1 17 ? -11.872 -1.344  8.265   1.00 16.22 ? 17  GLU B HG2  1 
ATOM   620 H HG3  . GLU B 1 17 ? -11.680 -0.911  9.782   1.00 16.22 ? 17  GLU B HG3  1 
ATOM   621 N N    . ASP B 1 18 ? -8.985  -2.646  10.961  1.00 9.13  ? 18  ASP B N    1 
ATOM   622 C CA   . ASP B 1 18 ? -8.864  -3.141  12.322  1.00 9.30  ? 18  ASP B CA   1 
ATOM   623 C C    . ASP B 1 18 ? -9.406  -2.048  13.211  1.00 9.13  ? 18  ASP B C    1 
ATOM   624 O O    . ASP B 1 18 ? -8.654  -1.261  13.778  1.00 8.98  ? 18  ASP B O    1 
ATOM   625 C CB   . ASP B 1 18 ? -7.414  -3.484  12.670  1.00 9.37  ? 18  ASP B CB   1 
ATOM   626 C CG   . ASP B 1 18 ? -7.281  -4.180  14.005  1.00 9.59  ? 18  ASP B CG   1 
ATOM   627 O OD1  . ASP B 1 18 ? -8.319  -4.598  14.567  1.00 9.73  ? 18  ASP B OD1  1 
ATOM   628 O OD2  . ASP B 1 18 ? -6.136  -4.323  14.480  1.00 9.63  ? 18  ASP B OD2  1 
ATOM   629 H H    . ASP B 1 18 ? -8.404  -2.046  10.753  1.00 10.95 ? 18  ASP B H    1 
ATOM   630 H HA   . ASP B 1 18 ? -9.409  -3.936  12.433  1.00 11.16 ? 18  ASP B HA   1 
ATOM   631 H HB2  . ASP B 1 18 ? -7.057  -4.073  11.987  1.00 11.24 ? 18  ASP B HB2  1 
ATOM   632 H HB3  . ASP B 1 18 ? -6.896  -2.664  12.705  1.00 11.24 ? 18  ASP B HB3  1 
HETATM 633 C C1   . MPD C 2 .  ? 5.192   5.339   -9.720  1.00 56.53 ? 101 MPD A C1   1 
HETATM 634 C C2   . MPD C 2 .  ? 4.194   4.198   -9.566  1.00 56.53 ? 101 MPD A C2   1 
HETATM 635 O O2   . MPD C 2 .  ? 4.527   3.185   -10.541 1.00 56.53 ? 101 MPD A O2   1 
HETATM 636 C CM   . MPD C 2 .  ? 4.271   3.529   -8.200  1.00 56.53 ? 101 MPD A CM   1 
HETATM 637 C C3   . MPD C 2 .  ? 2.782   4.706   -9.821  1.00 56.53 ? 101 MPD A C3   1 
HETATM 638 C C4   . MPD C 2 .  ? 2.538   4.924   -11.307 1.00 56.53 ? 101 MPD A C4   1 
HETATM 639 O O4   . MPD C 2 .  ? 2.218   3.688   -11.898 1.00 56.53 ? 101 MPD A O4   1 
HETATM 640 C C5   . MPD C 2 .  ? 1.407   5.909   -11.573 1.00 56.53 ? 101 MPD A C5   1 
HETATM 641 H H11  . MPD C 2 .  ? 4.661   6.254   -9.978  1.00 67.84 ? 101 MPD A H11  1 
HETATM 642 H H12  . MPD C 2 .  ? 5.902   5.096   -10.510 1.00 67.84 ? 101 MPD A H12  1 
HETATM 643 H H13  . MPD C 2 .  ? 5.728   5.482   -8.781  1.00 67.84 ? 101 MPD A H13  1 
HETATM 644 H HO2  . MPD C 2 .  ? 3.768   3.053   -11.148 1.00 67.84 ? 101 MPD A HO2  1 
HETATM 645 H HM1  . MPD C 2 .  ? 3.293   3.569   -7.720  1.00 67.84 ? 101 MPD A HM1  1 
HETATM 646 H HM2  . MPD C 2 .  ? 5.001   4.051   -7.581  1.00 67.84 ? 101 MPD A HM2  1 
HETATM 647 H HM3  . MPD C 2 .  ? 4.574   2.490   -8.321  1.00 67.84 ? 101 MPD A HM3  1 
HETATM 648 H H31  . MPD C 2 .  ? 2.062   3.983   -9.437  1.00 67.84 ? 101 MPD A H31  1 
HETATM 649 H H32  . MPD C 2 .  ? 2.631   5.644   -9.287  1.00 67.84 ? 101 MPD A H32  1 
HETATM 650 H H4   . MPD C 2 .  ? 3.451   5.318   -11.753 1.00 67.84 ? 101 MPD A H4   1 
HETATM 651 H HO4  . MPD C 2 .  ? 1.653   3.172   -11.287 1.00 67.84 ? 101 MPD A HO4  1 
HETATM 652 H H51  . MPD C 2 .  ? 0.626   5.418   -12.154 1.00 67.84 ? 101 MPD A H51  1 
HETATM 653 H H52  . MPD C 2 .  ? 0.991   6.250   -10.624 1.00 67.84 ? 101 MPD A H52  1 
HETATM 654 H H53  . MPD C 2 .  ? 1.792   6.763   -12.129 1.00 67.84 ? 101 MPD A H53  1 
HETATM 655 C C1   . MPD D 2 .  ? -10.631 3.941   4.332   1.00 51.63 ? 101 MPD B C1   1 
HETATM 656 C C2   . MPD D 2 .  ? -11.464 2.967   3.509   1.00 51.63 ? 101 MPD B C2   1 
HETATM 657 O O2   . MPD D 2 .  ? -12.518 2.460   4.359   1.00 51.63 ? 101 MPD B O2   1 
HETATM 658 C CM   . MPD D 2 .  ? -12.145 3.656   2.330   1.00 51.63 ? 101 MPD B CM   1 
HETATM 659 C C3   . MPD D 2 .  ? -10.586 1.831   2.986   1.00 51.63 ? 101 MPD B C3   1 
HETATM 660 C C4   . MPD D 2 .  ? -10.108 0.816   4.029   1.00 51.63 ? 101 MPD B C4   1 
HETATM 661 O O4   . MPD D 2 .  ? -10.055 1.364   5.322   1.00 51.63 ? 101 MPD B O4   1 
HETATM 662 C C5   . MPD D 2 .  ? -11.000 -0.417  4.090   1.00 51.63 ? 101 MPD B C5   1 
HETATM 663 H H11  . MPD D 2 .  ? -9.596  3.601   4.357   1.00 61.96 ? 101 MPD B H11  1 
HETATM 664 H H12  . MPD D 2 .  ? -11.025 3.988   5.346   1.00 61.96 ? 101 MPD B H12  1 
HETATM 665 H H13  . MPD D 2 .  ? -10.677 4.931   3.878   1.00 61.96 ? 101 MPD B H13  1 
HETATM 666 H HO2  . MPD D 2 .  ? -12.446 1.485   4.422   1.00 61.96 ? 101 MPD B HO2  1 
HETATM 667 H HM1  . MPD D 2 .  ? -11.841 3.172   1.402   1.00 61.96 ? 101 MPD B HM1  1 
HETATM 668 H HM2  . MPD D 2 .  ? -11.854 4.706   2.306   1.00 61.96 ? 101 MPD B HM2  1 
HETATM 669 H HM3  . MPD D 2 .  ? -13.226 3.582   2.442   1.00 61.96 ? 101 MPD B HM3  1 
HETATM 670 H H31  . MPD D 2 .  ? -11.140 1.296   2.215   1.00 61.96 ? 101 MPD B H31  1 
HETATM 671 H H32  . MPD D 2 .  ? -9.711  2.267   2.504   1.00 61.96 ? 101 MPD B H32  1 
HETATM 672 H H4   . MPD D 2 .  ? -9.109  0.490   3.741   1.00 61.96 ? 101 MPD B H4   1 
HETATM 673 H HO4  . MPD D 2 .  ? -10.962 1.575   5.625   1.00 61.96 ? 101 MPD B HO4  1 
HETATM 674 H H51  . MPD D 2 .  ? -11.362 -0.554  5.109   1.00 61.96 ? 101 MPD B H51  1 
HETATM 675 H H52  . MPD D 2 .  ? -10.429 -1.293  3.786   1.00 61.96 ? 101 MPD B H52  1 
HETATM 676 H H53  . MPD D 2 .  ? -11.847 -0.285  3.417   1.00 61.96 ? 101 MPD B H53  1 
HETATM 677 O O    . HOH E 3 .  ? -3.549  2.864   17.590  1.00 16.54 ? 201 HOH A O    1 
HETATM 678 O O    . HOH E 3 .  ? 5.763   -3.925  -13.270 1.00 29.46 ? 202 HOH A O    1 
HETATM 679 O O    . HOH E 3 .  ? 10.863  3.033   -16.893 1.00 10.52 ? 203 HOH A O    1 
HETATM 680 O O    . HOH E 3 .  ? -3.233  7.515   4.354   1.00 36.85 ? 204 HOH A O    1 
HETATM 681 O O    . HOH E 3 .  ? 6.951   -0.085  -15.918 1.00 14.76 ? 205 HOH A O    1 
HETATM 682 O O    . HOH E 3 .  ? -3.107  9.594   3.323   1.00 22.98 ? 206 HOH A O    1 
HETATM 683 O O    . HOH E 3 .  ? 10.336  4.636   -18.489 0.61 30.16 ? 207 HOH A O    1 
HETATM 684 O O    . HOH E 3 .  ? -5.868  12.295  10.892  1.00 31.95 ? 208 HOH A O    1 
HETATM 685 O O    . HOH E 3 .  ? 0.482   2.795   17.133  1.00 18.55 ? 209 HOH A O    1 
HETATM 686 O O    . HOH E 3 .  ? 12.130  -3.841  -6.467  1.00 20.70 ? 210 HOH A O    1 
HETATM 687 O O    . HOH E 3 .  ? 17.445  -1.181  -9.013  1.00 28.94 ? 211 HOH A O    1 
HETATM 688 O O    . HOH E 3 .  ? 5.708   5.143   2.528   1.00 32.97 ? 212 HOH A O    1 
HETATM 689 O O    . HOH E 3 .  ? 12.708  -5.797  -5.534  1.00 39.18 ? 213 HOH A O    1 
HETATM 690 O O    . HOH E 3 .  ? 7.855   3.543   2.968   1.00 58.68 ? 214 HOH A O    1 
HETATM 691 O O    . HOH E 3 .  ? 12.217  1.278   -3.890  1.00 31.46 ? 215 HOH A O    1 
HETATM 692 O O    . HOH E 3 .  ? 7.288   -6.050  -4.103  1.00 35.03 ? 216 HOH A O    1 
HETATM 693 O O    . HOH E 3 .  ? 6.564   -5.280  -6.186  1.00 36.04 ? 217 HOH A O    1 
HETATM 694 O O    . HOH E 3 .  ? 10.145  -1.035  -4.736  1.00 25.75 ? 218 HOH A O    1 
HETATM 695 O O    . HOH E 3 .  ? 7.224   6.657   -12.535 1.00 12.56 ? 219 HOH A O    1 
HETATM 696 O O    . HOH E 3 .  ? 10.151  4.573   -14.856 1.00 32.13 ? 220 HOH A O    1 
HETATM 697 O O    . HOH E 3 .  ? 10.716  4.357   -12.761 1.00 30.88 ? 221 HOH A O    1 
HETATM 698 O O    . HOH E 3 .  ? 1.342   3.651   10.168  1.00 33.91 ? 222 HOH A O    1 
HETATM 699 O O    . HOH E 3 .  ? 0.226   5.406   10.708  1.00 59.83 ? 223 HOH A O    1 
HETATM 700 O O    . HOH E 3 .  ? 9.449   7.166   -14.769 0.88 14.26 ? 224 HOH A O    1 
HETATM 701 O O    . HOH E 3 .  ? 11.765  3.763   -2.333  1.00 41.83 ? 225 HOH A O    1 
HETATM 702 O O    . HOH E 3 .  ? 13.352  2.022   -1.941  1.00 36.69 ? 226 HOH A O    1 
HETATM 703 O O    . HOH F 3 .  ? 10.259  -9.131  -11.691 1.00 16.63 ? 201 HOH B O    1 
HETATM 704 O O    . HOH F 3 .  ? -1.089  -3.415  -8.273  1.00 10.75 ? 202 HOH B O    1 
HETATM 705 O O    . HOH F 3 .  ? -7.670  5.671   11.882  1.00 17.47 ? 203 HOH B O    1 
HETATM 706 O O    . HOH F 3 .  ? -14.924 -0.401  10.023  1.00 18.62 ? 204 HOH B O    1 
HETATM 707 O O    . HOH F 3 .  ? -12.359 3.534   11.425  1.00 18.25 ? 205 HOH B O    1 
HETATM 708 O O    . HOH F 3 .  ? -16.907 -0.765  8.069   0.50 29.81 ? 206 HOH B O    1 
HETATM 709 O O    . HOH F 3 .  ? -10.985 -5.256  14.612  1.00 20.49 ? 207 HOH B O    1 
HETATM 710 O O    . HOH F 3 .  ? -13.252 3.740   6.388   1.00 21.27 ? 208 HOH B O    1 
HETATM 711 O O    . HOH F 3 .  ? -7.707  -6.767  15.905  1.00 33.56 ? 209 HOH B O    1 
HETATM 712 O O    . HOH F 3 .  ? 4.613   -3.155  -15.882 1.00 29.33 ? 210 HOH B O    1 
HETATM 713 O O    . HOH F 3 .  ? 3.307   -8.578  -6.538  1.00 27.67 ? 211 HOH B O    1 
HETATM 714 O O    . HOH F 3 .  ? 4.987   -9.616  -5.438  1.00 26.37 ? 212 HOH B O    1 
HETATM 715 O O    . HOH F 3 .  ? -5.421  -3.128  8.785   1.00 24.42 ? 213 HOH B O    1 
HETATM 716 O O    . HOH F 3 .  ? -3.095  -3.166  10.143  1.00 27.96 ? 214 HOH B O    1 
HETATM 717 O O    . HOH F 3 .  ? -3.647  -4.192  13.099  1.00 39.29 ? 215 HOH B O    1 
HETATM 718 O O    . HOH F 3 .  ? -7.046  -8.955  17.914  0.52 26.60 ? 216 HOH B O    1 
HETATM 719 O O    . HOH F 3 .  ? -4.233  -4.974  10.648  1.00 50.58 ? 217 HOH B O    1 
# 
loop_
_atom_site_anisotrop.id 
_atom_site_anisotrop.type_symbol 
_atom_site_anisotrop.pdbx_label_atom_id 
_atom_site_anisotrop.pdbx_label_alt_id 
_atom_site_anisotrop.pdbx_label_comp_id 
_atom_site_anisotrop.pdbx_label_asym_id 
_atom_site_anisotrop.pdbx_label_seq_id 
_atom_site_anisotrop.pdbx_PDB_ins_code 
_atom_site_anisotrop.U[1][1] 
_atom_site_anisotrop.U[2][2] 
_atom_site_anisotrop.U[3][3] 
_atom_site_anisotrop.U[1][2] 
_atom_site_anisotrop.U[1][3] 
_atom_site_anisotrop.U[2][3] 
_atom_site_anisotrop.pdbx_auth_seq_id 
_atom_site_anisotrop.pdbx_auth_comp_id 
_atom_site_anisotrop.pdbx_auth_asym_id 
_atom_site_anisotrop.pdbx_auth_atom_id 
1   N N   . ORN A 1  ? 0.1175 0.1277 0.2278 0.0453  0.0239  0.0004  1  ORN A N   
2   C CA  . ORN A 1  ? 0.1143 0.1296 0.2288 0.0441  0.0236  0.0001  1  ORN A CA  
3   C CB  . ORN A 1  ? 0.1066 0.1296 0.2298 0.0384  0.0257  0.0010  1  ORN A CB  
4   C CG  . ORN A 1  ? 0.1062 0.1389 0.2327 0.0396  0.0280  0.0014  1  ORN A CG  
5   C CD  . ORN A 1  ? 0.1076 0.1497 0.2359 0.0434  0.0275  0.0001  1  ORN A CD  
6   N NE  . ORN A 1  ? 0.1041 0.1486 0.2366 0.0403  0.0261  -0.0006 1  ORN A NE  
7   C C   . ORN A 1  ? 0.1151 0.1219 0.2276 0.0422  0.0219  0.0000  1  ORN A C   
8   O O   . ORN A 1  ? 0.1150 0.1141 0.2265 0.0389  0.0214  0.0005  1  ORN A O   
20  N N   . GLN A 2  ? 0.0948 0.1036 0.2066 0.0446  0.0208  -0.0007 2  GLN A N   
21  C CA  . GLN A 2  ? 0.0968 0.0979 0.2062 0.0434  0.0198  -0.0004 2  GLN A CA  
22  C C   . GLN A 2  ? 0.0889 0.0928 0.2059 0.0367  0.0210  0.0003  2  GLN A C   
23  O O   . GLN A 2  ? 0.0836 0.0963 0.2066 0.0347  0.0219  0.0001  2  GLN A O   
24  C CB  . GLN A 2  ? 0.1020 0.1043 0.2075 0.0490  0.0183  -0.0015 2  GLN A CB  
25  C CG  . GLN A 2  ? 0.1123 0.1072 0.2077 0.0558  0.0165  -0.0022 2  GLN A CG  
26  C CD  . GLN A 2  ? 0.1189 0.1117 0.2090 0.0612  0.0149  -0.0031 2  GLN A CD  
27  O OE1 . GLN A 2  ? 0.1165 0.1192 0.2103 0.0634  0.0146  -0.0041 2  GLN A OE1 
28  N NE2 . GLN A 2  ? 0.1282 0.1077 0.2091 0.0633  0.0136  -0.0027 2  GLN A NE2 
37  N N   . LYS A 3  ? 0.0891 0.0852 0.2055 0.0334  0.0211  0.0010  3  LYS A N   
38  C CA  . LYS A 3  ? 0.0823 0.0800 0.2052 0.0274  0.0223  0.0017  3  LYS A CA  
39  C C   . LYS A 3  ? 0.0843 0.0773 0.2058 0.0269  0.0224  0.0022  3  LYS A C   
40  O O   . LYS A 3  ? 0.0912 0.0760 0.2066 0.0289  0.0219  0.0027  3  LYS A O   
41  C CB  . LYS A 3  ? 0.0796 0.0738 0.2045 0.0231  0.0230  0.0024  3  LYS A CB  
42  C CG  . LYS A 3  ? 0.0783 0.0762 0.2039 0.0237  0.0233  0.0022  3  LYS A CG  
43  C CD  . LYS A 3  ? 0.0784 0.0709 0.2036 0.0211  0.0230  0.0024  3  LYS A CD  
44  C CE  . LYS A 3  ? 0.0757 0.0721 0.2029 0.0205  0.0239  0.0025  3  LYS A CE  
45  N NZ  . LYS A 3  ? 0.0781 0.0796 0.2031 0.0249  0.0246  0.0024  3  LYS A NZ  
59  N N   . LEU A 4  ? 0.0796 0.0770 0.2059 0.0243  0.0230  0.0022  4  LEU A N   
60  C CA  . LEU A 4  ? 0.0816 0.0743 0.2065 0.0237  0.0236  0.0030  4  LEU A CA  
61  C C   . LEU A 4  ? 0.0750 0.0704 0.2062 0.0185  0.0247  0.0034  4  LEU A C   
62  O O   . LEU A 4  ? 0.0702 0.0723 0.2060 0.0168  0.0244  0.0024  4  LEU A O   
63  C CB  . LEU A 4  ? 0.0863 0.0805 0.2075 0.0290  0.0222  0.0020  4  LEU A CB  
64  C CG  . LEU A 4  ? 0.0889 0.0789 0.2082 0.0291  0.0230  0.0026  4  LEU A CG  
65  C CD1 . LEU A 4  ? 0.0955 0.0744 0.2088 0.0286  0.0248  0.0049  4  LEU A CD1 
66  C CD2 . LEU A 4  ? 0.0936 0.0861 0.2094 0.0350  0.0210  0.0010  4  LEU A CD2 
78  N N   . VAL A 5  ? 0.0758 0.0659 0.2068 0.0160  0.0264  0.0047  5  VAL A N   
79  C CA  . VAL A 5  ? 0.0711 0.0629 0.2067 0.0121  0.0276  0.0052  5  VAL A CA  
80  C C   . VAL A 5  ? 0.0763 0.0627 0.2080 0.0135  0.0291  0.0065  5  VAL A C   
81  O O   . VAL A 5  ? 0.0818 0.0619 0.2093 0.0141  0.0302  0.0079  5  VAL A O   
82  C CB  . VAL A 5  ? 0.0661 0.0582 0.2065 0.0071  0.0286  0.0058  5  VAL A CB  
83  C CG1 . VAL A 5  ? 0.0623 0.0555 0.2067 0.0038  0.0301  0.0063  5  VAL A CG1 
84  C CG2 . VAL A 5  ? 0.0629 0.0585 0.2051 0.0065  0.0274  0.0048  5  VAL A CG2 
94  N N   . PHE A 6  ? 0.0804 0.0685 0.2125 0.0142  0.0292  0.0060  6  PHE A N   
95  C CA  . PHE A 6  ? 0.0873 0.0700 0.2136 0.0173  0.0304  0.0071  6  PHE A CA  
96  C C   . PHE A 6  ? 0.0846 0.0684 0.2138 0.0150  0.0319  0.0075  6  PHE A C   
97  O O   . PHE A 6  ? 0.0793 0.0688 0.2132 0.0136  0.0304  0.0057  6  PHE A O   
98  C CB  . PHE A 6  ? 0.0923 0.0761 0.2139 0.0234  0.0279  0.0053  6  PHE A CB  
99  C CG  . PHE A 6  ? 0.1022 0.0785 0.2148 0.0281  0.0289  0.0064  6  PHE A CG  
100 C CD1 . PHE A 6  ? 0.1041 0.0796 0.2153 0.0293  0.0294  0.0063  6  PHE A CD1 
101 C CD2 . PHE A 6  ? 0.1112 0.0801 0.2155 0.0319  0.0291  0.0075  6  PHE A CD2 
102 C CE1 . PHE A 6  ? 0.1148 0.0825 0.2163 0.0344  0.0306  0.0076  6  PHE A CE1 
103 C CE2 . PHE A 6  ? 0.1221 0.0828 0.2168 0.0367  0.0302  0.0088  6  PHE A CE2 
104 C CZ  . PHE A 6  ? 0.1240 0.0842 0.2170 0.0381  0.0311  0.0089  6  PHE A CZ  
114 N N   . PHI A 7  ? 0.0846 0.1834 0.1714 -0.0080 0.0031  -0.0031 7  PHI A N   
115 C CA  . PHI A 7  ? 0.0739 0.1931 0.1851 -0.0426 -0.0217 -0.0242 7  PHI A CA  
116 C CB  . PHI A 7  ? 0.1257 0.2835 0.2197 0.0369  -0.0064 -0.0164 7  PHI A CB  
117 C CG  . PHI A 7  ? 0.1209 0.3296 0.2060 0.0070  -0.0034 0.0319  7  PHI A CG  
118 C CD1 . PHI A 7  ? 0.1678 0.3780 0.1768 -0.0137 -0.0370 0.0268  7  PHI A CD1 
119 C CD2 . PHI A 7  ? 0.1492 0.3270 0.1588 -0.0170 0.0339  0.0933  7  PHI A CD2 
120 C CE1 . PHI A 7  ? 0.1554 0.4334 0.2189 -0.0113 -0.0283 0.0436  7  PHI A CE1 
121 C CE2 . PHI A 7  ? 0.1519 0.3242 0.1778 -0.0269 0.0118  0.1215  7  PHI A CE2 
122 C CZ  . PHI A 7  ? 0.1264 0.4368 0.1727 -0.0327 -0.0106 0.1215  7  PHI A CZ  
123 I I   . PHI A 7  ? 0.2343 0.6508 0.2415 -0.1127 -0.0486 0.1576  7  PHI A I   
124 C C   . PHI A 7  ? 0.1133 0.1151 0.1188 -0.0398 0.0371  0.0383  7  PHI A C   
125 O O   . PHI A 7  ? 0.1261 0.1355 0.1184 -0.0656 0.0035  0.0391  7  PHI A O   
134 N N   . ALA A 8  ? 0.0699 0.1958 0.1251 -0.0295 -0.0315 0.0016  8  ALA A N   
135 C CA  . ALA A 8  ? 0.0736 0.1940 0.1269 -0.0351 -0.0329 0.0035  8  ALA A CA  
136 C C   . ALA A 8  ? 0.0740 0.1919 0.1188 -0.0334 -0.0338 0.0083  8  ALA A C   
137 O O   . ALA A 8  ? 0.0730 0.1885 0.1143 -0.0302 -0.0346 0.0121  8  ALA A O   
138 C CB  . ALA A 8  ? 0.0763 0.1879 0.1342 -0.0378 -0.0363 0.0073  8  ALA A CB  
144 N N   . GLU A 9  ? 0.1137 0.2330 0.1548 -0.0372 -0.0329 0.0078  9  GLU A N   
145 C CA  . GLU A 9  ? 0.1186 0.2358 0.1513 -0.0366 -0.0337 0.0126  9  GLU A CA  
146 C C   . GLU A 9  ? 0.1298 0.2356 0.1603 -0.0428 -0.0355 0.0152  9  GLU A C   
147 O O   . GLU A 9  ? 0.1378 0.2429 0.1698 -0.0480 -0.0330 0.0113  9  GLU A O   
148 C CB  . GLU A 9  ? 0.1182 0.2504 0.1461 -0.0328 -0.0301 0.0100  9  GLU A CB  
149 C CG  . GLU A 9  ? 0.1307 0.2613 0.1474 -0.0291 -0.0300 0.0161  9  GLU A CG  
150 C CD  . GLU A 9  ? 0.1313 0.2791 0.1433 -0.0254 -0.0269 0.0142  9  GLU A CD  
151 O OE1 . GLU A 9  ? 0.1225 0.2812 0.1404 -0.0290 -0.0246 0.0072  9  GLU A OE1 
152 O OE2 . GLU A 9  ? 0.1452 0.2897 0.1450 -0.0180 -0.0241 0.0193  9  GLU A OE2 
159 N N   . ASP A 10 ? 0.1162 0.2105 0.1409 -0.0422 -0.0382 0.0210  10 ASP A N   
160 C CA  . ASP A 10 ? 0.1291 0.2107 0.1482 -0.0455 -0.0394 0.0244  10 ASP A CA  
161 C C   . ASP A 10 ? 0.1348 0.2132 0.1437 -0.0451 -0.0389 0.0280  10 ASP A C   
162 O O   . ASP A 10 ? 0.1380 0.2104 0.1420 -0.0449 -0.0407 0.0313  10 ASP A O   
163 C CB  . ASP A 10 ? 0.1322 0.2056 0.1532 -0.0444 -0.0434 0.0277  10 ASP A CB  
164 C CG  . ASP A 10 ? 0.1489 0.2099 0.1623 -0.0455 -0.0447 0.0319  10 ASP A CG  
165 O OD1 . ASP A 10 ? 0.1605 0.2151 0.1689 -0.0485 -0.0413 0.0312  10 ASP A OD1 
166 O OD2 . ASP A 10 ? 0.1512 0.2109 0.1635 -0.0431 -0.0488 0.0355  10 ASP A OD2 
171 N N   . ORN A 11 ? 0.1488 0.2117 0.1103 -0.0298 -0.0210 0.0378  11 ORN A N   
172 C CA  . ORN A 11 ? 0.1454 0.2154 0.1237 -0.0354 -0.0282 0.0346  11 ORN A CA  
173 C CB  . ORN A 11 ? 0.1349 0.2221 0.1236 -0.0330 -0.0293 0.0306  11 ORN A CB  
174 C CG  . ORN A 11 ? 0.1355 0.2254 0.1240 -0.0361 -0.0296 0.0301  11 ORN A CG  
175 C CD  . ORN A 11 ? 0.1313 0.2111 0.1249 -0.0437 -0.0337 0.0301  11 ORN A CD  
176 N NE  . ORN A 11 ? 0.1198 0.2036 0.1247 -0.0454 -0.0356 0.0264  11 ORN A NE  
177 C C   . ORN A 11 ? 0.1466 0.2164 0.1300 -0.0365 -0.0289 0.0329  11 ORN A C   
178 O O   . ORN A 11 ? 0.1529 0.2208 0.1298 -0.0320 -0.0234 0.0328  11 ORN A O   
190 N N   . GLN A 12 ? 0.1183 0.1901 0.1129 -0.0415 -0.0351 0.0316  12 GLN A N   
191 C CA  . GLN A 12 ? 0.1128 0.1882 0.1146 -0.0426 -0.0364 0.0295  12 GLN A CA  
192 C C   . GLN A 12 ? 0.0973 0.1834 0.1092 -0.0378 -0.0362 0.0266  12 GLN A C   
193 O O   . GLN A 12 ? 0.0860 0.1770 0.1060 -0.0380 -0.0390 0.0251  12 GLN A O   
194 C CB  . GLN A 12 ? 0.1033 0.1804 0.1118 -0.0468 -0.0427 0.0299  12 GLN A CB  
195 C CG  . GLN A 12 ? 0.0946 0.1800 0.1132 -0.0465 -0.0446 0.0272  12 GLN A CG  
196 C CD  . GLN A 12 ? 0.0979 0.1855 0.1207 -0.0455 -0.0484 0.0274  12 GLN A CD  
197 O OE1 . GLN A 12 ? 0.1029 0.1868 0.1208 -0.0464 -0.0510 0.0302  12 GLN A OE1 
198 N NE2 . GLN A 12 ? 0.0961 0.1915 0.1272 -0.0428 -0.0492 0.0248  12 GLN A NE2 
207 N N   . LYS A 13 ? 0.1616 0.2496 0.1711 -0.0340 -0.0319 0.0253  13 LYS A N   
208 C CA  . LYS A 13 ? 0.1463 0.2459 0.1644 -0.0291 -0.0316 0.0220  13 LYS A CA  
209 C C   . LYS A 13 ? 0.1380 0.2394 0.1653 -0.0308 -0.0333 0.0200  13 LYS A C   
210 O O   . LYS A 13 ? 0.1544 0.2499 0.1769 -0.0330 -0.0306 0.0202  13 LYS A O   
211 C CB  . LYS A 13 ? 0.1614 0.2644 0.1692 -0.0206 -0.0251 0.0224  13 LYS A CB  
212 C CG  . LYS A 13 ? 0.1630 0.2723 0.1642 -0.0164 -0.0236 0.0235  13 LYS A CG  
213 C CD  . LYS A 13 ? 0.1810 0.2902 0.1663 -0.0050 -0.0159 0.0262  13 LYS A CD  
214 C CE  . LYS A 13 ? 0.1759 0.2961 0.1547 0.0009  -0.0144 0.0275  13 LYS A CE  
215 N NZ  . LYS A 13 ? 0.1573 0.3056 0.1435 0.0072  -0.0154 0.0227  13 LYS A NZ  
229 N N   . LEU A 14 ? 0.0989 0.2074 0.1380 -0.0303 -0.0363 0.0174  14 LEU A N   
230 C CA  . LEU A 14 ? 0.0918 0.2007 0.1390 -0.0295 -0.0368 0.0152  14 LEU A CA  
231 C C   . LEU A 14 ? 0.0857 0.2021 0.1368 -0.0250 -0.0341 0.0116  14 LEU A C   
232 O O   . LEU A 14 ? 0.0818 0.2014 0.1345 -0.0239 -0.0333 0.0087  14 LEU A O   
233 C CB  . LEU A 14 ? 0.0895 0.1943 0.1429 -0.0299 -0.0401 0.0152  14 LEU A CB  
234 C CG  . LEU A 14 ? 0.0859 0.1942 0.1480 -0.0277 -0.0410 0.0135  14 LEU A CG  
235 C CD1 . LEU A 14 ? 0.0888 0.1995 0.1501 -0.0297 -0.0410 0.0134  14 LEU A CD1 
236 C CD2 . LEU A 14 ? 0.0882 0.1971 0.1558 -0.0266 -0.0447 0.0158  14 LEU A CD2 
248 N N   . VAL A 15 ? 0.0801 0.2007 0.1327 -0.0237 -0.0324 0.0112  15 VAL A N   
249 C CA  . VAL A 15 ? 0.0760 0.2044 0.1308 -0.0185 -0.0298 0.0082  15 VAL A CA  
250 C C   . VAL A 15 ? 0.0714 0.1984 0.1347 -0.0194 -0.0301 0.0065  15 VAL A C   
251 O O   . VAL A 15 ? 0.0755 0.2000 0.1399 -0.0235 -0.0310 0.0078  15 VAL A O   
252 C CB  . VAL A 15 ? 0.0983 0.2251 0.1390 -0.0118 -0.0232 0.0097  15 VAL A CB  
253 C CG1 . VAL A 15 ? 0.0946 0.2303 0.1361 -0.0046 -0.0203 0.0069  15 VAL A CG1 
254 C CG2 . VAL A 15 ? 0.1033 0.2326 0.1350 -0.0089 -0.0226 0.0116  15 VAL A CG2 
264 N N   . HAO A 16 ? 0.0602 0.1897 0.1291 -0.0161 -0.0292 0.0030  16 HAO A N   
265 N N9  . HAO A 16 ? 0.0593 0.1882 0.1357 -0.0161 -0.0293 0.0017  16 HAO A N9  
266 C C10 . HAO A 16 ? 0.0579 0.1888 0.1402 -0.0138 -0.0286 -0.0014 16 HAO A C10 
267 O O11 . HAO A 16 ? 0.0580 0.1921 0.1390 -0.0128 -0.0275 -0.0041 16 HAO A O11 
268 C CA  . HAO A 16 ? 0.0571 0.1885 0.1475 -0.0133 -0.0287 -0.0020 16 HAO A CA  
269 C C13 . HAO A 16 ? 0.0559 0.1903 0.1506 -0.0108 -0.0269 -0.0048 16 HAO A C13 
270 C C14 . HAO A 16 ? 0.0584 0.1895 0.1516 -0.0156 -0.0301 -0.0004 16 HAO A C14 
271 C C15 . HAO A 16 ? 0.0639 0.1955 0.1527 -0.0230 -0.0324 0.0018  16 HAO A C15 
272 O O15 . HAO A 16 ? 0.0608 0.1897 0.1487 -0.0192 -0.0317 0.0018  16 HAO A O15 
273 C C17 . HAO A 16 ? 0.0582 0.1930 0.1593 -0.0146 -0.0298 -0.0016 16 HAO A C17 
274 C C18 . HAO A 16 ? 0.0563 0.1928 0.1621 -0.0114 -0.0280 -0.0035 16 HAO A C18 
275 C C19 . HAO A 16 ? 0.0553 0.1912 0.1575 -0.0098 -0.0265 -0.0051 16 HAO A C19 
276 N N20 . HAO A 16 ? 0.0546 0.1934 0.1601 -0.0073 -0.0242 -0.0081 16 HAO A N20 
277 C C21 . HAO A 16 ? 0.0540 0.1952 0.1637 -0.0054 -0.0219 -0.0092 16 HAO A C21 
278 O O22 . HAO A 16 ? 0.0540 0.1968 0.1658 -0.0065 -0.0213 -0.0083 16 HAO A O22 
279 C C   . HAO A 16 ? 0.0542 0.1979 0.1660 -0.0029 -0.0195 -0.0128 16 HAO A C   
285 O OXT . HAO A 16 ? 0.0552 0.2006 0.1652 -0.0040 -0.0193 -0.0157 16 HAO A OXT 
290 N N   . GLU A 17 ? 0.0539 0.1996 0.1697 -0.0007 -0.0171 -0.0138 17 GLU A N   
291 C CA  . GLU A 17 ? 0.0546 0.2026 0.1727 0.0018  -0.0145 -0.0176 17 GLU A CA  
292 C C   . GLU A 17 ? 0.0547 0.2034 0.1814 0.0032  -0.0134 -0.0169 17 GLU A C   
293 O O   . GLU A 17 ? 0.0543 0.2044 0.1813 0.0032  -0.0114 -0.0165 17 GLU A O   
294 C CB  . GLU A 17 ? 0.0553 0.2076 0.1649 0.0054  -0.0111 -0.0203 17 GLU A CB  
295 C CG  . GLU A 17 ? 0.0570 0.2129 0.1676 0.0079  -0.0085 -0.0247 17 GLU A CG  
296 C CD  . GLU A 17 ? 0.0597 0.2230 0.1595 0.0133  -0.0060 -0.0271 17 GLU A CD  
297 O OE1 . GLU A 17 ? 0.0614 0.2257 0.1580 0.0190  -0.0020 -0.0268 17 GLU A OE1 
298 O OE2 . GLU A 17 ? 0.0618 0.2312 0.1553 0.0125  -0.0072 -0.0299 17 GLU A OE2 
305 N N   . ASP A 18 ? 0.1241 0.1598 0.2576 0.0357  0.0224  -0.0016 18 ASP A N   
306 C CA  . ASP A 18 ? 0.1269 0.1717 0.2607 0.0406  0.0224  -0.0026 18 ASP A CA  
307 C C   . ASP A 18 ? 0.1300 0.1719 0.2590 0.0436  0.0236  -0.0018 18 ASP A C   
308 O O   . ASP A 18 ? 0.1358 0.1721 0.2576 0.0490  0.0223  -0.0023 18 ASP A O   
309 C CB  . ASP A 18 ? 0.1318 0.1784 0.2623 0.0467  0.0199  -0.0042 18 ASP A CB  
310 C CG  . ASP A 18 ? 0.1346 0.1922 0.2663 0.0521  0.0198  -0.0054 18 ASP A CG  
311 O OD1 . ASP A 18 ? 0.1316 0.1981 0.2696 0.0496  0.0216  -0.0051 18 ASP A OD1 
312 O OD2 . ASP A 18 ? 0.1409 0.1980 0.2669 0.0591  0.0179  -0.0065 18 ASP A OD2 
317 N N   . ORN B 1  ? 0.0564 0.1538 0.0742 -0.0215 -0.0174 0.0458  1  ORN B N   
318 C CA  . ORN B 1  ? 0.0597 0.1533 0.0785 -0.0201 -0.0208 0.0452  1  ORN B CA  
319 C CB  . ORN B 1  ? 0.0622 0.1529 0.0823 -0.0199 -0.0236 0.0451  1  ORN B CB  
320 C CG  . ORN B 1  ? 0.0644 0.1551 0.0855 -0.0231 -0.0249 0.0482  1  ORN B CG  
321 C CD  . ORN B 1  ? 0.0684 0.1568 0.0901 -0.0244 -0.0277 0.0502  1  ORN B CD  
322 N NE  . ORN B 1  ? 0.0714 0.1555 0.0935 -0.0219 -0.0311 0.0486  1  ORN B NE  
323 C C   . ORN B 1  ? 0.0585 0.1515 0.0766 -0.0170 -0.0205 0.0422  1  ORN B C   
324 O O   . ORN B 1  ? 0.0557 0.1499 0.0727 -0.0158 -0.0184 0.0403  1  ORN B O   
336 N N   . GLN B 2  ? 0.0612 0.1518 0.0795 -0.0157 -0.0230 0.0419  2  GLN B N   
337 C CA  . GLN B 2  ? 0.0607 0.1507 0.0783 -0.0128 -0.0232 0.0391  2  GLN B CA  
338 C C   . GLN B 2  ? 0.0616 0.1491 0.0800 -0.0108 -0.0251 0.0370  2  GLN B C   
339 O O   . GLN B 2  ? 0.0642 0.1494 0.0839 -0.0114 -0.0276 0.0380  2  GLN B O   
340 C CB  . GLN B 2  ? 0.0635 0.1519 0.0812 -0.0120 -0.0253 0.0393  2  GLN B CB  
341 C CG  . GLN B 2  ? 0.0624 0.1535 0.0793 -0.0137 -0.0234 0.0411  2  GLN B CG  
342 C CD  . GLN B 2  ? 0.0658 0.1548 0.0827 -0.0132 -0.0259 0.0417  2  GLN B CD  
343 O OE1 . GLN B 2  ? 0.0697 0.1554 0.0875 -0.0132 -0.0293 0.0426  2  GLN B OE1 
344 N NE2 . GLN B 2  ? 0.0644 0.1555 0.0804 -0.0127 -0.0242 0.0413  2  GLN B NE2 
353 N N   . LYS B 3  ? 0.0672 0.1554 0.0848 -0.0087 -0.0238 0.0342  3  LYS B N   
354 C CA  . LYS B 3  ? 0.0677 0.1538 0.0859 -0.0068 -0.0252 0.0322  3  LYS B CA  
355 C C   . LYS B 3  ? 0.0683 0.1535 0.0864 -0.0038 -0.0265 0.0293  3  LYS B C   
356 O O   . LYS B 3  ? 0.0671 0.1540 0.0839 -0.0032 -0.0249 0.0286  3  LYS B O   
357 C CB  . LYS B 3  ? 0.0643 0.1524 0.0818 -0.0073 -0.0224 0.0315  3  LYS B CB  
358 C CG  . LYS B 3  ? 0.0631 0.1531 0.0806 -0.0101 -0.0207 0.0339  3  LYS B CG  
359 C CD  . LYS B 3  ? 0.0602 0.1516 0.0768 -0.0101 -0.0183 0.0328  3  LYS B CD  
360 C CE  . LYS B 3  ? 0.0591 0.1526 0.0755 -0.0126 -0.0164 0.0349  3  LYS B CE  
361 N NZ  . LYS B 3  ? 0.0581 0.1542 0.0733 -0.0142 -0.0144 0.0366  3  LYS B NZ  
375 N N   . LEU B 4  ? 0.0627 0.1450 0.0819 -0.0019 -0.0292 0.0278  4  LEU B N   
376 C CA  . LEU B 4  ? 0.0638 0.1449 0.0829 0.0010  -0.0308 0.0249  4  LEU B CA  
377 C C   . LEU B 4  ? 0.0646 0.1434 0.0846 0.0028  -0.0326 0.0230  4  LEU B C   
378 O O   . LEU B 4  ? 0.0668 0.1433 0.0880 0.0024  -0.0348 0.0239  4  LEU B O   
379 C CB  . LEU B 4  ? 0.0676 0.1467 0.0870 0.0020  -0.0339 0.0253  4  LEU B CB  
380 C CG  . LEU B 4  ? 0.0692 0.1472 0.0886 0.0053  -0.0358 0.0224  4  LEU B CG  
381 C CD1 . LEU B 4  ? 0.0662 0.1476 0.0842 0.0056  -0.0326 0.0211  4  LEU B CD1 
382 C CD2 . LEU B 4  ? 0.0737 0.1491 0.0933 0.0062  -0.0393 0.0231  4  LEU B CD2 
394 N N   . VAL B 5  ? 0.0628 0.1425 0.0823 0.0045  -0.0314 0.0204  5  VAL B N   
395 C CA  . VAL B 5  ? 0.0635 0.1412 0.0838 0.0064  -0.0330 0.0182  5  VAL B CA  
396 C C   . VAL B 5  ? 0.0641 0.1419 0.0841 0.0087  -0.0336 0.0156  5  VAL B C   
397 O O   . VAL B 5  ? 0.0623 0.1429 0.0808 0.0086  -0.0312 0.0152  5  VAL B O   
398 C CB  . VAL B 5  ? 0.0602 0.1393 0.0799 0.0054  -0.0302 0.0178  5  VAL B CB  
399 C CG1 . VAL B 5  ? 0.0601 0.1381 0.0802 0.0075  -0.0310 0.0150  5  VAL B CG1 
400 C CG2 . VAL B 5  ? 0.0603 0.1387 0.0810 0.0035  -0.0304 0.0199  5  VAL B CG2 
410 N N   . PHE B 6  ? 0.0727 0.1476 0.0941 0.0108  -0.0368 0.0141  6  PHE B N   
411 C CA  . PHE B 6  ? 0.0734 0.1487 0.0947 0.0129  -0.0374 0.0119  6  PHE B CA  
412 C C   . PHE B 6  ? 0.0748 0.1476 0.0973 0.0144  -0.0394 0.0104  6  PHE B C   
413 O O   . PHE B 6  ? 0.0768 0.1465 0.1009 0.0144  -0.0421 0.0112  6  PHE B O   
414 C CB  . PHE B 6  ? 0.0768 0.1508 0.0984 0.0138  -0.0401 0.0124  6  PHE B CB  
415 C CG  . PHE B 6  ? 0.0811 0.1507 0.1042 0.0145  -0.0446 0.0133  6  PHE B CG  
416 C CD1 . PHE B 6  ? 0.0819 0.1507 0.1046 0.0129  -0.0449 0.0154  6  PHE B CD1 
417 C CD2 . PHE B 6  ? 0.0846 0.1511 0.1091 0.0162  -0.0482 0.0125  6  PHE B CD2 
418 C CE1 . PHE B 6  ? 0.0862 0.1516 0.1092 0.0138  -0.0486 0.0159  6  PHE B CE1 
419 C CE2 . PHE B 6  ? 0.0891 0.1510 0.1144 0.0169  -0.0526 0.0133  6  PHE B CE2 
420 C CZ  . PHE B 6  ? 0.0899 0.1521 0.1136 0.0168  -0.0525 0.0138  6  PHE B CZ  
430 N N   . PHI B 7  ? 0.1182 0.0408 0.1556 0.0108  -0.0018 0.0058  7  PHI B N   
431 C CA  . PHI B 7  ? 0.1090 0.0556 0.1907 -0.0159 -0.0267 -0.0074 7  PHI B CA  
432 C CB  . PHI B 7  ? 0.2100 0.0627 0.2251 -0.0255 -0.0093 0.0099  7  PHI B CB  
433 C CG  . PHI B 7  ? 0.1601 0.0726 0.2646 -0.0149 0.0221  0.0189  7  PHI B CG  
434 C CD1 . PHI B 7  ? 0.1301 0.1124 0.3422 0.0257  0.0650  0.0550  7  PHI B CD1 
435 C CD2 . PHI B 7  ? 0.1421 0.1558 0.3067 0.0397  0.0974  0.0523  7  PHI B CD2 
436 C CE1 . PHI B 7  ? 0.1392 0.1379 0.3307 0.0376  0.0919  0.0900  7  PHI B CE1 
437 C CE2 . PHI B 7  ? 0.2046 0.1345 0.3334 0.0397  0.1218  0.0771  7  PHI B CE2 
438 C CZ  . PHI B 7  ? 0.1641 0.1536 0.3813 0.0421  0.1058  0.0991  7  PHI B CZ  
439 I I   . PHI B 7  ? 0.2685 0.2343 0.5820 0.0713  0.1653  0.1433  7  PHI B I   
440 C C   . PHI B 7  ? 0.1051 0.0425 0.1595 -0.0054 0.0011  -0.0144 7  PHI B C   
441 O O   . PHI B 7  ? 0.0942 0.0365 0.1276 -0.0142 0.0076  -0.0088 7  PHI B O   
450 N N   . ALA B 8  ? 0.0869 0.0596 0.1934 -0.0019 0.0526  0.0112  8  ALA B N   
451 C CA  . ALA B 8  ? 0.0879 0.0634 0.1983 0.0009  0.0534  0.0109  8  ALA B CA  
452 C C   . ALA B 8  ? 0.0907 0.0607 0.2013 0.0060  0.0537  0.0084  8  ALA B C   
453 O O   . ALA B 8  ? 0.0924 0.0570 0.2018 0.0068  0.0518  0.0075  8  ALA B O   
454 C CB  . ALA B 8  ? 0.0879 0.0697 0.2047 0.0005  0.0505  0.0149  8  ALA B CB  
460 N N   . GLU B 9  ? 0.0936 0.0659 0.2054 0.0088  0.0561  0.0067  9  GLU B N   
461 C CA  . GLU B 9  ? 0.0954 0.0654 0.2056 0.0128  0.0562  0.0033  9  GLU B CA  
462 C C   . GLU B 9  ? 0.0974 0.0716 0.2124 0.0159  0.0567  0.0032  9  GLU B C   
463 O O   . GLU B 9  ? 0.0951 0.0749 0.2128 0.0156  0.0594  0.0047  9  GLU B O   
464 C CB  . GLU B 9  ? 0.0958 0.0660 0.1981 0.0128  0.0585  0.0014  9  GLU B CB  
465 C CG  . GLU B 9  ? 0.1005 0.0710 0.1993 0.0162  0.0580  -0.0023 9  GLU B CG  
466 C CD  . GLU B 9  ? 0.1008 0.0741 0.1935 0.0168  0.0608  -0.0028 9  GLU B CD  
467 O OE1 . GLU B 9  ? 0.1002 0.0719 0.1892 0.0160  0.0608  -0.0025 9  GLU B OE1 
468 O OE2 . GLU B 9  ? 0.1021 0.0800 0.1939 0.0185  0.0630  -0.0028 9  GLU B OE2 
475 N N   . ASP B 10 ? 0.1120 0.0838 0.2285 0.0186  0.0543  0.0013  10 ASP B N   
476 C CA  . ASP B 10 ? 0.1143 0.0892 0.2350 0.0223  0.0547  0.0008  10 ASP B CA  
477 C C   . ASP B 10 ? 0.1172 0.0889 0.2336 0.0249  0.0539  -0.0050 10 ASP B C   
478 O O   . ASP B 10 ? 0.1203 0.0868 0.2389 0.0255  0.0515  -0.0067 10 ASP B O   
479 C CB  . ASP B 10 ? 0.1180 0.0934 0.2486 0.0233  0.0527  0.0053  10 ASP B CB  
480 C CG  . ASP B 10 ? 0.1216 0.1004 0.2574 0.0276  0.0532  0.0051  10 ASP B CG  
481 O OD1 . ASP B 10 ? 0.1218 0.1056 0.2552 0.0293  0.0557  0.0033  10 ASP B OD1 
482 O OD2 . ASP B 10 ? 0.1237 0.1001 0.2662 0.0295  0.0512  0.0075  10 ASP B OD2 
487 N N   . ORN B 11 ? 0.1464 0.1123 0.2433 0.0262  0.0536  -0.0265 11 ORN B N   
488 C CA  . ORN B 11 ? 0.1383 0.1020 0.2401 0.0253  0.0524  -0.0206 11 ORN B CA  
489 C CB  . ORN B 11 ? 0.1312 0.1003 0.2311 0.0245  0.0547  -0.0154 11 ORN B CB  
490 C CG  . ORN B 11 ? 0.1314 0.1066 0.2310 0.0277  0.0572  -0.0163 11 ORN B CG  
491 C CD  . ORN B 11 ? 0.1322 0.1071 0.2389 0.0291  0.0564  -0.0144 11 ORN B CD  
492 N NE  . ORN B 11 ? 0.1278 0.1034 0.2383 0.0263  0.0564  -0.0082 11 ORN B NE  
493 C C   . ORN B 11 ? 0.1374 0.0954 0.2429 0.0220  0.0494  -0.0171 11 ORN B C   
494 O O   . ORN B 11 ? 0.1414 0.0968 0.2448 0.0198  0.0482  -0.0181 11 ORN B O   
506 N N   . GLN B 12 ? 0.1420 0.0994 0.2536 0.0218  0.0483  -0.0122 12 GLN B N   
507 C CA  . GLN B 12 ? 0.1407 0.0950 0.2565 0.0189  0.0454  -0.0076 12 GLN B CA  
508 C C   . GLN B 12 ? 0.1355 0.0927 0.2484 0.0160  0.0463  -0.0032 12 GLN B C   
509 O O   . GLN B 12 ? 0.1334 0.0948 0.2457 0.0163  0.0488  -0.0015 12 GLN B O   
510 C CB  . GLN B 12 ? 0.1422 0.0963 0.2670 0.0205  0.0445  -0.0036 12 GLN B CB  
511 C CG  . GLN B 12 ? 0.1414 0.0940 0.2713 0.0179  0.0417  0.0022  12 GLN B CG  
512 C CD  . GLN B 12 ? 0.1430 0.0980 0.2828 0.0199  0.0414  0.0083  12 GLN B CD  
513 O OE1 . GLN B 12 ? 0.1459 0.1016 0.2894 0.0234  0.0428  0.0071  12 GLN B OE1 
514 N NE2 . GLN B 12 ? 0.1420 0.0993 0.2866 0.0177  0.0396  0.0154  12 GLN B NE2 
523 N N   . LYS B 13 ? 0.1086 0.0637 0.2201 0.0130  0.0443  -0.0017 13 LYS B N   
524 C CA  . LYS B 13 ? 0.1022 0.0597 0.2110 0.0101  0.0451  0.0021  13 LYS B CA  
525 C C   . LYS B 13 ? 0.1009 0.0587 0.2145 0.0078  0.0422  0.0073  13 LYS B C   
526 O O   . LYS B 13 ? 0.1048 0.0598 0.2217 0.0077  0.0393  0.0078  13 LYS B O   
527 C CB  . LYS B 13 ? 0.1012 0.0578 0.2031 0.0089  0.0459  0.0000  13 LYS B CB  
528 C CG  . LYS B 13 ? 0.1029 0.0606 0.2005 0.0115  0.0489  -0.0040 13 LYS B CG  
529 C CD  . LYS B 13 ? 0.1009 0.0594 0.1931 0.0109  0.0510  -0.0039 13 LYS B CD  
530 C CE  . LYS B 13 ? 0.1001 0.0628 0.1889 0.0129  0.0552  -0.0038 13 LYS B CE  
531 N NZ  . LYS B 13 ? 0.0963 0.0603 0.1865 0.0110  0.0570  -0.0001 13 LYS B NZ  
545 N N   . LEU B 14 ? 0.1745 0.1357 0.2888 0.0057  0.0433  0.0110  14 LEU B N   
546 C CA  . LEU B 14 ? 0.1761 0.1398 0.2942 0.0030  0.0407  0.0166  14 LEU B CA  
547 C C   . LEU B 14 ? 0.1737 0.1401 0.2850 -0.0006 0.0418  0.0168  14 LEU B C   
548 O O   . LEU B 14 ? 0.1712 0.1409 0.2812 -0.0023 0.0446  0.0163  14 LEU B O   
549 C CB  . LEU B 14 ? 0.1824 0.1500 0.3092 0.0035  0.0410  0.0217  14 LEU B CB  
550 C CG  . LEU B 14 ? 0.1814 0.1580 0.3096 -0.0005 0.0389  0.0279  14 LEU B CG  
551 C CD1 . LEU B 14 ? 0.1793 0.1538 0.3107 -0.0014 0.0354  0.0322  14 LEU B CD1 
552 C CD2 . LEU B 14 ? 0.1880 0.1744 0.3223 0.0002  0.0386  0.0321  14 LEU B CD2 
564 N N   . VAL B 15 ? 0.0911 0.0569 0.1984 -0.0021 0.0395  0.0170  15 VAL B N   
565 C CA  . VAL B 15 ? 0.0885 0.0560 0.1886 -0.0042 0.0408  0.0158  15 VAL B CA  
566 C C   . VAL B 15 ? 0.0881 0.0585 0.1867 -0.0070 0.0379  0.0189  15 VAL B C   
567 O O   . VAL B 15 ? 0.0899 0.0579 0.1890 -0.0067 0.0354  0.0197  15 VAL B O   
568 C CB  . VAL B 15 ? 0.0891 0.0528 0.1843 -0.0023 0.0426  0.0119  15 VAL B CB  
569 C CG1 . VAL B 15 ? 0.0871 0.0525 0.1763 -0.0036 0.0445  0.0117  15 VAL B CG1 
570 C CG2 . VAL B 15 ? 0.0900 0.0521 0.1858 0.0004  0.0459  0.0091  15 VAL B CG2 
580 N N   . HAO B 16 ? 0.1056 0.0818 0.2020 -0.0100 0.0386  0.0204  16 HAO B N   
581 N N9  . HAO B 16 ? 0.1039 0.0839 0.1982 -0.0126 0.0367  0.0229  16 HAO B N9  
582 C C10 . HAO B 16 ? 0.1022 0.0891 0.1931 -0.0162 0.0379  0.0227  16 HAO B C10 
583 O O11 . HAO B 16 ? 0.1017 0.0913 0.1913 -0.0173 0.0405  0.0200  16 HAO B O11 
584 C CA  . HAO B 16 ? 0.1015 0.0928 0.1900 -0.0188 0.0362  0.0252  16 HAO B CA  
585 C C13 . HAO B 16 ? 0.1010 0.1012 0.1872 -0.0226 0.0374  0.0249  16 HAO B C13 
586 C C14 . HAO B 16 ? 0.1016 0.0893 0.1901 -0.0175 0.0340  0.0270  16 HAO B C14 
587 C C15 . HAO B 16 ? 0.1062 0.0834 0.1977 -0.0140 0.0305  0.0269  16 HAO B C15 
588 O O15 . HAO B 16 ? 0.1033 0.0834 0.1940 -0.0143 0.0330  0.0258  16 HAO B O15 
589 C C17 . HAO B 16 ? 0.1009 0.0937 0.1874 -0.0200 0.0327  0.0295  16 HAO B C17 
590 C C18 . HAO B 16 ? 0.1006 0.1022 0.1849 -0.0235 0.0341  0.0297  16 HAO B C18 
591 C C19 . HAO B 16 ? 0.1007 0.1063 0.1849 -0.0249 0.0364  0.0270  16 HAO B C19 
592 N N20 . HAO B 16 ? 0.1013 0.1175 0.1832 -0.0292 0.0381  0.0258  16 HAO B N20 
593 C C21 . HAO B 16 ? 0.1016 0.1287 0.1836 -0.0324 0.0364  0.0299  16 HAO B C21 
594 O O22 . HAO B 16 ? 0.1012 0.1278 0.1852 -0.0315 0.0330  0.0351  16 HAO B O22 
595 C C   . HAO B 16 ? 0.1029 0.1435 0.1827 -0.0373 0.0389  0.0271  16 HAO B C   
601 O OXT . HAO B 16 ? 0.1038 0.1481 0.1837 -0.0393 0.0411  0.0230  16 HAO B OXT 
606 N N   . GLU B 17 ? 0.1242 0.1733 0.2023 -0.0395 0.0387  0.0289  17 GLU B N   
607 C CA  . GLU B 17 ? 0.1265 0.1909 0.2028 -0.0446 0.0416  0.0255  17 GLU B CA  
608 C C   . GLU B 17 ? 0.1246 0.2013 0.2014 -0.0455 0.0377  0.0321  17 GLU B C   
609 O O   . GLU B 17 ? 0.1224 0.1950 0.1994 -0.0433 0.0349  0.0373  17 GLU B O   
610 C CB  . GLU B 17 ? 0.1268 0.1874 0.1990 -0.0440 0.0464  0.0189  17 GLU B CB  
611 C CG  . GLU B 17 ? 0.1269 0.1892 0.1975 -0.0433 0.0465  0.0213  17 GLU B CG  
612 C CD  . GLU B 17 ? 0.1262 0.1811 0.1930 -0.0409 0.0519  0.0142  17 GLU B CD  
613 O OE1 . GLU B 17 ? 0.1275 0.1917 0.1924 -0.0425 0.0545  0.0116  17 GLU B OE1 
614 O OE2 . GLU B 17 ? 0.1245 0.1643 0.1906 -0.0369 0.0536  0.0112  17 GLU B OE2 
621 N N   . ASP B 18 ? 0.0820 0.1608 0.1040 -0.0146 -0.0344 0.0425  18 ASP B N   
622 C CA  . ASP B 18 ? 0.0843 0.1629 0.1062 -0.0169 -0.0352 0.0452  18 ASP B CA  
623 C C   . ASP B 18 ? 0.0807 0.1639 0.1023 -0.0194 -0.0315 0.0470  18 ASP B C   
624 O O   . ASP B 18 ? 0.0784 0.1640 0.0989 -0.0192 -0.0292 0.0467  18 ASP B O   
625 C CB  . ASP B 18 ? 0.0859 0.1633 0.1069 -0.0149 -0.0364 0.0442  18 ASP B CB  
626 C CG  . ASP B 18 ? 0.0890 0.1654 0.1099 -0.0171 -0.0378 0.0470  18 ASP B CG  
627 O OD1 . ASP B 18 ? 0.0908 0.1667 0.1122 -0.0202 -0.0386 0.0498  18 ASP B OD1 
628 O OD2 . ASP B 18 ? 0.0899 0.1659 0.1101 -0.0157 -0.0383 0.0465  18 ASP B OD2 
# 
loop_
_pdbx_poly_seq_scheme.asym_id 
_pdbx_poly_seq_scheme.entity_id 
_pdbx_poly_seq_scheme.seq_id 
_pdbx_poly_seq_scheme.mon_id 
_pdbx_poly_seq_scheme.ndb_seq_num 
_pdbx_poly_seq_scheme.pdb_seq_num 
_pdbx_poly_seq_scheme.auth_seq_num 
_pdbx_poly_seq_scheme.pdb_mon_id 
_pdbx_poly_seq_scheme.auth_mon_id 
_pdbx_poly_seq_scheme.pdb_strand_id 
_pdbx_poly_seq_scheme.pdb_ins_code 
_pdbx_poly_seq_scheme.hetero 
A 1 1  ORN 1  1  1  ORN ORN A . n 
A 1 2  GLN 2  2  2  GLN GLN A . n 
A 1 3  LYS 3  3  3  LYS LYS A . n 
A 1 4  LEU 4  4  4  LEU LEU A . n 
A 1 5  VAL 5  5  5  VAL VAL A . n 
A 1 6  PHE 6  6  6  PHE PHE A . n 
A 1 7  PHI 7  7  7  PHI PHI A . n 
A 1 8  ALA 8  8  8  ALA ALA A . n 
A 1 9  GLU 9  9  9  GLU GLU A . n 
A 1 10 ASP 10 10 10 ASP ASP A . n 
A 1 11 ORN 11 11 11 ORN ORN A . n 
A 1 12 GLN 12 12 12 GLN GLN A . n 
A 1 13 LYS 13 13 13 LYS LYS A . n 
A 1 14 LEU 14 14 14 LEU LEU A . n 
A 1 15 VAL 15 15 15 VAL VAL A . n 
A 1 16 HAO 16 16 16 HAO HAO A . n 
A 1 17 GLU 17 17 17 GLU GLU A . n 
A 1 18 ASP 18 18 18 ASP ASP A . n 
B 1 1  ORN 1  1  1  ORN ORN B . n 
B 1 2  GLN 2  2  2  GLN GLN B . n 
B 1 3  LYS 3  3  3  LYS LYS B . n 
B 1 4  LEU 4  4  4  LEU LEU B . n 
B 1 5  VAL 5  5  5  VAL VAL B . n 
B 1 6  PHE 6  6  6  PHE PHE B . n 
B 1 7  PHI 7  7  7  PHI PHI B . n 
B 1 8  ALA 8  8  8  ALA ALA B . n 
B 1 9  GLU 9  9  9  GLU GLU B . n 
B 1 10 ASP 10 10 10 ASP ASP B . n 
B 1 11 ORN 11 11 11 ORN ORN B . n 
B 1 12 GLN 12 12 12 GLN GLN B . n 
B 1 13 LYS 13 13 13 LYS LYS B . n 
B 1 14 LEU 14 14 14 LEU LEU B . n 
B 1 15 VAL 15 15 15 VAL VAL B . n 
B 1 16 HAO 16 16 16 HAO HAO B . n 
B 1 17 GLU 17 17 17 GLU GLU B . n 
B 1 18 ASP 18 18 18 ASP ASP B . n 
# 
loop_
_pdbx_nonpoly_scheme.asym_id 
_pdbx_nonpoly_scheme.entity_id 
_pdbx_nonpoly_scheme.mon_id 
_pdbx_nonpoly_scheme.ndb_seq_num 
_pdbx_nonpoly_scheme.pdb_seq_num 
_pdbx_nonpoly_scheme.auth_seq_num 
_pdbx_nonpoly_scheme.pdb_mon_id 
_pdbx_nonpoly_scheme.auth_mon_id 
_pdbx_nonpoly_scheme.pdb_strand_id 
_pdbx_nonpoly_scheme.pdb_ins_code 
C 2 MPD 1  101 1  MPD MPD A . 
D 2 MPD 1  101 2  MPD MPD B . 
E 3 HOH 1  201 1  HOH HOH A . 
E 3 HOH 2  202 4  HOH HOH A . 
E 3 HOH 3  203 8  HOH HOH A . 
E 3 HOH 4  204 9  HOH HOH A . 
E 3 HOH 5  205 10 HOH HOH A . 
E 3 HOH 6  206 11 HOH HOH A . 
E 3 HOH 7  207 13 HOH HOH A . 
E 3 HOH 8  208 14 HOH HOH A . 
E 3 HOH 9  209 15 HOH HOH A . 
E 3 HOH 10 210 17 HOH HOH A . 
E 3 HOH 11 211 20 HOH HOH A . 
E 3 HOH 12 212 21 HOH HOH A . 
E 3 HOH 13 213 22 HOH HOH A . 
E 3 HOH 14 214 23 HOH HOH A . 
E 3 HOH 15 215 25 HOH HOH A . 
E 3 HOH 16 216 27 HOH HOH A . 
E 3 HOH 17 217 28 HOH HOH A . 
E 3 HOH 18 218 30 HOH HOH A . 
E 3 HOH 19 219 31 HOH HOH A . 
E 3 HOH 20 220 32 HOH HOH A . 
E 3 HOH 21 221 34 HOH HOH A . 
E 3 HOH 22 222 37 HOH HOH A . 
E 3 HOH 23 223 41 HOH HOH A . 
E 3 HOH 24 224 42 HOH HOH A . 
E 3 HOH 25 225 26 HOH HOH A . 
E 3 HOH 26 226 29 HOH HOH A . 
F 3 HOH 1  201 2  HOH HOH B . 
F 3 HOH 2  202 3  HOH HOH B . 
F 3 HOH 3  203 5  HOH HOH B . 
F 3 HOH 4  204 6  HOH HOH B . 
F 3 HOH 5  205 7  HOH HOH B . 
F 3 HOH 6  206 12 HOH HOH B . 
F 3 HOH 7  207 16 HOH HOH B . 
F 3 HOH 8  208 18 HOH HOH B . 
F 3 HOH 9  209 19 HOH HOH B . 
F 3 HOH 10 210 24 HOH HOH B . 
F 3 HOH 11 211 33 HOH HOH B . 
F 3 HOH 12 212 35 HOH HOH B . 
F 3 HOH 13 213 36 HOH HOH B . 
F 3 HOH 14 214 38 HOH HOH B . 
F 3 HOH 15 215 40 HOH HOH B . 
F 3 HOH 16 216 44 HOH HOH B . 
F 3 HOH 17 217 45 HOH HOH B . 
# 
loop_
_pdbx_struct_mod_residue.id 
_pdbx_struct_mod_residue.label_asym_id 
_pdbx_struct_mod_residue.label_comp_id 
_pdbx_struct_mod_residue.label_seq_id 
_pdbx_struct_mod_residue.auth_asym_id 
_pdbx_struct_mod_residue.auth_comp_id 
_pdbx_struct_mod_residue.auth_seq_id 
_pdbx_struct_mod_residue.PDB_ins_code 
_pdbx_struct_mod_residue.parent_comp_id 
_pdbx_struct_mod_residue.details 
1 A ORN 1  A ORN 1  ? ALA L-ORNITHINE        
2 A PHI 7  A PHI 7  ? PHE IODO-PHENYLALANINE 
3 A ORN 11 A ORN 11 ? ALA L-ORNITHINE        
4 B ORN 1  B ORN 1  ? ALA L-ORNITHINE        
5 B PHI 7  B PHI 7  ? PHE IODO-PHENYLALANINE 
6 B ORN 11 B ORN 11 ? ALA L-ORNITHINE        
# 
loop_
_pdbx_struct_assembly.id 
_pdbx_struct_assembly.details 
_pdbx_struct_assembly.method_details 
_pdbx_struct_assembly.oligomeric_details 
_pdbx_struct_assembly.oligomeric_count 
1 author_defined_assembly   ?    monomeric 1 
2 author_defined_assembly   ?    monomeric 1 
3 software_defined_assembly PISA dimeric   2 
4 software_defined_assembly PISA dimeric   2 
5 software_defined_assembly PISA dimeric   2 
# 
loop_
_pdbx_struct_assembly_gen.assembly_id 
_pdbx_struct_assembly_gen.oper_expression 
_pdbx_struct_assembly_gen.asym_id_list 
1 1   A,C,E       
2 1   B,D,F       
3 1,2 B,D,F       
4 1,3 A,C,E       
5 1   A,B,C,D,E,F 
# 
loop_
_pdbx_struct_assembly_prop.biol_id 
_pdbx_struct_assembly_prop.type 
_pdbx_struct_assembly_prop.value 
_pdbx_struct_assembly_prop.details 
3 'ABSA (A^2)' 1030 ? 
3 MORE         -23  ? 
3 'SSA (A^2)'  3910 ? 
4 'ABSA (A^2)' 940  ? 
4 MORE         -23  ? 
4 'SSA (A^2)'  4150 ? 
5 'ABSA (A^2)' 1120 ? 
5 MORE         -11  ? 
5 'SSA (A^2)'  3890 ? 
# 
loop_
_pdbx_struct_oper_list.id 
_pdbx_struct_oper_list.type 
_pdbx_struct_oper_list.name 
_pdbx_struct_oper_list.symmetry_operation 
_pdbx_struct_oper_list.matrix[1][1] 
_pdbx_struct_oper_list.matrix[1][2] 
_pdbx_struct_oper_list.matrix[1][3] 
_pdbx_struct_oper_list.vector[1] 
_pdbx_struct_oper_list.matrix[2][1] 
_pdbx_struct_oper_list.matrix[2][2] 
_pdbx_struct_oper_list.matrix[2][3] 
_pdbx_struct_oper_list.vector[2] 
_pdbx_struct_oper_list.matrix[3][1] 
_pdbx_struct_oper_list.matrix[3][2] 
_pdbx_struct_oper_list.matrix[3][3] 
_pdbx_struct_oper_list.vector[3] 
1 'identity operation'         1_555 x,y,z       1.0000000000  0.0000000000  0.0000000000  0.0000000000   0.0000000000  1.0000000000  0.0000000000 0.0000000000  0.0000000000  0.0000000000 1.0000000000 0.0000000000  
2 'crystal symmetry operation' 2_656 -x+1,y,-z+1 -0.9251556332 -0.2134506483 -0.3138883162 -15.0034717129 -0.2134506483 -0.3912543959 0.8951864713 0.4120233005  -0.3138883162 0.8951864713 0.3164100291 -3.8576522861 
3 'crystal symmetry operation' 2_655 -x+1,y,-z   -0.9251556332 -0.2134506483 -0.3138883162 0.0694650925   -0.2134506483 -0.3912543959 0.8951864713 12.7750325395 -0.3138883162 0.8951864713 0.3164100291 -8.6707270280  
# 
loop_
_pdbx_struct_special_symmetry.id 
_pdbx_struct_special_symmetry.PDB_model_num 
_pdbx_struct_special_symmetry.auth_asym_id 
_pdbx_struct_special_symmetry.auth_comp_id 
_pdbx_struct_special_symmetry.auth_seq_id 
_pdbx_struct_special_symmetry.PDB_ins_code 
_pdbx_struct_special_symmetry.label_asym_id 
_pdbx_struct_special_symmetry.label_comp_id 
_pdbx_struct_special_symmetry.label_seq_id 
1 1 A HOH 207 ? E HOH . 
2 1 A HOH 224 ? E HOH . 
3 1 B HOH 206 ? F HOH . 
4 1 B HOH 216 ? F HOH . 
# 
loop_
_pdbx_audit_revision_history.ordinal 
_pdbx_audit_revision_history.data_content_type 
_pdbx_audit_revision_history.major_revision 
_pdbx_audit_revision_history.minor_revision 
_pdbx_audit_revision_history.revision_date 
1 'Structure model' 1 0 2014-08-13 
2 'Structure model' 1 1 2014-09-24 
3 'Structure model' 2 0 2023-11-15 
# 
_pdbx_audit_revision_details.ordinal             1 
_pdbx_audit_revision_details.revision_ordinal    1 
_pdbx_audit_revision_details.data_content_type   'Structure model' 
_pdbx_audit_revision_details.provider            repository 
_pdbx_audit_revision_details.type                'Initial release' 
_pdbx_audit_revision_details.description         ? 
_pdbx_audit_revision_details.details             ? 
# 
loop_
_pdbx_audit_revision_group.ordinal 
_pdbx_audit_revision_group.revision_ordinal 
_pdbx_audit_revision_group.data_content_type 
_pdbx_audit_revision_group.group 
1 2 'Structure model' 'Database references'  
2 3 'Structure model' Advisory               
3 3 'Structure model' 'Atomic model'         
4 3 'Structure model' 'Data collection'      
5 3 'Structure model' 'Database references'  
6 3 'Structure model' 'Derived calculations' 
# 
loop_
_pdbx_audit_revision_category.ordinal 
_pdbx_audit_revision_category.revision_ordinal 
_pdbx_audit_revision_category.data_content_type 
_pdbx_audit_revision_category.category 
1 3 'Structure model' atom_site                     
2 3 'Structure model' atom_site_anisotrop           
3 3 'Structure model' chem_comp_atom                
4 3 'Structure model' chem_comp_bond                
5 3 'Structure model' database_2                    
6 3 'Structure model' pdbx_validate_polymer_linkage 
7 3 'Structure model' pdbx_validate_rmsd_angle      
8 3 'Structure model' struct_conn                   
9 3 'Structure model' struct_site                   
# 
loop_
_pdbx_audit_revision_item.ordinal 
_pdbx_audit_revision_item.revision_ordinal 
_pdbx_audit_revision_item.data_content_type 
_pdbx_audit_revision_item.item 
1  3 'Structure model' '_atom_site.B_iso_or_equiv'               
2  3 'Structure model' '_atom_site.Cartn_x'                      
3  3 'Structure model' '_atom_site.Cartn_y'                      
4  3 'Structure model' '_atom_site.Cartn_z'                      
5  3 'Structure model' '_atom_site.auth_atom_id'                 
6  3 'Structure model' '_atom_site.label_atom_id'                
7  3 'Structure model' '_atom_site.type_symbol'                  
8  3 'Structure model' '_atom_site_anisotrop.id'                 
9  3 'Structure model' '_atom_site_anisotrop.pdbx_auth_atom_id'  
10 3 'Structure model' '_atom_site_anisotrop.pdbx_label_atom_id' 
11 3 'Structure model' '_database_2.pdbx_DOI'                    
12 3 'Structure model' '_database_2.pdbx_database_accession'     
13 3 'Structure model' '_struct_conn.pdbx_dist_value'            
14 3 'Structure model' '_struct_conn.pdbx_leaving_atom_flag'     
15 3 'Structure model' '_struct_conn.ptnr1_auth_asym_id'         
16 3 'Structure model' '_struct_conn.ptnr1_auth_comp_id'         
17 3 'Structure model' '_struct_conn.ptnr1_auth_seq_id'          
18 3 'Structure model' '_struct_conn.ptnr1_label_asym_id'        
19 3 'Structure model' '_struct_conn.ptnr1_label_atom_id'        
20 3 'Structure model' '_struct_conn.ptnr1_label_comp_id'        
21 3 'Structure model' '_struct_conn.ptnr1_label_seq_id'         
22 3 'Structure model' '_struct_conn.ptnr2_auth_asym_id'         
23 3 'Structure model' '_struct_conn.ptnr2_auth_comp_id'         
24 3 'Structure model' '_struct_conn.ptnr2_auth_seq_id'          
25 3 'Structure model' '_struct_conn.ptnr2_label_asym_id'        
26 3 'Structure model' '_struct_conn.ptnr2_label_atom_id'        
27 3 'Structure model' '_struct_conn.ptnr2_label_comp_id'        
28 3 'Structure model' '_struct_conn.ptnr2_label_seq_id'         
29 3 'Structure model' '_struct_site.pdbx_auth_asym_id'          
30 3 'Structure model' '_struct_site.pdbx_auth_comp_id'          
31 3 'Structure model' '_struct_site.pdbx_auth_seq_id'           
# 
loop_
_pdbx_refine_tls.pdbx_refine_id 
_pdbx_refine_tls.id 
_pdbx_refine_tls.details 
_pdbx_refine_tls.method 
_pdbx_refine_tls.origin_x 
_pdbx_refine_tls.origin_y 
_pdbx_refine_tls.origin_z 
_pdbx_refine_tls.T[1][1] 
_pdbx_refine_tls.T[2][2] 
_pdbx_refine_tls.T[3][3] 
_pdbx_refine_tls.T[1][2] 
_pdbx_refine_tls.T[1][3] 
_pdbx_refine_tls.T[2][3] 
_pdbx_refine_tls.L[1][1] 
_pdbx_refine_tls.L[2][2] 
_pdbx_refine_tls.L[3][3] 
_pdbx_refine_tls.L[1][2] 
_pdbx_refine_tls.L[1][3] 
_pdbx_refine_tls.L[2][3] 
_pdbx_refine_tls.S[1][1] 
_pdbx_refine_tls.S[1][2] 
_pdbx_refine_tls.S[1][3] 
_pdbx_refine_tls.S[2][1] 
_pdbx_refine_tls.S[2][2] 
_pdbx_refine_tls.S[2][3] 
_pdbx_refine_tls.S[3][1] 
_pdbx_refine_tls.S[3][2] 
_pdbx_refine_tls.S[3][3] 
'X-RAY DIFFRACTION' 1 ? refined 6.5219  -0.4098 -6.6008 0.0740 0.0774 0.2196 0.0353  0.0254  0.0008 0.3493 0.7568 0.7129 -0.4544 0.0357  0.0915  -0.0059 -0.0229 0.0102  0.0295  0.0160  -0.0231 0.1797  0.1850  -0.0338 
'X-RAY DIFFRACTION' 2 ? refined 1.2013  6.1414  4.9678  0.0648 0.1874 0.1197 -0.0262 -0.0360 0.0114 0.7965 0.4949 3.0070 -0.2944 -1.5448 0.5081  0.0840  0.0814  -0.1327 0.0653  -0.0735 -0.0994 -0.0538 -0.0823 -0.0252 
'X-RAY DIFFRACTION' 3 ? refined -5.6533 -0.5594 7.6419  0.0565 0.1593 0.0815 -0.0047 -0.0399 0.0388 0.0667 0.0157 0.2678 0.0253  0.1322  0.0451  0.0823  -0.0365 -0.1169 0.0044  -0.0149 0.0180  0.0975  0.0239  -0.0789 
'X-RAY DIFFRACTION' 4 ? refined -1.4879 -5.9473 -5.1101 0.0904 0.0537 0.2000 -0.0008 0.0446  0.0148 1.6195 0.2231 0.7766 0.0931  -0.3471 -0.2126 0.0896  -0.0713 -0.1806 -0.0399 -0.0518 -0.0754 0.0613  0.0740  -0.0388 
# 
loop_
_pdbx_refine_tls_group.pdbx_refine_id 
_pdbx_refine_tls_group.id 
_pdbx_refine_tls_group.refine_tls_id 
_pdbx_refine_tls_group.beg_auth_asym_id 
_pdbx_refine_tls_group.beg_auth_seq_id 
_pdbx_refine_tls_group.beg_label_asym_id 
_pdbx_refine_tls_group.beg_label_seq_id 
_pdbx_refine_tls_group.end_auth_asym_id 
_pdbx_refine_tls_group.end_auth_seq_id 
_pdbx_refine_tls_group.end_label_asym_id 
_pdbx_refine_tls_group.end_label_seq_id 
_pdbx_refine_tls_group.selection 
_pdbx_refine_tls_group.selection_details 
'X-RAY DIFFRACTION' 1 1 ? ? ? ? ? ? ? ? ? 
;chain 'A' and (resid 1 through 7 )
;
'X-RAY DIFFRACTION' 2 2 ? ? ? ? ? ? ? ? ? 
;chain 'A' and (resid 9 through 18 )
;
'X-RAY DIFFRACTION' 3 3 ? ? ? ? ? ? ? ? ? 
;chain 'B' and (resid 1 through 7 )
;
'X-RAY DIFFRACTION' 4 4 ? ? ? ? ? ? ? ? ? 
;chain 'B' and (resid 9 through 18 )
;
# 
loop_
_software.pdbx_ordinal 
_software.name 
_software.version 
_software.date 
_software.type 
_software.contact_author 
_software.contact_author_email 
_software.classification 
_software.location 
_software.language 
_software.citation_id 
1 MOSFLM  .        ?           package 'Andrew G.W. Leslie'    andrew@mrc-lmb.cam.ac.uk 'data reduction' 
http://www.mrc-lmb.cam.ac.uk/harry/mosflm/ ?          ? 
2 SCALA   .        ?           other   'Phil R. Evans'         pre@mrc-lmb.cam.ac.uk    'data scaling'   
http://www.ccp4.ac.uk/dist/html/scala.html Fortran_77 ? 
3 SOLVE   2.15     20-Mar-2010 program 'Tom Terwilliger'       terwilliger@LANL.gov     phasing          
http://www.solve.lanl.gov/                 ?          ? 
4 RESOLVE 2.15     20-Mar-2010 program 'Thomas C. Terwilliger' terwilliger@lanl.gov     phasing          
http://www.solve.lanl.gov/                 ?          ? 
5 PHENIX  1.9_1692 ?           package 'Paul D. Adams'         PDAdams@lbl.gov          refinement       
http://www.phenix-online.org/              C++        ? 
# 
loop_
_pdbx_validate_close_contact.id 
_pdbx_validate_close_contact.PDB_model_num 
_pdbx_validate_close_contact.auth_atom_id_1 
_pdbx_validate_close_contact.auth_asym_id_1 
_pdbx_validate_close_contact.auth_comp_id_1 
_pdbx_validate_close_contact.auth_seq_id_1 
_pdbx_validate_close_contact.PDB_ins_code_1 
_pdbx_validate_close_contact.label_alt_id_1 
_pdbx_validate_close_contact.auth_atom_id_2 
_pdbx_validate_close_contact.auth_asym_id_2 
_pdbx_validate_close_contact.auth_comp_id_2 
_pdbx_validate_close_contact.auth_seq_id_2 
_pdbx_validate_close_contact.PDB_ins_code_2 
_pdbx_validate_close_contact.label_alt_id_2 
_pdbx_validate_close_contact.dist 
1 1 O A HOH 222 ? ? O A HOH 223 ? ? 2.15 
2 1 O A HOH 220 ? ? O A HOH 221 ? ? 2.19 
# 
_pdbx_validate_symm_contact.id                1 
_pdbx_validate_symm_contact.PDB_model_num     1 
_pdbx_validate_symm_contact.auth_atom_id_1    HZ1 
_pdbx_validate_symm_contact.auth_asym_id_1    A 
_pdbx_validate_symm_contact.auth_comp_id_1    LYS 
_pdbx_validate_symm_contact.auth_seq_id_1     13 
_pdbx_validate_symm_contact.PDB_ins_code_1    ? 
_pdbx_validate_symm_contact.label_alt_id_1    ? 
_pdbx_validate_symm_contact.site_symmetry_1   1_555 
_pdbx_validate_symm_contact.auth_atom_id_2    O 
_pdbx_validate_symm_contact.auth_asym_id_2    B 
_pdbx_validate_symm_contact.auth_comp_id_2    HOH 
_pdbx_validate_symm_contact.auth_seq_id_2     205 
_pdbx_validate_symm_contact.PDB_ins_code_2    ? 
_pdbx_validate_symm_contact.label_alt_id_2    ? 
_pdbx_validate_symm_contact.site_symmetry_2   2_656 
_pdbx_validate_symm_contact.dist              1.59 
# 
loop_
_pdbx_validate_rmsd_angle.id 
_pdbx_validate_rmsd_angle.PDB_model_num 
_pdbx_validate_rmsd_angle.auth_atom_id_1 
_pdbx_validate_rmsd_angle.auth_asym_id_1 
_pdbx_validate_rmsd_angle.auth_comp_id_1 
_pdbx_validate_rmsd_angle.auth_seq_id_1 
_pdbx_validate_rmsd_angle.PDB_ins_code_1 
_pdbx_validate_rmsd_angle.label_alt_id_1 
_pdbx_validate_rmsd_angle.auth_atom_id_2 
_pdbx_validate_rmsd_angle.auth_asym_id_2 
_pdbx_validate_rmsd_angle.auth_comp_id_2 
_pdbx_validate_rmsd_angle.auth_seq_id_2 
_pdbx_validate_rmsd_angle.PDB_ins_code_2 
_pdbx_validate_rmsd_angle.label_alt_id_2 
_pdbx_validate_rmsd_angle.auth_atom_id_3 
_pdbx_validate_rmsd_angle.auth_asym_id_3 
_pdbx_validate_rmsd_angle.auth_comp_id_3 
_pdbx_validate_rmsd_angle.auth_seq_id_3 
_pdbx_validate_rmsd_angle.PDB_ins_code_3 
_pdbx_validate_rmsd_angle.label_alt_id_3 
_pdbx_validate_rmsd_angle.angle_value 
_pdbx_validate_rmsd_angle.angle_target_value 
_pdbx_validate_rmsd_angle.angle_deviation 
_pdbx_validate_rmsd_angle.angle_standard_deviation 
_pdbx_validate_rmsd_angle.linker_flag 
1 1 CA A HAO 16 ? ? C A HAO 16 ? ? N  A GLU 17 ? ? 142.72 117.20 25.52 2.20 Y 
2 1 C  B VAL 15 ? ? N B HAO 16 ? ? CA B HAO 16 ? ? 136.87 121.70 15.17 2.50 Y 
3 1 CA B HAO 16 ? ? C B HAO 16 ? ? N  B GLU 17 ? ? 140.39 117.20 23.19 2.20 Y 
4 1 C  B GLU 17 ? ? N B ASP 18 ? ? CA B ASP 18 ? ? 145.43 121.70 23.73 2.50 Y 
# 
loop_
_chem_comp_atom.comp_id 
_chem_comp_atom.atom_id 
_chem_comp_atom.type_symbol 
_chem_comp_atom.pdbx_aromatic_flag 
_chem_comp_atom.pdbx_stereo_config 
_chem_comp_atom.pdbx_ordinal 
ALA N    N N N 1   
ALA CA   C N S 2   
ALA C    C N N 3   
ALA O    O N N 4   
ALA CB   C N N 5   
ALA OXT  O N N 6   
ALA H    H N N 7   
ALA H2   H N N 8   
ALA HA   H N N 9   
ALA HB1  H N N 10  
ALA HB2  H N N 11  
ALA HB3  H N N 12  
ALA HXT  H N N 13  
ASP N    N N N 14  
ASP CA   C N S 15  
ASP C    C N N 16  
ASP O    O N N 17  
ASP CB   C N N 18  
ASP CG   C N N 19  
ASP OD1  O N N 20  
ASP OD2  O N N 21  
ASP OXT  O N N 22  
ASP H    H N N 23  
ASP H2   H N N 24  
ASP HA   H N N 25  
ASP HB2  H N N 26  
ASP HB3  H N N 27  
ASP HD2  H N N 28  
ASP HXT  H N N 29  
GLN N    N N N 30  
GLN CA   C N S 31  
GLN C    C N N 32  
GLN O    O N N 33  
GLN CB   C N N 34  
GLN CG   C N N 35  
GLN CD   C N N 36  
GLN OE1  O N N 37  
GLN NE2  N N N 38  
GLN OXT  O N N 39  
GLN H    H N N 40  
GLN H2   H N N 41  
GLN HA   H N N 42  
GLN HB2  H N N 43  
GLN HB3  H N N 44  
GLN HG2  H N N 45  
GLN HG3  H N N 46  
GLN HE21 H N N 47  
GLN HE22 H N N 48  
GLN HXT  H N N 49  
GLU N    N N N 50  
GLU CA   C N S 51  
GLU C    C N N 52  
GLU O    O N N 53  
GLU CB   C N N 54  
GLU CG   C N N 55  
GLU CD   C N N 56  
GLU OE1  O N N 57  
GLU OE2  O N N 58  
GLU OXT  O N N 59  
GLU H    H N N 60  
GLU H2   H N N 61  
GLU HA   H N N 62  
GLU HB2  H N N 63  
GLU HB3  H N N 64  
GLU HG2  H N N 65  
GLU HG3  H N N 66  
GLU HE2  H N N 67  
GLU HXT  H N N 68  
HAO N    N N N 69  
HAO N9   N N N 70  
HAO C10  C N N 71  
HAO O11  O N N 72  
HAO CA   C Y N 73  
HAO C13  C Y N 74  
HAO C14  C Y N 75  
HAO C15  C N N 76  
HAO O15  O N N 77  
HAO C17  C Y N 78  
HAO C18  C Y N 79  
HAO C19  C Y N 80  
HAO N20  N N N 81  
HAO C21  C N N 82  
HAO O22  O N N 83  
HAO C    C N N 84  
HAO O    O N N 85  
HAO H    H N N 86  
HAO H13  H N N 87  
HAO H15  H N N 88  
HAO H15A H N N 89  
HAO H15B H N N 90  
HAO H17  H N N 91  
HAO H18  H N N 92  
HAO HN20 H N N 93  
HAO OXT  O N N 94  
HAO H2   H N N 95  
HAO H10  H N N 96  
HAO HXT  H N N 97  
HOH O    O N N 98  
HOH H1   H N N 99  
HOH H2   H N N 100 
LEU N    N N N 101 
LEU CA   C N S 102 
LEU C    C N N 103 
LEU O    O N N 104 
LEU CB   C N N 105 
LEU CG   C N N 106 
LEU CD1  C N N 107 
LEU CD2  C N N 108 
LEU OXT  O N N 109 
LEU H    H N N 110 
LEU H2   H N N 111 
LEU HA   H N N 112 
LEU HB2  H N N 113 
LEU HB3  H N N 114 
LEU HG   H N N 115 
LEU HD11 H N N 116 
LEU HD12 H N N 117 
LEU HD13 H N N 118 
LEU HD21 H N N 119 
LEU HD22 H N N 120 
LEU HD23 H N N 121 
LEU HXT  H N N 122 
LYS N    N N N 123 
LYS CA   C N S 124 
LYS C    C N N 125 
LYS O    O N N 126 
LYS CB   C N N 127 
LYS CG   C N N 128 
LYS CD   C N N 129 
LYS CE   C N N 130 
LYS NZ   N N N 131 
LYS OXT  O N N 132 
LYS H    H N N 133 
LYS H2   H N N 134 
LYS HA   H N N 135 
LYS HB2  H N N 136 
LYS HB3  H N N 137 
LYS HG2  H N N 138 
LYS HG3  H N N 139 
LYS HD2  H N N 140 
LYS HD3  H N N 141 
LYS HE2  H N N 142 
LYS HE3  H N N 143 
LYS HZ1  H N N 144 
LYS HZ2  H N N 145 
LYS HZ3  H N N 146 
LYS HXT  H N N 147 
MPD C1   C N N 148 
MPD C2   C N N 149 
MPD O2   O N N 150 
MPD CM   C N N 151 
MPD C3   C N N 152 
MPD C4   C N S 153 
MPD O4   O N N 154 
MPD C5   C N N 155 
MPD H11  H N N 156 
MPD H12  H N N 157 
MPD H13  H N N 158 
MPD HO2  H N N 159 
MPD HM1  H N N 160 
MPD HM2  H N N 161 
MPD HM3  H N N 162 
MPD H31  H N N 163 
MPD H32  H N N 164 
MPD H4   H N N 165 
MPD HO4  H N N 166 
MPD H51  H N N 167 
MPD H52  H N N 168 
MPD H53  H N N 169 
ORN N    N N N 170 
ORN CA   C N S 171 
ORN CB   C N N 172 
ORN CG   C N N 173 
ORN CD   C N N 174 
ORN NE   N N N 175 
ORN C    C N N 176 
ORN O    O N N 177 
ORN OXT  O N N 178 
ORN H    H N N 179 
ORN H2   H N N 180 
ORN HA   H N N 181 
ORN HB2  H N N 182 
ORN HB3  H N N 183 
ORN HG2  H N N 184 
ORN HG3  H N N 185 
ORN HD2  H N N 186 
ORN HD3  H N N 187 
ORN HE1  H N N 188 
ORN HE2  H N N 189 
ORN HXT  H N N 190 
PHE N    N N N 191 
PHE CA   C N S 192 
PHE C    C N N 193 
PHE O    O N N 194 
PHE CB   C N N 195 
PHE CG   C Y N 196 
PHE CD1  C Y N 197 
PHE CD2  C Y N 198 
PHE CE1  C Y N 199 
PHE CE2  C Y N 200 
PHE CZ   C Y N 201 
PHE OXT  O N N 202 
PHE H    H N N 203 
PHE H2   H N N 204 
PHE HA   H N N 205 
PHE HB2  H N N 206 
PHE HB3  H N N 207 
PHE HD1  H N N 208 
PHE HD2  H N N 209 
PHE HE1  H N N 210 
PHE HE2  H N N 211 
PHE HZ   H N N 212 
PHE HXT  H N N 213 
PHI N    N N N 214 
PHI CA   C N S 215 
PHI CB   C N N 216 
PHI CG   C Y N 217 
PHI CD1  C Y N 218 
PHI CD2  C Y N 219 
PHI CE1  C Y N 220 
PHI CE2  C Y N 221 
PHI CZ   C Y N 222 
PHI I    I N N 223 
PHI C    C N N 224 
PHI O    O N N 225 
PHI OXT  O N N 226 
PHI H    H N N 227 
PHI H2   H N N 228 
PHI HA   H N N 229 
PHI HB2  H N N 230 
PHI HB3  H N N 231 
PHI HD1  H N N 232 
PHI HD2  H N N 233 
PHI HE1  H N N 234 
PHI HE2  H N N 235 
PHI HXT  H N N 236 
VAL N    N N N 237 
VAL CA   C N S 238 
VAL C    C N N 239 
VAL O    O N N 240 
VAL CB   C N N 241 
VAL CG1  C N N 242 
VAL CG2  C N N 243 
VAL OXT  O N N 244 
VAL H    H N N 245 
VAL H2   H N N 246 
VAL HA   H N N 247 
VAL HB   H N N 248 
VAL HG11 H N N 249 
VAL HG12 H N N 250 
VAL HG13 H N N 251 
VAL HG21 H N N 252 
VAL HG22 H N N 253 
VAL HG23 H N N 254 
VAL HXT  H N N 255 
# 
loop_
_chem_comp_bond.comp_id 
_chem_comp_bond.atom_id_1 
_chem_comp_bond.atom_id_2 
_chem_comp_bond.value_order 
_chem_comp_bond.pdbx_aromatic_flag 
_chem_comp_bond.pdbx_stereo_config 
_chem_comp_bond.pdbx_ordinal 
ALA N   CA   sing N N 1   
ALA N   H    sing N N 2   
ALA N   H2   sing N N 3   
ALA CA  C    sing N N 4   
ALA CA  CB   sing N N 5   
ALA CA  HA   sing N N 6   
ALA C   O    doub N N 7   
ALA C   OXT  sing N N 8   
ALA CB  HB1  sing N N 9   
ALA CB  HB2  sing N N 10  
ALA CB  HB3  sing N N 11  
ALA OXT HXT  sing N N 12  
ASP N   CA   sing N N 13  
ASP N   H    sing N N 14  
ASP N   H2   sing N N 15  
ASP CA  C    sing N N 16  
ASP CA  CB   sing N N 17  
ASP CA  HA   sing N N 18  
ASP C   O    doub N N 19  
ASP C   OXT  sing N N 20  
ASP CB  CG   sing N N 21  
ASP CB  HB2  sing N N 22  
ASP CB  HB3  sing N N 23  
ASP CG  OD1  doub N N 24  
ASP CG  OD2  sing N N 25  
ASP OD2 HD2  sing N N 26  
ASP OXT HXT  sing N N 27  
GLN N   CA   sing N N 28  
GLN N   H    sing N N 29  
GLN N   H2   sing N N 30  
GLN CA  C    sing N N 31  
GLN CA  CB   sing N N 32  
GLN CA  HA   sing N N 33  
GLN C   O    doub N N 34  
GLN C   OXT  sing N N 35  
GLN CB  CG   sing N N 36  
GLN CB  HB2  sing N N 37  
GLN CB  HB3  sing N N 38  
GLN CG  CD   sing N N 39  
GLN CG  HG2  sing N N 40  
GLN CG  HG3  sing N N 41  
GLN CD  OE1  doub N N 42  
GLN CD  NE2  sing N N 43  
GLN NE2 HE21 sing N N 44  
GLN NE2 HE22 sing N N 45  
GLN OXT HXT  sing N N 46  
GLU N   CA   sing N N 47  
GLU N   H    sing N N 48  
GLU N   H2   sing N N 49  
GLU CA  C    sing N N 50  
GLU CA  CB   sing N N 51  
GLU CA  HA   sing N N 52  
GLU C   O    doub N N 53  
GLU C   OXT  sing N N 54  
GLU CB  CG   sing N N 55  
GLU CB  HB2  sing N N 56  
GLU CB  HB3  sing N N 57  
GLU CG  CD   sing N N 58  
GLU CG  HG2  sing N N 59  
GLU CG  HG3  sing N N 60  
GLU CD  OE1  doub N N 61  
GLU CD  OE2  sing N N 62  
GLU OE2 HE2  sing N N 63  
GLU OXT HXT  sing N N 64  
HAO N   N9   sing N N 65  
HAO N   H    sing N N 66  
HAO C10 N9   sing N N 67  
HAO C10 CA   sing N N 68  
HAO O11 C10  doub N N 69  
HAO CA  C14  sing Y N 70  
HAO C13 CA   doub Y N 71  
HAO C13 C19  sing Y N 72  
HAO C13 H13  sing N N 73  
HAO C14 C17  doub Y N 74  
HAO C14 O15  sing N N 75  
HAO C15 H15  sing N N 76  
HAO C15 H15A sing N N 77  
HAO C15 H15B sing N N 78  
HAO O15 C15  sing N N 79  
HAO C17 H17  sing N N 80  
HAO C18 C17  sing Y N 81  
HAO C18 H18  sing N N 82  
HAO C19 C18  doub Y N 83  
HAO N20 C19  sing N N 84  
HAO N20 HN20 sing N N 85  
HAO C21 N20  sing N N 86  
HAO C21 O22  doub N N 87  
HAO C   C21  sing N N 88  
HAO C   OXT  sing N N 89  
HAO O   C    doub N N 90  
HAO N   H2   sing N N 91  
HAO N9  H10  sing N N 92  
HAO OXT HXT  sing N N 93  
HOH O   H1   sing N N 94  
HOH O   H2   sing N N 95  
LEU N   CA   sing N N 96  
LEU N   H    sing N N 97  
LEU N   H2   sing N N 98  
LEU CA  C    sing N N 99  
LEU CA  CB   sing N N 100 
LEU CA  HA   sing N N 101 
LEU C   O    doub N N 102 
LEU C   OXT  sing N N 103 
LEU CB  CG   sing N N 104 
LEU CB  HB2  sing N N 105 
LEU CB  HB3  sing N N 106 
LEU CG  CD1  sing N N 107 
LEU CG  CD2  sing N N 108 
LEU CG  HG   sing N N 109 
LEU CD1 HD11 sing N N 110 
LEU CD1 HD12 sing N N 111 
LEU CD1 HD13 sing N N 112 
LEU CD2 HD21 sing N N 113 
LEU CD2 HD22 sing N N 114 
LEU CD2 HD23 sing N N 115 
LEU OXT HXT  sing N N 116 
LYS N   CA   sing N N 117 
LYS N   H    sing N N 118 
LYS N   H2   sing N N 119 
LYS CA  C    sing N N 120 
LYS CA  CB   sing N N 121 
LYS CA  HA   sing N N 122 
LYS C   O    doub N N 123 
LYS C   OXT  sing N N 124 
LYS CB  CG   sing N N 125 
LYS CB  HB2  sing N N 126 
LYS CB  HB3  sing N N 127 
LYS CG  CD   sing N N 128 
LYS CG  HG2  sing N N 129 
LYS CG  HG3  sing N N 130 
LYS CD  CE   sing N N 131 
LYS CD  HD2  sing N N 132 
LYS CD  HD3  sing N N 133 
LYS CE  NZ   sing N N 134 
LYS CE  HE2  sing N N 135 
LYS CE  HE3  sing N N 136 
LYS NZ  HZ1  sing N N 137 
LYS NZ  HZ2  sing N N 138 
LYS NZ  HZ3  sing N N 139 
LYS OXT HXT  sing N N 140 
MPD C1  C2   sing N N 141 
MPD C1  H11  sing N N 142 
MPD C1  H12  sing N N 143 
MPD C1  H13  sing N N 144 
MPD C2  O2   sing N N 145 
MPD C2  CM   sing N N 146 
MPD C2  C3   sing N N 147 
MPD O2  HO2  sing N N 148 
MPD CM  HM1  sing N N 149 
MPD CM  HM2  sing N N 150 
MPD CM  HM3  sing N N 151 
MPD C3  C4   sing N N 152 
MPD C3  H31  sing N N 153 
MPD C3  H32  sing N N 154 
MPD C4  O4   sing N N 155 
MPD C4  C5   sing N N 156 
MPD C4  H4   sing N N 157 
MPD O4  HO4  sing N N 158 
MPD C5  H51  sing N N 159 
MPD C5  H52  sing N N 160 
MPD C5  H53  sing N N 161 
ORN N   CA   sing N N 162 
ORN N   H    sing N N 163 
ORN N   H2   sing N N 164 
ORN CA  CB   sing N N 165 
ORN CA  C    sing N N 166 
ORN CA  HA   sing N N 167 
ORN CB  CG   sing N N 168 
ORN CB  HB2  sing N N 169 
ORN CB  HB3  sing N N 170 
ORN CG  CD   sing N N 171 
ORN CG  HG2  sing N N 172 
ORN CG  HG3  sing N N 173 
ORN CD  NE   sing N N 174 
ORN CD  HD2  sing N N 175 
ORN CD  HD3  sing N N 176 
ORN NE  HE1  sing N N 177 
ORN NE  HE2  sing N N 178 
ORN C   O    doub N N 179 
ORN C   OXT  sing N N 180 
ORN OXT HXT  sing N N 181 
PHE N   CA   sing N N 182 
PHE N   H    sing N N 183 
PHE N   H2   sing N N 184 
PHE CA  C    sing N N 185 
PHE CA  CB   sing N N 186 
PHE CA  HA   sing N N 187 
PHE C   O    doub N N 188 
PHE C   OXT  sing N N 189 
PHE CB  CG   sing N N 190 
PHE CB  HB2  sing N N 191 
PHE CB  HB3  sing N N 192 
PHE CG  CD1  doub Y N 193 
PHE CG  CD2  sing Y N 194 
PHE CD1 CE1  sing Y N 195 
PHE CD1 HD1  sing N N 196 
PHE CD2 CE2  doub Y N 197 
PHE CD2 HD2  sing N N 198 
PHE CE1 CZ   doub Y N 199 
PHE CE1 HE1  sing N N 200 
PHE CE2 CZ   sing Y N 201 
PHE CE2 HE2  sing N N 202 
PHE CZ  HZ   sing N N 203 
PHE OXT HXT  sing N N 204 
PHI N   CA   sing N N 205 
PHI N   H    sing N N 206 
PHI N   H2   sing N N 207 
PHI CA  CB   sing N N 208 
PHI CA  C    sing N N 209 
PHI CA  HA   sing N N 210 
PHI CB  CG   sing N N 211 
PHI CB  HB2  sing N N 212 
PHI CB  HB3  sing N N 213 
PHI CG  CD1  doub Y N 214 
PHI CG  CD2  sing Y N 215 
PHI CD1 CE1  sing Y N 216 
PHI CD1 HD1  sing N N 217 
PHI CD2 CE2  doub Y N 218 
PHI CD2 HD2  sing N N 219 
PHI CE1 CZ   doub Y N 220 
PHI CE1 HE1  sing N N 221 
PHI CE2 CZ   sing Y N 222 
PHI CE2 HE2  sing N N 223 
PHI CZ  I    sing N N 224 
PHI C   O    doub N N 225 
PHI C   OXT  sing N N 226 
PHI OXT HXT  sing N N 227 
VAL N   CA   sing N N 228 
VAL N   H    sing N N 229 
VAL N   H2   sing N N 230 
VAL CA  C    sing N N 231 
VAL CA  CB   sing N N 232 
VAL CA  HA   sing N N 233 
VAL C   O    doub N N 234 
VAL C   OXT  sing N N 235 
VAL CB  CG1  sing N N 236 
VAL CB  CG2  sing N N 237 
VAL CB  HB   sing N N 238 
VAL CG1 HG11 sing N N 239 
VAL CG1 HG12 sing N N 240 
VAL CG1 HG13 sing N N 241 
VAL CG2 HG21 sing N N 242 
VAL CG2 HG22 sing N N 243 
VAL CG2 HG23 sing N N 244 
VAL OXT HXT  sing N N 245 
# 
loop_
_pdbx_entity_nonpoly.entity_id 
_pdbx_entity_nonpoly.name 
_pdbx_entity_nonpoly.comp_id 
2 '(4S)-2-METHYL-2,4-PENTANEDIOL' MPD 
3 water                           HOH 
# 
